data_4GRF
# 
_entry.id   4GRF 
# 
_audit_conform.dict_name       mmcif_pdbx.dic 
_audit_conform.dict_version    5.379 
_audit_conform.dict_location   http://mmcif.pdb.org/dictionaries/ascii/mmcif_pdbx.dic 
# 
loop_
_database_2.database_id 
_database_2.database_code 
_database_2.pdbx_database_accession 
_database_2.pdbx_DOI 
PDB   4GRF         pdb_00004grf 10.2210/pdb4grf/pdb 
RCSB  RCSB074543   ?            ?                   
WWPDB D_1000074543 ?            ?                   
# 
loop_
_pdbx_database_related.db_name 
_pdbx_database_related.db_id 
_pdbx_database_related.details 
_pdbx_database_related.content_type 
PDB         2LRN       'NMR structure' unspecified 
TargetTrack EFI-501010 .               unspecified 
# 
_pdbx_database_status.status_code                     REL 
_pdbx_database_status.entry_id                        4GRF 
_pdbx_database_status.recvd_initial_deposition_date   2012-08-24 
_pdbx_database_status.deposit_site                    RCSB 
_pdbx_database_status.process_site                    RCSB 
_pdbx_database_status.status_code_sf                  REL 
_pdbx_database_status.status_code_mr                  ? 
_pdbx_database_status.SG_entry                        Y 
_pdbx_database_status.status_code_cs                  ? 
_pdbx_database_status.methods_development_category    ? 
_pdbx_database_status.pdb_format_compatible           Y 
_pdbx_database_status.status_code_nmr_data            ? 
# 
loop_
_audit_author.name 
_audit_author.pdbx_ordinal 
'Patskovsky, Y.'                   1  
'Sampathkumar, P.'                 2  
'Toro, R.'                         3  
'Bhosle, R.'                       4  
'Zencheck, W.D.'                   5  
'Hillerich, B.'                    6  
'Seidel, R.D.'                     7  
'Washington, E.'                   8  
'Scott Glenn, A.'                  9  
'Chowdhury, S.'                    10 
'Evans, B.'                        11 
'Imker, H.J.'                      12 
'Hammonds, J.'                     13 
'Al-Obaidi, N.F.'                  14 
'Stead, M.'                        15 
'Love, J.'                         16 
'Armstrong, R.N.'                  17 
'Gerlt, J.A.'                      18 
'Almo, S.C.'                       19 
'Enzyme Function Initiative (EFI)' 20 
# 
_citation.id                        primary 
_citation.title                     
'Structure of thioredoxin domain of thiol-disulfide oxidoreductase BVU-2223 from Bacteroides vulgatus' 
_citation.journal_abbrev            'To be Published' 
_citation.journal_volume            ? 
_citation.page_first                ? 
_citation.page_last                 ? 
_citation.year                      ? 
_citation.journal_id_ASTM           ? 
_citation.country                   ? 
_citation.journal_id_ISSN           ? 
_citation.journal_id_CSD            0353 
_citation.book_publisher            ? 
_citation.pdbx_database_id_PubMed   ? 
_citation.pdbx_database_id_DOI      ? 
# 
loop_
_citation_author.citation_id 
_citation_author.name 
_citation_author.ordinal 
_citation_author.identifier_ORCID 
primary 'Patskovsky, Y.'   1  ? 
primary 'Sampathkumar, P.' 2  ? 
primary 'Toro, R.'         3  ? 
primary 'Bhosle, R.'       4  ? 
primary 'Zencheck, W.D.'   5  ? 
primary 'Hillerich, B.'    6  ? 
primary 'Seidel, R.D.'     7  ? 
primary 'Washington, E.'   8  ? 
primary 'Scott Glenn, A.'  9  ? 
primary 'Evans, B.'        10 ? 
primary 'Chowdhury, S.'    11 ? 
primary 'Hammonds, J.'     12 ? 
primary 'Al-Obaidi, N.F.'  13 ? 
primary 'Stead, M.'        14 ? 
primary 'Love, J.'         15 ? 
primary 'Imker, H.J.'      16 ? 
primary 'Armstrong, R.N.'  17 ? 
primary 'Gerlt, J.A.'      18 ? 
primary 'Almo, S.C.'       19 ? 
# 
_cell.entry_id           4GRF 
_cell.length_a           34.664 
_cell.length_b           52.650 
_cell.length_c           82.622 
_cell.angle_alpha        90.00 
_cell.angle_beta         90.00 
_cell.angle_gamma        90.00 
_cell.Z_PDB              4 
_cell.pdbx_unique_axis   ? 
_cell.length_a_esd       ? 
_cell.length_b_esd       ? 
_cell.length_c_esd       ? 
_cell.angle_alpha_esd    ? 
_cell.angle_beta_esd     ? 
_cell.angle_gamma_esd    ? 
# 
_symmetry.entry_id                         4GRF 
_symmetry.space_group_name_H-M             'P 21 21 21' 
_symmetry.pdbx_full_space_group_name_H-M   ? 
_symmetry.cell_setting                     ? 
_symmetry.Int_Tables_number                19 
_symmetry.space_group_name_Hall            ? 
# 
loop_
_entity.id 
_entity.type 
_entity.src_method 
_entity.pdbx_description 
_entity.formula_weight 
_entity.pdbx_number_of_molecules 
_entity.pdbx_ec 
_entity.pdbx_mutation 
_entity.pdbx_fragment 
_entity.details 
1 polymer     man 'Putative thiol-disulfide oxidoreductase' 17364.656 1  ? ? 'thioredoxin domain RESIDUES 252-392' ? 
2 non-polymer syn 'CHLORIDE ION'                            35.453    5  ? ? ?                                     ? 
3 non-polymer syn 'SULFATE ION'                             96.063    1  ? ? ?                                     ? 
4 non-polymer syn GLUTATHIONE                               307.323   1  ? ? ?                                     ? 
5 water       nat water                                     18.015    95 ? ? ?                                     ? 
# 
_entity_poly.entity_id                      1 
_entity_poly.type                           'polypeptide(L)' 
_entity_poly.nstd_linkage                   no 
_entity_poly.nstd_monomer                   no 
_entity_poly.pdbx_seq_one_letter_code       
;MSLATGSVAPAITGIDLKGNSVSLNDFKGKYVLVDFWFAGCSWCRKETPYLLKTYNAFKDKGFTIYGVSTDRREEDWKKA
IEEDKSYWNQVLLQKDDVKDVLESYCIVGFPHIILVDPEGKIVAKELRGDDLYNTVEKFVNGAKEGHHHHHH
;
_entity_poly.pdbx_seq_one_letter_code_can   
;MSLATGSVAPAITGIDLKGNSVSLNDFKGKYVLVDFWFAGCSWCRKETPYLLKTYNAFKDKGFTIYGVSTDRREEDWKKA
IEEDKSYWNQVLLQKDDVKDVLESYCIVGFPHIILVDPEGKIVAKELRGDDLYNTVEKFVNGAKEGHHHHHH
;
_entity_poly.pdbx_strand_id                 A 
_entity_poly.pdbx_target_identifier         EFI-501010 
# 
loop_
_entity_poly_seq.entity_id 
_entity_poly_seq.num 
_entity_poly_seq.mon_id 
_entity_poly_seq.hetero 
1 1   MET n 
1 2   SER n 
1 3   LEU n 
1 4   ALA n 
1 5   THR n 
1 6   GLY n 
1 7   SER n 
1 8   VAL n 
1 9   ALA n 
1 10  PRO n 
1 11  ALA n 
1 12  ILE n 
1 13  THR n 
1 14  GLY n 
1 15  ILE n 
1 16  ASP n 
1 17  LEU n 
1 18  LYS n 
1 19  GLY n 
1 20  ASN n 
1 21  SER n 
1 22  VAL n 
1 23  SER n 
1 24  LEU n 
1 25  ASN n 
1 26  ASP n 
1 27  PHE n 
1 28  LYS n 
1 29  GLY n 
1 30  LYS n 
1 31  TYR n 
1 32  VAL n 
1 33  LEU n 
1 34  VAL n 
1 35  ASP n 
1 36  PHE n 
1 37  TRP n 
1 38  PHE n 
1 39  ALA n 
1 40  GLY n 
1 41  CYS n 
1 42  SER n 
1 43  TRP n 
1 44  CYS n 
1 45  ARG n 
1 46  LYS n 
1 47  GLU n 
1 48  THR n 
1 49  PRO n 
1 50  TYR n 
1 51  LEU n 
1 52  LEU n 
1 53  LYS n 
1 54  THR n 
1 55  TYR n 
1 56  ASN n 
1 57  ALA n 
1 58  PHE n 
1 59  LYS n 
1 60  ASP n 
1 61  LYS n 
1 62  GLY n 
1 63  PHE n 
1 64  THR n 
1 65  ILE n 
1 66  TYR n 
1 67  GLY n 
1 68  VAL n 
1 69  SER n 
1 70  THR n 
1 71  ASP n 
1 72  ARG n 
1 73  ARG n 
1 74  GLU n 
1 75  GLU n 
1 76  ASP n 
1 77  TRP n 
1 78  LYS n 
1 79  LYS n 
1 80  ALA n 
1 81  ILE n 
1 82  GLU n 
1 83  GLU n 
1 84  ASP n 
1 85  LYS n 
1 86  SER n 
1 87  TYR n 
1 88  TRP n 
1 89  ASN n 
1 90  GLN n 
1 91  VAL n 
1 92  LEU n 
1 93  LEU n 
1 94  GLN n 
1 95  LYS n 
1 96  ASP n 
1 97  ASP n 
1 98  VAL n 
1 99  LYS n 
1 100 ASP n 
1 101 VAL n 
1 102 LEU n 
1 103 GLU n 
1 104 SER n 
1 105 TYR n 
1 106 CYS n 
1 107 ILE n 
1 108 VAL n 
1 109 GLY n 
1 110 PHE n 
1 111 PRO n 
1 112 HIS n 
1 113 ILE n 
1 114 ILE n 
1 115 LEU n 
1 116 VAL n 
1 117 ASP n 
1 118 PRO n 
1 119 GLU n 
1 120 GLY n 
1 121 LYS n 
1 122 ILE n 
1 123 VAL n 
1 124 ALA n 
1 125 LYS n 
1 126 GLU n 
1 127 LEU n 
1 128 ARG n 
1 129 GLY n 
1 130 ASP n 
1 131 ASP n 
1 132 LEU n 
1 133 TYR n 
1 134 ASN n 
1 135 THR n 
1 136 VAL n 
1 137 GLU n 
1 138 LYS n 
1 139 PHE n 
1 140 VAL n 
1 141 ASN n 
1 142 GLY n 
1 143 ALA n 
1 144 LYS n 
1 145 GLU n 
1 146 GLY n 
1 147 HIS n 
1 148 HIS n 
1 149 HIS n 
1 150 HIS n 
1 151 HIS n 
1 152 HIS n 
# 
_entity_src_gen.entity_id                          1 
_entity_src_gen.pdbx_src_id                        1 
_entity_src_gen.pdbx_alt_source_flag               sample 
_entity_src_gen.pdbx_seq_type                      ? 
_entity_src_gen.pdbx_beg_seq_num                   ? 
_entity_src_gen.pdbx_end_seq_num                   ? 
_entity_src_gen.gene_src_common_name               ? 
_entity_src_gen.gene_src_genus                     ? 
_entity_src_gen.pdbx_gene_src_gene                 BVU_2223 
_entity_src_gen.gene_src_species                   ? 
_entity_src_gen.gene_src_strain                    'ATCC 8482 / DSM 1447 / NCTC 11154' 
_entity_src_gen.gene_src_tissue                    ? 
_entity_src_gen.gene_src_tissue_fraction           ? 
_entity_src_gen.gene_src_details                   ? 
_entity_src_gen.pdbx_gene_src_fragment             ? 
_entity_src_gen.pdbx_gene_src_scientific_name      'Bacteroides vulgatus' 
_entity_src_gen.pdbx_gene_src_ncbi_taxonomy_id     435590 
_entity_src_gen.pdbx_gene_src_variant              ? 
_entity_src_gen.pdbx_gene_src_cell_line            ? 
_entity_src_gen.pdbx_gene_src_atcc                 ? 
_entity_src_gen.pdbx_gene_src_organ                ? 
_entity_src_gen.pdbx_gene_src_organelle            ? 
_entity_src_gen.pdbx_gene_src_cell                 ? 
_entity_src_gen.pdbx_gene_src_cellular_location    ? 
_entity_src_gen.host_org_common_name               ? 
_entity_src_gen.pdbx_host_org_scientific_name      'Escherichia coli' 
_entity_src_gen.pdbx_host_org_ncbi_taxonomy_id     469008 
_entity_src_gen.host_org_genus                     ? 
_entity_src_gen.pdbx_host_org_gene                 ? 
_entity_src_gen.pdbx_host_org_organ                ? 
_entity_src_gen.host_org_species                   ? 
_entity_src_gen.pdbx_host_org_tissue               ? 
_entity_src_gen.pdbx_host_org_tissue_fraction      ? 
_entity_src_gen.pdbx_host_org_strain               'BL21(DE3)' 
_entity_src_gen.pdbx_host_org_variant              ? 
_entity_src_gen.pdbx_host_org_cell_line            ? 
_entity_src_gen.pdbx_host_org_atcc                 ? 
_entity_src_gen.pdbx_host_org_culture_collection   ? 
_entity_src_gen.pdbx_host_org_cell                 ? 
_entity_src_gen.pdbx_host_org_organelle            ? 
_entity_src_gen.pdbx_host_org_cellular_location    ? 
_entity_src_gen.pdbx_host_org_vector_type          PLASMID 
_entity_src_gen.pdbx_host_org_vector               ? 
_entity_src_gen.host_org_details                   ? 
_entity_src_gen.expression_system_id               ? 
_entity_src_gen.plasmid_name                       PET 
_entity_src_gen.plasmid_details                    ? 
_entity_src_gen.pdbx_description                   ? 
# 
_struct_ref.id                         1 
_struct_ref.db_name                    UNP 
_struct_ref.db_code                    A6L2G9_BACV8 
_struct_ref.pdbx_db_accession          A6L2G9 
_struct_ref.entity_id                  1 
_struct_ref.pdbx_seq_one_letter_code   
;ATGSVAPAITGIDLKGNSVSLNDFKGKYVLVDFWFAGCSWCRKETPYLLKTYNAFKDKGFTIYGVSTDRREEDWKKAIEE
DKSYWNQVLLQKDDVKDVLESYCIVGFPHIILVDPEGKIVAKELRGDDLYNTVEKFVNGAK
;
_struct_ref.pdbx_align_begin           252 
_struct_ref.pdbx_db_isoform            ? 
# 
_struct_ref_seq.align_id                      1 
_struct_ref_seq.ref_id                        1 
_struct_ref_seq.pdbx_PDB_id_code              4GRF 
_struct_ref_seq.pdbx_strand_id                A 
_struct_ref_seq.seq_align_beg                 4 
_struct_ref_seq.pdbx_seq_align_beg_ins_code   ? 
_struct_ref_seq.seq_align_end                 144 
_struct_ref_seq.pdbx_seq_align_end_ins_code   ? 
_struct_ref_seq.pdbx_db_accession             A6L2G9 
_struct_ref_seq.db_align_beg                  252 
_struct_ref_seq.pdbx_db_align_beg_ins_code    ? 
_struct_ref_seq.db_align_end                  392 
_struct_ref_seq.pdbx_db_align_end_ins_code    ? 
_struct_ref_seq.pdbx_auth_seq_align_beg       252 
_struct_ref_seq.pdbx_auth_seq_align_end       392 
# 
loop_
_struct_ref_seq_dif.align_id 
_struct_ref_seq_dif.pdbx_pdb_id_code 
_struct_ref_seq_dif.mon_id 
_struct_ref_seq_dif.pdbx_pdb_strand_id 
_struct_ref_seq_dif.seq_num 
_struct_ref_seq_dif.pdbx_pdb_ins_code 
_struct_ref_seq_dif.pdbx_seq_db_name 
_struct_ref_seq_dif.pdbx_seq_db_accession_code 
_struct_ref_seq_dif.db_mon_id 
_struct_ref_seq_dif.pdbx_seq_db_seq_num 
_struct_ref_seq_dif.details 
_struct_ref_seq_dif.pdbx_auth_seq_num 
_struct_ref_seq_dif.pdbx_ordinal 
1 4GRF MET A 1   ? UNP A6L2G9 ? ? 'expression tag' 249 1  
1 4GRF SER A 2   ? UNP A6L2G9 ? ? 'expression tag' 250 2  
1 4GRF LEU A 3   ? UNP A6L2G9 ? ? 'expression tag' 251 3  
1 4GRF GLU A 145 ? UNP A6L2G9 ? ? 'expression tag' 393 4  
1 4GRF GLY A 146 ? UNP A6L2G9 ? ? 'expression tag' 394 5  
1 4GRF HIS A 147 ? UNP A6L2G9 ? ? 'expression tag' 395 6  
1 4GRF HIS A 148 ? UNP A6L2G9 ? ? 'expression tag' 396 7  
1 4GRF HIS A 149 ? UNP A6L2G9 ? ? 'expression tag' 397 8  
1 4GRF HIS A 150 ? UNP A6L2G9 ? ? 'expression tag' 398 9  
1 4GRF HIS A 151 ? UNP A6L2G9 ? ? 'expression tag' 399 10 
1 4GRF HIS A 152 ? UNP A6L2G9 ? ? 'expression tag' 400 11 
# 
loop_
_chem_comp.id 
_chem_comp.type 
_chem_comp.mon_nstd_flag 
_chem_comp.name 
_chem_comp.pdbx_synonyms 
_chem_comp.formula 
_chem_comp.formula_weight 
ALA 'L-peptide linking' y ALANINE         ? 'C3 H7 N O2'      89.093  
ARG 'L-peptide linking' y ARGININE        ? 'C6 H15 N4 O2 1'  175.209 
ASN 'L-peptide linking' y ASPARAGINE      ? 'C4 H8 N2 O3'     132.118 
ASP 'L-peptide linking' y 'ASPARTIC ACID' ? 'C4 H7 N O4'      133.103 
CL  non-polymer         . 'CHLORIDE ION'  ? 'Cl -1'           35.453  
CYS 'L-peptide linking' y CYSTEINE        ? 'C3 H7 N O2 S'    121.158 
GLN 'L-peptide linking' y GLUTAMINE       ? 'C5 H10 N2 O3'    146.144 
GLU 'L-peptide linking' y 'GLUTAMIC ACID' ? 'C5 H9 N O4'      147.129 
GLY 'peptide linking'   y GLYCINE         ? 'C2 H5 N O2'      75.067  
GSH non-polymer         . GLUTATHIONE     ? 'C10 H17 N3 O6 S' 307.323 
HIS 'L-peptide linking' y HISTIDINE       ? 'C6 H10 N3 O2 1'  156.162 
HOH non-polymer         . WATER           ? 'H2 O'            18.015  
ILE 'L-peptide linking' y ISOLEUCINE      ? 'C6 H13 N O2'     131.173 
LEU 'L-peptide linking' y LEUCINE         ? 'C6 H13 N O2'     131.173 
LYS 'L-peptide linking' y LYSINE          ? 'C6 H15 N2 O2 1'  147.195 
MET 'L-peptide linking' y METHIONINE      ? 'C5 H11 N O2 S'   149.211 
PHE 'L-peptide linking' y PHENYLALANINE   ? 'C9 H11 N O2'     165.189 
PRO 'L-peptide linking' y PROLINE         ? 'C5 H9 N O2'      115.130 
SER 'L-peptide linking' y SERINE          ? 'C3 H7 N O3'      105.093 
SO4 non-polymer         . 'SULFATE ION'   ? 'O4 S -2'         96.063  
THR 'L-peptide linking' y THREONINE       ? 'C4 H9 N O3'      119.119 
TRP 'L-peptide linking' y TRYPTOPHAN      ? 'C11 H12 N2 O2'   204.225 
TYR 'L-peptide linking' y TYROSINE        ? 'C9 H11 N O3'     181.189 
VAL 'L-peptide linking' y VALINE          ? 'C5 H11 N O2'     117.146 
# 
_exptl.entry_id          4GRF 
_exptl.method            'X-RAY DIFFRACTION' 
_exptl.crystals_number   1 
# 
_exptl_crystal.id                    1 
_exptl_crystal.density_meas          ? 
_exptl_crystal.density_Matthews      2.19 
_exptl_crystal.density_percent_sol   43.89 
_exptl_crystal.description           ? 
_exptl_crystal.F_000                 ? 
_exptl_crystal.preparation           ? 
# 
_exptl_crystal_grow.crystal_id      1 
_exptl_crystal_grow.method          'VAPOR DIFFUSION, SITTING DROP' 
_exptl_crystal_grow.temp            ? 
_exptl_crystal_grow.temp_details    ? 
_exptl_crystal_grow.pH              6.5 
_exptl_crystal_grow.pdbx_details    
'2M AMMONIUM SULFATE, 0.2M SODIUM CHLORIDE, 0.1M SODIUM CACODYLATE, PH 6.5, VAPOR DIFFUSION, SITTING DROP, TEMPERATURE 290K' 
_exptl_crystal_grow.pdbx_pH_range   ? 
# 
_diffrn.id                     1 
_diffrn.ambient_temp           100 
_diffrn.ambient_temp_details   ? 
_diffrn.crystal_id             1 
# 
_diffrn_detector.diffrn_id              1 
_diffrn_detector.detector               CCD 
_diffrn_detector.type                   'ADSC QUANTUM 315' 
_diffrn_detector.pdbx_collection_date   2012-08-10 
_diffrn_detector.details                MIRRORS 
# 
_diffrn_radiation.diffrn_id                        1 
_diffrn_radiation.wavelength_id                    1 
_diffrn_radiation.pdbx_monochromatic_or_laue_m_l   M 
_diffrn_radiation.monochromator                    ? 
_diffrn_radiation.pdbx_diffrn_protocol             'SINGLE WAVELENGTH' 
_diffrn_radiation.pdbx_scattering_type             x-ray 
# 
_diffrn_radiation_wavelength.id           1 
_diffrn_radiation_wavelength.wavelength   1.075 
_diffrn_radiation_wavelength.wt           1.0 
# 
_diffrn_source.diffrn_id                   1 
_diffrn_source.source                      SYNCHROTRON 
_diffrn_source.type                        'NSLS BEAMLINE X29A' 
_diffrn_source.pdbx_synchrotron_site       NSLS 
_diffrn_source.pdbx_synchrotron_beamline   X29A 
_diffrn_source.pdbx_wavelength             1.075 
_diffrn_source.pdbx_wavelength_list        ? 
# 
_reflns.entry_id                     4GRF 
_reflns.observed_criterion_sigma_I   -5.000 
_reflns.observed_criterion_sigma_F   ? 
_reflns.d_resolution_low             70.000 
_reflns.d_resolution_high            1.760 
_reflns.number_obs                   15565 
_reflns.number_all                   ? 
_reflns.percent_possible_obs         99.6 
_reflns.pdbx_Rmerge_I_obs            ? 
_reflns.pdbx_Rsym_value              0.06800 
_reflns.pdbx_netI_over_sigmaI        13.8000 
_reflns.B_iso_Wilson_estimate        20.918 
_reflns.pdbx_redundancy              5.900 
_reflns.R_free_details               ? 
_reflns.limit_h_max                  ? 
_reflns.limit_h_min                  ? 
_reflns.limit_k_max                  ? 
_reflns.limit_k_min                  ? 
_reflns.limit_l_max                  ? 
_reflns.limit_l_min                  ? 
_reflns.observed_criterion_F_max     ? 
_reflns.observed_criterion_F_min     ? 
_reflns.pdbx_chi_squared             ? 
_reflns.pdbx_scaling_rejects         ? 
_reflns.pdbx_ordinal                 1 
_reflns.pdbx_diffrn_id               1 
# 
_reflns_shell.d_res_high             1.76 
_reflns_shell.d_res_low              1.79 
_reflns_shell.percent_possible_all   100.0 
_reflns_shell.Rmerge_I_obs           0.440 
_reflns_shell.pdbx_Rsym_value        ? 
_reflns_shell.meanI_over_sigI_obs    4.700 
_reflns_shell.pdbx_redundancy        5.70 
_reflns_shell.percent_possible_obs   ? 
_reflns_shell.number_unique_all      ? 
_reflns_shell.number_measured_all    ? 
_reflns_shell.number_measured_obs    ? 
_reflns_shell.number_unique_obs      ? 
_reflns_shell.pdbx_chi_squared       ? 
_reflns_shell.pdbx_ordinal           1 
_reflns_shell.pdbx_diffrn_id         1 
# 
_refine.entry_id                                 4GRF 
_refine.ls_number_reflns_obs                     14708 
_refine.ls_number_reflns_all                     ? 
_refine.pdbx_ls_sigma_I                          ? 
_refine.pdbx_ls_sigma_F                          ? 
_refine.pdbx_data_cutoff_high_absF               ? 
_refine.pdbx_data_cutoff_low_absF                ? 
_refine.pdbx_data_cutoff_high_rms_absF           ? 
_refine.ls_d_res_low                             44.40 
_refine.ls_d_res_high                            1.76 
_refine.ls_percent_reflns_obs                    99.47 
_refine.ls_R_factor_obs                          0.16770 
_refine.ls_R_factor_all                          ? 
_refine.ls_R_factor_R_work                       0.16547 
_refine.ls_R_factor_R_free                       0.21028 
_refine.ls_R_factor_R_free_error                 ? 
_refine.ls_R_factor_R_free_error_details         ? 
_refine.ls_percent_reflns_R_free                 5.0 
_refine.ls_number_reflns_R_free                  773 
_refine.ls_number_parameters                     ? 
_refine.ls_number_restraints                     ? 
_refine.occupancy_min                            ? 
_refine.occupancy_max                            ? 
_refine.correlation_coeff_Fo_to_Fc               0.966 
_refine.correlation_coeff_Fo_to_Fc_free          0.945 
_refine.B_iso_mean                               28.535 
_refine.aniso_B[1][1]                            -0.02 
_refine.aniso_B[2][2]                            -0.11 
_refine.aniso_B[3][3]                            0.13 
_refine.aniso_B[1][2]                            0.00 
_refine.aniso_B[1][3]                            0.00 
_refine.aniso_B[2][3]                            -0.00 
_refine.solvent_model_details                    'BABINET MODEL WITH MASK' 
_refine.solvent_model_param_ksol                 ? 
_refine.solvent_model_param_bsol                 ? 
_refine.pdbx_solvent_vdw_probe_radii             1.20 
_refine.pdbx_solvent_ion_probe_radii             0.80 
_refine.pdbx_solvent_shrinkage_radii             0.80 
_refine.pdbx_ls_cross_valid_method               THROUGHOUT 
_refine.details                                  'HYDROGENS HAVE BEEN ADDED IN THE RIDING POSITIONS' 
_refine.pdbx_starting_model                      'PDB ENTRY 2LRN' 
_refine.pdbx_method_to_determine_struct          'MOLECULAR REPLACEMENT' 
_refine.pdbx_isotropic_thermal_model             ? 
_refine.pdbx_stereochemistry_target_values       'MAXIMUM LIKELIHOOD' 
_refine.pdbx_stereochem_target_val_spec_case     ? 
_refine.pdbx_R_Free_selection_details            RANDOM 
_refine.pdbx_overall_ESU_R                       0.109 
_refine.pdbx_overall_ESU_R_Free                  0.112 
_refine.overall_SU_ML                            0.070 
_refine.pdbx_overall_phase_error                 ? 
_refine.overall_SU_B                             2.185 
_refine.overall_SU_R_Cruickshank_DPI             ? 
_refine.ls_redundancy_reflns_obs                 ? 
_refine.B_iso_min                                ? 
_refine.B_iso_max                                ? 
_refine.overall_SU_R_free                        ? 
_refine.ls_wR_factor_R_free                      ? 
_refine.ls_wR_factor_R_work                      ? 
_refine.overall_FOM_free_R_set                   ? 
_refine.overall_FOM_work_R_set                   ? 
_refine.pdbx_diffrn_id                           1 
_refine.pdbx_refine_id                           'X-RAY DIFFRACTION' 
_refine.pdbx_TLS_residual_ADP_flag               ? 
_refine.pdbx_overall_SU_R_free_Cruickshank_DPI   ? 
_refine.pdbx_overall_SU_R_Blow_DPI               ? 
_refine.pdbx_overall_SU_R_free_Blow_DPI          ? 
# 
_refine_hist.pdbx_refine_id                   'X-RAY DIFFRACTION' 
_refine_hist.cycle_id                         LAST 
_refine_hist.pdbx_number_atoms_protein        1124 
_refine_hist.pdbx_number_atoms_nucleic_acid   0 
_refine_hist.pdbx_number_atoms_ligand         30 
_refine_hist.number_atoms_solvent             95 
_refine_hist.number_atoms_total               1249 
_refine_hist.d_res_high                       1.76 
_refine_hist.d_res_low                        44.40 
# 
loop_
_refine_ls_restr.type 
_refine_ls_restr.dev_ideal 
_refine_ls_restr.dev_ideal_target 
_refine_ls_restr.weight 
_refine_ls_restr.number 
_refine_ls_restr.pdbx_restraint_function 
_refine_ls_restr.pdbx_refine_id 
r_bond_refined_d             0.008  0.020  ? 1218 ? 'X-RAY DIFFRACTION' 
r_bond_other_d               0.000  0.020  ? 1147 ? 'X-RAY DIFFRACTION' 
r_angle_refined_deg          1.200  1.976  ? 1660 ? 'X-RAY DIFFRACTION' 
r_angle_other_deg            0.598  3.002  ? 2665 ? 'X-RAY DIFFRACTION' 
r_dihedral_angle_1_deg       5.208  5.000  ? 154  ? 'X-RAY DIFFRACTION' 
r_dihedral_angle_2_deg       30.175 25.091 ? 55   ? 'X-RAY DIFFRACTION' 
r_dihedral_angle_3_deg       12.581 15.000 ? 216  ? 'X-RAY DIFFRACTION' 
r_dihedral_angle_4_deg       14.484 15.000 ? 4    ? 'X-RAY DIFFRACTION' 
r_chiral_restr               0.069  0.200  ? 182  ? 'X-RAY DIFFRACTION' 
r_gen_planes_refined         0.005  0.020  ? 1370 ? 'X-RAY DIFFRACTION' 
r_gen_planes_other           0.000  0.020  ? 270  ? 'X-RAY DIFFRACTION' 
r_nbd_refined                ?      ?      ? ?    ? 'X-RAY DIFFRACTION' 
r_nbd_other                  ?      ?      ? ?    ? 'X-RAY DIFFRACTION' 
r_nbtor_refined              ?      ?      ? ?    ? 'X-RAY DIFFRACTION' 
r_nbtor_other                ?      ?      ? ?    ? 'X-RAY DIFFRACTION' 
r_xyhbond_nbd_refined        ?      ?      ? ?    ? 'X-RAY DIFFRACTION' 
r_xyhbond_nbd_other          ?      ?      ? ?    ? 'X-RAY DIFFRACTION' 
r_metal_ion_refined          ?      ?      ? ?    ? 'X-RAY DIFFRACTION' 
r_metal_ion_other            ?      ?      ? ?    ? 'X-RAY DIFFRACTION' 
r_symmetry_vdw_refined       ?      ?      ? ?    ? 'X-RAY DIFFRACTION' 
r_symmetry_vdw_other         ?      ?      ? ?    ? 'X-RAY DIFFRACTION' 
r_symmetry_hbond_refined     ?      ?      ? ?    ? 'X-RAY DIFFRACTION' 
r_symmetry_hbond_other       ?      ?      ? ?    ? 'X-RAY DIFFRACTION' 
r_symmetry_metal_ion_refined ?      ?      ? ?    ? 'X-RAY DIFFRACTION' 
r_symmetry_metal_ion_other   ?      ?      ? ?    ? 'X-RAY DIFFRACTION' 
r_mcbond_it                  ?      ?      ? ?    ? 'X-RAY DIFFRACTION' 
r_mcbond_other               ?      ?      ? ?    ? 'X-RAY DIFFRACTION' 
r_mcangle_it                 ?      ?      ? ?    ? 'X-RAY DIFFRACTION' 
r_scbond_it                  ?      ?      ? ?    ? 'X-RAY DIFFRACTION' 
r_scangle_it                 ?      ?      ? ?    ? 'X-RAY DIFFRACTION' 
r_rigid_bond_restr           ?      ?      ? ?    ? 'X-RAY DIFFRACTION' 
r_sphericity_free            ?      ?      ? ?    ? 'X-RAY DIFFRACTION' 
r_sphericity_bonded          ?      ?      ? ?    ? 'X-RAY DIFFRACTION' 
# 
_refine_ls_shell.pdbx_total_number_of_bins_used   20 
_refine_ls_shell.d_res_high                       1.761 
_refine_ls_shell.d_res_low                        1.807 
_refine_ls_shell.number_reflns_R_work             1024 
_refine_ls_shell.R_factor_R_work                  0.206 
_refine_ls_shell.percent_reflns_obs               96.86 
_refine_ls_shell.R_factor_R_free                  0.301 
_refine_ls_shell.R_factor_R_free_error            ? 
_refine_ls_shell.percent_reflns_R_free            ? 
_refine_ls_shell.number_reflns_R_free             55 
_refine_ls_shell.number_reflns_all                ? 
_refine_ls_shell.R_factor_all                     ? 
_refine_ls_shell.number_reflns_obs                ? 
_refine_ls_shell.redundancy_reflns_obs            ? 
_refine_ls_shell.pdbx_refine_id                   'X-RAY DIFFRACTION' 
# 
_struct.entry_id                  4GRF 
_struct.title                     
'Crystal structure of thioredoxin domain of thiol-disulfide oxidoreductase BVU-2223 (Target EFI-501010) from Bacteroides vulgatus' 
_struct.pdbx_model_details        ? 
_struct.pdbx_CASP_flag            ? 
_struct.pdbx_model_type_details   ? 
# 
_struct_keywords.entry_id        4GRF 
_struct_keywords.pdbx_keywords   OXIDOREDUCTASE 
_struct_keywords.text            'OXIDOREDUCTASE, THIOREDOXIN DOMAIN, Structural Genomics' 
# 
loop_
_struct_asym.id 
_struct_asym.pdbx_blank_PDB_chainid_flag 
_struct_asym.pdbx_modified 
_struct_asym.entity_id 
_struct_asym.details 
A N N 1 ? 
B N N 2 ? 
C N N 2 ? 
D N N 2 ? 
E N N 3 ? 
F N N 2 ? 
G N N 2 ? 
H N N 4 ? 
I N N 5 ? 
# 
_struct_biol.id        1 
_struct_biol.details   ? 
# 
loop_
_struct_conf.conf_type_id 
_struct_conf.id 
_struct_conf.pdbx_PDB_helix_id 
_struct_conf.beg_label_comp_id 
_struct_conf.beg_label_asym_id 
_struct_conf.beg_label_seq_id 
_struct_conf.pdbx_beg_PDB_ins_code 
_struct_conf.end_label_comp_id 
_struct_conf.end_label_asym_id 
_struct_conf.end_label_seq_id 
_struct_conf.pdbx_end_PDB_ins_code 
_struct_conf.beg_auth_comp_id 
_struct_conf.beg_auth_asym_id 
_struct_conf.beg_auth_seq_id 
_struct_conf.end_auth_comp_id 
_struct_conf.end_auth_asym_id 
_struct_conf.end_auth_seq_id 
_struct_conf.pdbx_PDB_helix_class 
_struct_conf.details 
_struct_conf.pdbx_PDB_helix_length 
HELX_P HELX_P1 1 ASN A 25  ? LYS A 28  ? ASN A 273 LYS A 276 5 ? 4  
HELX_P HELX_P2 2 CYS A 41  ? GLU A 47  ? CYS A 289 GLU A 295 1 ? 7  
HELX_P HELX_P3 3 GLU A 47  ? LYS A 59  ? GLU A 295 LYS A 307 1 ? 13 
HELX_P HELX_P4 4 ARG A 73  ? LYS A 85  ? ARG A 321 LYS A 333 1 ? 13 
HELX_P HELX_P5 5 GLN A 94  ? ASP A 96  ? GLN A 342 ASP A 344 5 ? 3  
HELX_P HELX_P6 6 ASP A 97  ? TYR A 105 ? ASP A 345 TYR A 353 1 ? 9  
HELX_P HELX_P7 7 ARG A 128 ? ASN A 141 ? ARG A 376 ASN A 389 1 ? 14 
# 
_struct_conf_type.id          HELX_P 
_struct_conf_type.criteria    ? 
_struct_conf_type.reference   ? 
# 
_struct_conn.id                            disulf1 
_struct_conn.conn_type_id                  disulf 
_struct_conn.pdbx_leaving_atom_flag        ? 
_struct_conn.pdbx_PDB_id                   ? 
_struct_conn.ptnr1_label_asym_id           A 
_struct_conn.ptnr1_label_comp_id           CYS 
_struct_conn.ptnr1_label_seq_id            41 
_struct_conn.ptnr1_label_atom_id           SG 
_struct_conn.pdbx_ptnr1_label_alt_id       ? 
_struct_conn.pdbx_ptnr1_PDB_ins_code       ? 
_struct_conn.pdbx_ptnr1_standard_comp_id   ? 
_struct_conn.ptnr1_symmetry                1_555 
_struct_conn.ptnr2_label_asym_id           A 
_struct_conn.ptnr2_label_comp_id           CYS 
_struct_conn.ptnr2_label_seq_id            44 
_struct_conn.ptnr2_label_atom_id           SG 
_struct_conn.pdbx_ptnr2_label_alt_id       ? 
_struct_conn.pdbx_ptnr2_PDB_ins_code       ? 
_struct_conn.ptnr1_auth_asym_id            A 
_struct_conn.ptnr1_auth_comp_id            CYS 
_struct_conn.ptnr1_auth_seq_id             289 
_struct_conn.ptnr2_auth_asym_id            A 
_struct_conn.ptnr2_auth_comp_id            CYS 
_struct_conn.ptnr2_auth_seq_id             292 
_struct_conn.ptnr2_symmetry                1_555 
_struct_conn.pdbx_ptnr3_label_atom_id      ? 
_struct_conn.pdbx_ptnr3_label_seq_id       ? 
_struct_conn.pdbx_ptnr3_label_comp_id      ? 
_struct_conn.pdbx_ptnr3_label_asym_id      ? 
_struct_conn.pdbx_ptnr3_label_alt_id       ? 
_struct_conn.pdbx_ptnr3_PDB_ins_code       ? 
_struct_conn.details                       ? 
_struct_conn.pdbx_dist_value               2.075 
_struct_conn.pdbx_value_order              ? 
_struct_conn.pdbx_role                     ? 
# 
_struct_conn_type.id          disulf 
_struct_conn_type.criteria    ? 
_struct_conn_type.reference   ? 
# 
_struct_mon_prot_cis.pdbx_id                1 
_struct_mon_prot_cis.label_comp_id          PHE 
_struct_mon_prot_cis.label_seq_id           110 
_struct_mon_prot_cis.label_asym_id          A 
_struct_mon_prot_cis.label_alt_id           . 
_struct_mon_prot_cis.pdbx_PDB_ins_code      ? 
_struct_mon_prot_cis.auth_comp_id           PHE 
_struct_mon_prot_cis.auth_seq_id            358 
_struct_mon_prot_cis.auth_asym_id           A 
_struct_mon_prot_cis.pdbx_label_comp_id_2   PRO 
_struct_mon_prot_cis.pdbx_label_seq_id_2    111 
_struct_mon_prot_cis.pdbx_label_asym_id_2   A 
_struct_mon_prot_cis.pdbx_PDB_ins_code_2    ? 
_struct_mon_prot_cis.pdbx_auth_comp_id_2    PRO 
_struct_mon_prot_cis.pdbx_auth_seq_id_2     359 
_struct_mon_prot_cis.pdbx_auth_asym_id_2    A 
_struct_mon_prot_cis.pdbx_PDB_model_num     1 
_struct_mon_prot_cis.pdbx_omega_angle       -0.72 
# 
loop_
_struct_sheet.id 
_struct_sheet.type 
_struct_sheet.number_strands 
_struct_sheet.details 
A ? 2 ? 
B ? 5 ? 
# 
loop_
_struct_sheet_order.sheet_id 
_struct_sheet_order.range_id_1 
_struct_sheet_order.range_id_2 
_struct_sheet_order.offset 
_struct_sheet_order.sense 
A 1 2 ? anti-parallel 
B 1 2 ? parallel      
B 2 3 ? parallel      
B 3 4 ? anti-parallel 
B 4 5 ? anti-parallel 
# 
loop_
_struct_sheet_range.sheet_id 
_struct_sheet_range.id 
_struct_sheet_range.beg_label_comp_id 
_struct_sheet_range.beg_label_asym_id 
_struct_sheet_range.beg_label_seq_id 
_struct_sheet_range.pdbx_beg_PDB_ins_code 
_struct_sheet_range.end_label_comp_id 
_struct_sheet_range.end_label_asym_id 
_struct_sheet_range.end_label_seq_id 
_struct_sheet_range.pdbx_end_PDB_ins_code 
_struct_sheet_range.beg_auth_comp_id 
_struct_sheet_range.beg_auth_asym_id 
_struct_sheet_range.beg_auth_seq_id 
_struct_sheet_range.end_auth_comp_id 
_struct_sheet_range.end_auth_asym_id 
_struct_sheet_range.end_auth_seq_id 
A 1 THR A 13  ? ILE A 15  ? THR A 261 ILE A 263 
A 2 SER A 21  ? SER A 23  ? SER A 269 SER A 271 
B 1 ASN A 89  ? LEU A 92  ? ASN A 337 LEU A 340 
B 2 PHE A 63  ? SER A 69  ? PHE A 311 SER A 317 
B 3 TYR A 31  ? TRP A 37  ? TYR A 279 TRP A 285 
B 4 HIS A 112 ? VAL A 116 ? HIS A 360 VAL A 364 
B 5 ILE A 122 ? ALA A 124 ? ILE A 370 ALA A 372 
# 
loop_
_pdbx_struct_sheet_hbond.sheet_id 
_pdbx_struct_sheet_hbond.range_id_1 
_pdbx_struct_sheet_hbond.range_id_2 
_pdbx_struct_sheet_hbond.range_1_label_atom_id 
_pdbx_struct_sheet_hbond.range_1_label_comp_id 
_pdbx_struct_sheet_hbond.range_1_label_asym_id 
_pdbx_struct_sheet_hbond.range_1_label_seq_id 
_pdbx_struct_sheet_hbond.range_1_PDB_ins_code 
_pdbx_struct_sheet_hbond.range_1_auth_atom_id 
_pdbx_struct_sheet_hbond.range_1_auth_comp_id 
_pdbx_struct_sheet_hbond.range_1_auth_asym_id 
_pdbx_struct_sheet_hbond.range_1_auth_seq_id 
_pdbx_struct_sheet_hbond.range_2_label_atom_id 
_pdbx_struct_sheet_hbond.range_2_label_comp_id 
_pdbx_struct_sheet_hbond.range_2_label_asym_id 
_pdbx_struct_sheet_hbond.range_2_label_seq_id 
_pdbx_struct_sheet_hbond.range_2_PDB_ins_code 
_pdbx_struct_sheet_hbond.range_2_auth_atom_id 
_pdbx_struct_sheet_hbond.range_2_auth_comp_id 
_pdbx_struct_sheet_hbond.range_2_auth_asym_id 
_pdbx_struct_sheet_hbond.range_2_auth_seq_id 
A 1 2 N GLY A 14  ? N GLY A 262 O VAL A 22  ? O VAL A 270 
B 1 2 O ASN A 89  ? O ASN A 337 N GLY A 67  ? N GLY A 315 
B 2 3 O VAL A 68  ? O VAL A 316 N ASP A 35  ? N ASP A 283 
B 3 4 N VAL A 32  ? N VAL A 280 O VAL A 116 ? O VAL A 364 
B 4 5 N LEU A 115 ? N LEU A 363 O VAL A 123 ? O VAL A 371 
# 
loop_
_struct_site.id 
_struct_site.pdbx_evidence_code 
_struct_site.pdbx_auth_asym_id 
_struct_site.pdbx_auth_comp_id 
_struct_site.pdbx_auth_seq_id 
_struct_site.pdbx_auth_ins_code 
_struct_site.pdbx_num_residues 
_struct_site.details 
AC1 Software A CL  501 ? 4  'BINDING SITE FOR RESIDUE CL A 501'  
AC2 Software A CL  502 ? 5  'BINDING SITE FOR RESIDUE CL A 502'  
AC3 Software A CL  503 ? 3  'BINDING SITE FOR RESIDUE CL A 503'  
AC4 Software A SO4 504 ? 7  'BINDING SITE FOR RESIDUE SO4 A 504' 
AC5 Software A CL  505 ? 6  'BINDING SITE FOR RESIDUE CL A 505'  
AC6 Software A CL  506 ? 3  'BINDING SITE FOR RESIDUE CL A 506'  
AC7 Software A GSH 507 ? 13 'BINDING SITE FOR RESIDUE GSH A 507' 
# 
loop_
_struct_site_gen.id 
_struct_site_gen.site_id 
_struct_site_gen.pdbx_num_res 
_struct_site_gen.label_comp_id 
_struct_site_gen.label_asym_id 
_struct_site_gen.label_seq_id 
_struct_site_gen.pdbx_auth_ins_code 
_struct_site_gen.auth_comp_id 
_struct_site_gen.auth_asym_id 
_struct_site_gen.auth_seq_id 
_struct_site_gen.label_atom_id 
_struct_site_gen.label_alt_id 
_struct_site_gen.symmetry 
_struct_site_gen.details 
1  AC1 4  ASP A 16  ? ASP A 264 . ? 1_555 ? 
2  AC1 4  LEU A 17  ? LEU A 265 . ? 1_555 ? 
3  AC1 4  GLN A 90  ? GLN A 338 . ? 1_555 ? 
4  AC1 4  HOH I .   ? HOH A 666 . ? 1_555 ? 
5  AC2 5  HIS A 112 ? HIS A 360 . ? 1_555 ? 
6  AC2 5  ILE A 113 ? ILE A 361 . ? 1_555 ? 
7  AC2 5  GLU A 126 ? GLU A 374 . ? 1_555 ? 
8  AC2 5  ARG A 128 ? ARG A 376 . ? 1_555 ? 
9  AC2 5  HOH I .   ? HOH A 642 . ? 1_555 ? 
10 AC3 3  SER A 2   ? SER A 250 . ? 1_555 ? 
11 AC3 3  VAL A 108 ? VAL A 356 . ? 1_555 ? 
12 AC3 3  GLY A 109 ? GLY A 357 . ? 1_555 ? 
13 AC4 7  LYS A 30  ? LYS A 278 . ? 1_555 ? 
14 AC4 7  TYR A 55  ? TYR A 303 . ? 1_555 ? 
15 AC4 7  THR A 64  ? THR A 312 . ? 1_555 ? 
16 AC4 7  ASN A 89  ? ASN A 337 . ? 1_555 ? 
17 AC4 7  HOH I .   ? HOH A 616 . ? 1_555 ? 
18 AC4 7  HOH I .   ? HOH A 625 . ? 1_555 ? 
19 AC4 7  HOH I .   ? HOH A 646 . ? 1_555 ? 
20 AC5 6  ALA A 11  ? ALA A 259 . ? 1_555 ? 
21 AC5 6  ILE A 12  ? ILE A 260 . ? 1_555 ? 
22 AC5 6  LEU A 24  ? LEU A 272 . ? 1_555 ? 
23 AC5 6  ASN A 25  ? ASN A 273 . ? 1_555 ? 
24 AC5 6  HOH I .   ? HOH A 638 . ? 1_555 ? 
25 AC5 6  HOH I .   ? HOH A 641 . ? 1_555 ? 
26 AC6 3  SER A 7   ? SER A 255 . ? 1_555 ? 
27 AC6 3  VAL A 8   ? VAL A 256 . ? 1_555 ? 
28 AC6 3  SER A 42  ? SER A 290 . ? 1_655 ? 
29 AC7 13 SER A 2   ? SER A 250 . ? 1_555 ? 
30 AC7 13 LEU A 3   ? LEU A 251 . ? 1_555 ? 
31 AC7 13 ALA A 4   ? ALA A 252 . ? 1_555 ? 
32 AC7 13 SER A 21  ? SER A 269 . ? 3_755 ? 
33 AC7 13 ASP A 26  ? ASP A 274 . ? 3_755 ? 
34 AC7 13 GLU A 75  ? GLU A 323 . ? 3_655 ? 
35 AC7 13 LYS A 79  ? LYS A 327 . ? 3_655 ? 
36 AC7 13 GLU A 82  ? GLU A 330 . ? 3_655 ? 
37 AC7 13 CYS A 106 ? CYS A 354 . ? 1_555 ? 
38 AC7 13 LYS A 125 ? LYS A 373 . ? 1_555 ? 
39 AC7 13 HOH I .   ? HOH A 657 . ? 1_555 ? 
40 AC7 13 HOH I .   ? HOH A 694 . ? 1_555 ? 
41 AC7 13 HOH I .   ? HOH A 695 . ? 1_555 ? 
# 
_atom_sites.entry_id                    4GRF 
_atom_sites.fract_transf_matrix[1][1]   0.01941470 
_atom_sites.fract_transf_matrix[1][2]   -0.01809009 
_atom_sites.fract_transf_matrix[1][3]   0.01131483 
_atom_sites.fract_transf_matrix[2][1]   -0.01201672 
_atom_sites.fract_transf_matrix[2][2]   -0.00405325 
_atom_sites.fract_transf_matrix[2][3]   0.01413873 
_atom_sites.fract_transf_matrix[3][1]   -0.00463676 
_atom_sites.fract_transf_matrix[3][2]   -0.00906695 
_atom_sites.fract_transf_matrix[3][3]   -0.00654014 
_atom_sites.fract_transf_vector[1]      0.665312 
_atom_sites.fract_transf_vector[2]      0.822059 
_atom_sites.fract_transf_vector[3]      0.169460 
# 
loop_
_atom_type.symbol 
C  
CL 
N  
O  
S  
# 
loop_
_atom_site.group_PDB 
_atom_site.id 
_atom_site.type_symbol 
_atom_site.label_atom_id 
_atom_site.label_alt_id 
_atom_site.label_comp_id 
_atom_site.label_asym_id 
_atom_site.label_entity_id 
_atom_site.label_seq_id 
_atom_site.pdbx_PDB_ins_code 
_atom_site.Cartn_x 
_atom_site.Cartn_y 
_atom_site.Cartn_z 
_atom_site.occupancy 
_atom_site.B_iso_or_equiv 
_atom_site.pdbx_formal_charge 
_atom_site.auth_seq_id 
_atom_site.auth_comp_id 
_atom_site.auth_asym_id 
_atom_site.auth_atom_id 
_atom_site.pdbx_PDB_model_num 
ATOM   1    N  N   . SER A 1 2   ? -7.078  -9.832  8.345   1.00 42.11  ? 250 SER A N   1 
ATOM   2    C  CA  . SER A 1 2   ? -5.699  -9.307  8.514   1.00 40.10  ? 250 SER A CA  1 
ATOM   3    C  C   . SER A 1 2   ? -4.833  -10.286 9.324   1.00 47.03  ? 250 SER A C   1 
ATOM   4    O  O   . SER A 1 2   ? -5.307  -11.308 9.806   1.00 43.67  ? 250 SER A O   1 
ATOM   5    C  CB  . SER A 1 2   ? -5.745  -7.942  9.205   1.00 41.98  ? 250 SER A CB  1 
ATOM   6    O  OG  . SER A 1 2   ? -6.364  -8.025  10.476  1.00 60.35  ? 250 SER A OG  1 
ATOM   7    N  N   . LEU A 1 3   ? -3.554  -9.961  9.448   1.00 31.83  ? 251 LEU A N   1 
ATOM   8    C  CA  . LEU A 1 3   ? -2.611  -10.746 10.245  1.00 30.67  ? 251 LEU A CA  1 
ATOM   9    C  C   . LEU A 1 3   ? -2.345  -10.030 11.560  1.00 29.40  ? 251 LEU A C   1 
ATOM   10   O  O   . LEU A 1 3   ? -2.555  -8.824  11.682  1.00 30.83  ? 251 LEU A O   1 
ATOM   11   C  CB  . LEU A 1 3   ? -1.275  -10.902 9.510   1.00 24.78  ? 251 LEU A CB  1 
ATOM   12   C  CG  . LEU A 1 3   ? -1.308  -11.502 8.109   1.00 25.62  ? 251 LEU A CG  1 
ATOM   13   C  CD1 . LEU A 1 3   ? 0.033   -11.332 7.441   1.00 23.20  ? 251 LEU A CD1 1 
ATOM   14   C  CD2 . LEU A 1 3   ? -1.727  -12.969 8.136   1.00 33.11  ? 251 LEU A CD2 1 
ATOM   15   N  N   . ALA A 1 4   ? -1.837  -10.771 12.536  1.00 27.91  ? 252 ALA A N   1 
ATOM   16   C  CA  . ALA A 1 4   ? -1.446  -10.174 13.805  1.00 31.71  ? 252 ALA A CA  1 
ATOM   17   C  C   . ALA A 1 4   ? -0.286  -9.204  13.640  1.00 28.28  ? 252 ALA A C   1 
ATOM   18   O  O   . ALA A 1 4   ? 0.643   -9.481  12.874  1.00 30.92  ? 252 ALA A O   1 
ATOM   19   C  CB  . ALA A 1 4   ? -1.057  -11.271 14.787  1.00 44.40  ? 252 ALA A CB  1 
ATOM   20   N  N   . THR A 1 5   ? -0.315  -8.083  14.368  1.00 31.56  ? 253 THR A N   1 
ATOM   21   C  CA  A THR A 1 5   ? 0.844   -7.190  14.402  0.50 30.51  ? 253 THR A CA  1 
ATOM   22   C  CA  B THR A 1 5   ? 0.829   -7.182  14.432  0.50 30.98  ? 253 THR A CA  1 
ATOM   23   C  C   . THR A 1 5   ? 2.028   -7.988  14.949  1.00 30.46  ? 253 THR A C   1 
ATOM   24   O  O   . THR A 1 5   ? 1.869   -8.871  15.794  1.00 31.32  ? 253 THR A O   1 
ATOM   25   C  CB  A THR A 1 5   ? 0.616   -5.905  15.242  0.50 42.83  ? 253 THR A CB  1 
ATOM   26   C  CB  B THR A 1 5   ? 0.536   -5.974  15.353  0.50 43.28  ? 253 THR A CB  1 
ATOM   27   O  OG1 A THR A 1 5   ? 0.416   -6.240  16.621  0.50 35.23  ? 253 THR A OG1 1 
ATOM   28   O  OG1 B THR A 1 5   ? -0.428  -5.109  14.732  0.50 56.32  ? 253 THR A OG1 1 
ATOM   29   C  CG2 A THR A 1 5   ? -0.587  -5.110  14.723  0.50 45.31  ? 253 THR A CG2 1 
ATOM   30   C  CG2 B THR A 1 5   ? 1.789   -5.184  15.629  0.50 33.26  ? 253 THR A CG2 1 
ATOM   31   N  N   . GLY A 1 6   ? 3.218   -7.699  14.431  1.00 24.73  ? 254 GLY A N   1 
ATOM   32   C  CA  . GLY A 1 6   ? 4.400   -8.511  14.696  1.00 27.19  ? 254 GLY A CA  1 
ATOM   33   C  C   . GLY A 1 6   ? 4.624   -9.601  13.662  1.00 26.56  ? 254 GLY A C   1 
ATOM   34   O  O   . GLY A 1 6   ? 5.691   -10.210 13.613  1.00 27.67  ? 254 GLY A O   1 
ATOM   35   N  N   . SER A 1 7   ? 3.629   -9.871  12.824  1.00 22.68  ? 255 SER A N   1 
ATOM   36   C  CA  . SER A 1 7   ? 3.793   -10.879 11.773  1.00 24.45  ? 255 SER A CA  1 
ATOM   37   C  C   . SER A 1 7   ? 4.772   -10.385 10.719  1.00 22.00  ? 255 SER A C   1 
ATOM   38   O  O   . SER A 1 7   ? 4.836   -9.197  10.448  1.00 23.10  ? 255 SER A O   1 
ATOM   39   C  CB  . SER A 1 7   ? 2.456   -11.194 11.077  1.00 28.19  ? 255 SER A CB  1 
ATOM   40   O  OG  . SER A 1 7   ? 1.526   -11.813 11.951  1.00 30.13  ? 255 SER A OG  1 
ATOM   41   N  N   . VAL A 1 8   ? 5.484   -11.312 10.091  1.00 21.51  ? 256 VAL A N   1 
ATOM   42   C  CA  . VAL A 1 8   ? 6.301   -10.994 8.925   1.00 19.96  ? 256 VAL A CA  1 
ATOM   43   C  C   . VAL A 1 8   ? 5.365   -10.789 7.735   1.00 24.06  ? 256 VAL A C   1 
ATOM   44   O  O   . VAL A 1 8   ? 4.528   -11.651 7.430   1.00 24.59  ? 256 VAL A O   1 
ATOM   45   C  CB  . VAL A 1 8   ? 7.283   -12.136 8.617   1.00 24.77  ? 256 VAL A CB  1 
ATOM   46   C  CG1 . VAL A 1 8   ? 8.066   -11.880 7.334   1.00 29.82  ? 256 VAL A CG1 1 
ATOM   47   C  CG2 . VAL A 1 8   ? 8.219   -12.346 9.804   1.00 27.29  ? 256 VAL A CG2 1 
ATOM   48   N  N   . ALA A 1 9   ? 5.494   -9.649  7.064   1.00 20.59  ? 257 ALA A N   1 
ATOM   49   C  CA  . ALA A 1 9   ? 4.644   -9.381  5.918   1.00 20.85  ? 257 ALA A CA  1 
ATOM   50   C  C   . ALA A 1 9   ? 4.984   -10.339 4.770   1.00 15.76  ? 257 ALA A C   1 
ATOM   51   O  O   . ALA A 1 9   ? 6.131   -10.400 4.311   1.00 20.28  ? 257 ALA A O   1 
ATOM   52   C  CB  . ALA A 1 9   ? 4.806   -7.941  5.474   1.00 22.50  ? 257 ALA A CB  1 
ATOM   53   N  N   . PRO A 1 10  ? 3.989   -11.093 4.299   1.00 19.44  ? 258 PRO A N   1 
ATOM   54   C  CA  . PRO A 1 10  ? 4.209   -11.973 3.155   1.00 21.18  ? 258 PRO A CA  1 
ATOM   55   C  C   . PRO A 1 10  ? 4.626   -11.263 1.869   1.00 26.19  ? 258 PRO A C   1 
ATOM   56   O  O   . PRO A 1 10  ? 4.377   -10.057 1.672   1.00 19.69  ? 258 PRO A O   1 
ATOM   57   C  CB  . PRO A 1 10  ? 2.859   -12.666 2.983   1.00 20.06  ? 258 PRO A CB  1 
ATOM   58   C  CG  . PRO A 1 10  ? 2.245   -12.623 4.321   1.00 21.52  ? 258 PRO A CG  1 
ATOM   59   C  CD  . PRO A 1 10  ? 2.662   -11.306 4.897   1.00 21.64  ? 258 PRO A CD  1 
ATOM   60   N  N   . ALA A 1 11  ? 5.287   -12.018 1.004   1.00 25.32  ? 259 ALA A N   1 
ATOM   61   C  CA  . ALA A 1 11  ? 5.769   -11.472 -0.248  1.00 25.83  ? 259 ALA A CA  1 
ATOM   62   C  C   . ALA A 1 11  ? 4.625   -10.906 -1.107  1.00 20.83  ? 259 ALA A C   1 
ATOM   63   O  O   . ALA A 1 11  ? 3.511   -11.423 -1.132  1.00 23.17  ? 259 ALA A O   1 
ATOM   64   C  CB  . ALA A 1 11  ? 6.556   -12.530 -1.010  1.00 30.46  ? 259 ALA A CB  1 
ATOM   65   N  N   . ILE A 1 12  ? 4.936   -9.820  -1.815  1.00 21.15  ? 260 ILE A N   1 
ATOM   66   C  CA  . ILE A 1 12  ? 4.041   -9.218  -2.789  1.00 18.97  ? 260 ILE A CA  1 
ATOM   67   C  C   . ILE A 1 12  ? 4.889   -8.753  -3.974  1.00 18.99  ? 260 ILE A C   1 
ATOM   68   O  O   . ILE A 1 12  ? 5.934   -8.105  -3.778  1.00 18.45  ? 260 ILE A O   1 
ATOM   69   C  CB  . ILE A 1 12  ? 3.316   -7.958  -2.247  1.00 21.46  ? 260 ILE A CB  1 
ATOM   70   C  CG1 . ILE A 1 12  ? 2.591   -8.200  -0.920  1.00 19.30  ? 260 ILE A CG1 1 
ATOM   71   C  CG2 . ILE A 1 12  ? 2.306   -7.433  -3.271  1.00 21.21  ? 260 ILE A CG2 1 
ATOM   72   C  CD1 . ILE A 1 12  ? 2.077   -6.912  -0.306  1.00 20.54  ? 260 ILE A CD1 1 
ATOM   73   N  N   . THR A 1 13  ? 4.449   -9.072  -5.194  1.00 18.73  ? 261 THR A N   1 
ATOM   74   C  CA  . THR A 1 13  ? 5.037   -8.513  -6.392  1.00 17.05  ? 261 THR A CA  1 
ATOM   75   C  C   . THR A 1 13  ? 3.913   -8.142  -7.334  1.00 17.72  ? 261 THR A C   1 
ATOM   76   O  O   . THR A 1 13  ? 2.940   -8.886  -7.457  1.00 21.05  ? 261 THR A O   1 
ATOM   77   C  CB  . THR A 1 13  ? 5.961   -9.503  -7.122  1.00 25.81  ? 261 THR A CB  1 
ATOM   78   O  OG1 . THR A 1 13  ? 6.899   -10.064 -6.197  1.00 34.17  ? 261 THR A OG1 1 
ATOM   79   C  CG2 . THR A 1 13  ? 6.732   -8.792  -8.215  1.00 22.99  ? 261 THR A CG2 1 
ATOM   80   N  N   . GLY A 1 14  ? 4.037   -6.983  -7.959  1.00 21.88  ? 262 GLY A N   1 
ATOM   81   C  CA  . GLY A 1 14  ? 3.130   -6.565  -9.019  1.00 22.95  ? 262 GLY A CA  1 
ATOM   82   C  C   . GLY A 1 14  ? 3.913   -5.770  -10.051 1.00 24.82  ? 262 GLY A C   1 
ATOM   83   O  O   . GLY A 1 14  ? 5.121   -5.540  -9.895  1.00 20.88  ? 262 GLY A O   1 
ATOM   84   N  N   . ILE A 1 15  ? 3.216   -5.351  -11.113 1.00 20.10  ? 263 ILE A N   1 
ATOM   85   C  CA  . ILE A 1 15  ? 3.799   -4.535  -12.160 1.00 18.69  ? 263 ILE A CA  1 
ATOM   86   C  C   . ILE A 1 15  ? 3.450   -3.061  -11.946 1.00 17.08  ? 263 ILE A C   1 
ATOM   87   O  O   . ILE A 1 15  ? 2.286   -2.716  -11.721 1.00 20.67  ? 263 ILE A O   1 
ATOM   88   C  CB  . ILE A 1 15  ? 3.321   -5.011  -13.556 1.00 19.87  ? 263 ILE A CB  1 
ATOM   89   C  CG1 . ILE A 1 15  ? 3.509   -6.525  -13.716 1.00 26.33  ? 263 ILE A CG1 1 
ATOM   90   C  CG2 . ILE A 1 15  ? 4.026   -4.233  -14.660 1.00 24.61  ? 263 ILE A CG2 1 
ATOM   91   C  CD1 . ILE A 1 15  ? 4.930   -7.018  -13.532 1.00 31.58  ? 263 ILE A CD1 1 
ATOM   92   N  N   . ASP A 1 16  ? 4.463   -2.187  -12.014 1.00 17.69  ? 264 ASP A N   1 
ATOM   93   C  CA  . ASP A 1 16  ? 4.286   -0.787  -11.710 1.00 20.17  ? 264 ASP A CA  1 
ATOM   94   C  C   . ASP A 1 16  ? 3.943   -0.025  -12.979 1.00 19.47  ? 264 ASP A C   1 
ATOM   95   O  O   . ASP A 1 16  ? 3.735   -0.651  -14.036 1.00 20.28  ? 264 ASP A O   1 
ATOM   96   C  CB  . ASP A 1 16  ? 5.507   -0.218  -10.939 1.00 20.64  ? 264 ASP A CB  1 
ATOM   97   C  CG  . ASP A 1 16  ? 6.751   0.031   -11.818 1.00 23.90  ? 264 ASP A CG  1 
ATOM   98   O  OD1 . ASP A 1 16  ? 6.746   -0.209  -13.037 1.00 21.42  ? 264 ASP A OD1 1 
ATOM   99   O  OD2 . ASP A 1 16  ? 7.773   0.507   -11.261 1.00 23.70  ? 264 ASP A OD2 1 
ATOM   100  N  N   . LEU A 1 17  ? 3.843   1.294   -12.873 1.00 18.60  ? 265 LEU A N   1 
ATOM   101  C  CA  . LEU A 1 17  ? 3.403   2.131   -14.003 1.00 19.24  ? 265 LEU A CA  1 
ATOM   102  C  C   . LEU A 1 17  ? 4.501   2.258   -15.077 1.00 20.49  ? 265 LEU A C   1 
ATOM   103  O  O   . LEU A 1 17  ? 4.262   2.742   -16.191 1.00 23.14  ? 265 LEU A O   1 
ATOM   104  C  CB  . LEU A 1 17  ? 2.985   3.513   -13.519 1.00 21.38  ? 265 LEU A CB  1 
ATOM   105  C  CG  . LEU A 1 17  ? 1.672   3.586   -12.731 1.00 22.87  ? 265 LEU A CG  1 
ATOM   106  C  CD1 . LEU A 1 17  ? 1.473   4.973   -12.159 1.00 27.67  ? 265 LEU A CD1 1 
ATOM   107  C  CD2 . LEU A 1 17  ? 0.497   3.184   -13.604 1.00 23.99  ? 265 LEU A CD2 1 
ATOM   108  N  N   . LYS A 1 18  ? 5.714   1.866   -14.729 1.00 18.59  ? 266 LYS A N   1 
ATOM   109  C  CA  . LYS A 1 18  ? 6.803   1.844   -15.718 1.00 21.48  ? 266 LYS A CA  1 
ATOM   110  C  C   . LYS A 1 18  ? 7.001   0.462   -16.353 1.00 22.52  ? 266 LYS A C   1 
ATOM   111  O  O   . LYS A 1 18  ? 7.953   0.236   -17.100 1.00 22.71  ? 266 LYS A O   1 
ATOM   112  C  CB  . LYS A 1 18  ? 8.102   2.350   -15.079 1.00 25.19  ? 266 LYS A CB  1 
ATOM   113  C  CG  . LYS A 1 18  ? 8.029   3.841   -14.791 1.00 31.39  ? 266 LYS A CG  1 
ATOM   114  C  CD  . LYS A 1 18  ? 9.331   4.409   -14.250 1.00 51.90  ? 266 LYS A CD  1 
ATOM   115  C  CE  . LYS A 1 18  ? 9.268   5.930   -14.221 1.00 72.19  ? 266 LYS A CE  1 
ATOM   116  N  NZ  . LYS A 1 18  ? 10.311  6.541   -13.353 1.00 92.08  ? 266 LYS A NZ  1 
ATOM   117  N  N   . GLY A 1 19  ? 6.081   -0.455  -16.085 1.00 18.81  ? 267 GLY A N   1 
ATOM   118  C  CA  . GLY A 1 19  ? 6.112   -1.770  -16.691 1.00 18.28  ? 267 GLY A CA  1 
ATOM   119  C  C   . GLY A 1 19  ? 7.120   -2.728  -16.102 1.00 21.80  ? 267 GLY A C   1 
ATOM   120  O  O   . GLY A 1 19  ? 7.495   -3.718  -16.738 1.00 23.55  ? 267 GLY A O   1 
ATOM   121  N  N   . ASN A 1 20  ? 7.549   -2.441  -14.873 1.00 19.28  ? 268 ASN A N   1 
ATOM   122  C  CA  . ASN A 1 20  ? 8.547   -3.251  -14.189 1.00 18.64  ? 268 ASN A CA  1 
ATOM   123  C  C   . ASN A 1 20  ? 7.959   -3.970  -12.972 1.00 21.06  ? 268 ASN A C   1 
ATOM   124  O  O   . ASN A 1 20  ? 7.020   -3.492  -12.361 1.00 21.39  ? 268 ASN A O   1 
ATOM   125  C  CB  . ASN A 1 20  ? 9.711   -2.376  -13.785 1.00 18.36  ? 268 ASN A CB  1 
ATOM   126  C  CG  . ASN A 1 20  ? 10.406  -1.772  -14.985 1.00 22.43  ? 268 ASN A CG  1 
ATOM   127  O  OD1 . ASN A 1 20  ? 10.675  -2.469  -15.950 1.00 23.38  ? 268 ASN A OD1 1 
ATOM   128  N  ND2 . ASN A 1 20  ? 10.669  -0.489  -14.933 1.00 23.31  ? 268 ASN A ND2 1 
ATOM   129  N  N   . SER A 1 21  ? 8.511   -5.127  -12.631 1.00 20.86  ? 269 SER A N   1 
ATOM   130  C  CA  . SER A 1 21  ? 8.065   -5.842  -11.457 1.00 21.32  ? 269 SER A CA  1 
ATOM   131  C  C   . SER A 1 21  ? 8.693   -5.170  -10.241 1.00 24.88  ? 269 SER A C   1 
ATOM   132  O  O   . SER A 1 21  ? 9.896   -4.908  -10.220 1.00 26.38  ? 269 SER A O   1 
ATOM   133  C  CB  . SER A 1 21  ? 8.504   -7.302  -11.519 1.00 34.06  ? 269 SER A CB  1 
ATOM   134  O  OG  . SER A 1 21  ? 7.652   -8.026  -12.377 1.00 54.14  ? 269 SER A OG  1 
ATOM   135  N  N   . VAL A 1 22  ? 7.872   -4.890  -9.238  1.00 19.65  ? 270 VAL A N   1 
ATOM   136  C  CA  . VAL A 1 22  ? 8.324   -4.245  -8.015  1.00 19.44  ? 270 VAL A CA  1 
ATOM   137  C  C   . VAL A 1 22  ? 7.663   -4.988  -6.861  1.00 19.30  ? 270 VAL A C   1 
ATOM   138  O  O   . VAL A 1 22  ? 6.445   -5.217  -6.875  1.00 20.35  ? 270 VAL A O   1 
ATOM   139  C  CB  . VAL A 1 22  ? 7.922   -2.756  -7.970  1.00 24.22  ? 270 VAL A CB  1 
ATOM   140  C  CG1 . VAL A 1 22  ? 8.359   -2.132  -6.649  1.00 22.72  ? 270 VAL A CG1 1 
ATOM   141  C  CG2 . VAL A 1 22  ? 8.558   -1.998  -9.129  1.00 25.16  ? 270 VAL A CG2 1 
ATOM   142  N  N   . SER A 1 23  ? 8.489   -5.404  -5.907  1.00 20.30  ? 271 SER A N   1 
ATOM   143  C  CA  A SER A 1 23  ? 8.070   -6.225  -4.778  0.50 18.29  ? 271 SER A CA  1 
ATOM   144  C  CA  B SER A 1 23  ? 8.045   -6.217  -4.789  0.50 19.47  ? 271 SER A CA  1 
ATOM   145  C  C   . SER A 1 23  ? 8.167   -5.459  -3.463  1.00 18.02  ? 271 SER A C   1 
ATOM   146  O  O   . SER A 1 23  ? 8.930   -4.529  -3.346  1.00 18.62  ? 271 SER A O   1 
ATOM   147  C  CB  A SER A 1 23  ? 8.994   -7.425  -4.641  0.50 21.81  ? 271 SER A CB  1 
ATOM   148  C  CB  B SER A 1 23  ? 8.872   -7.505  -4.719  0.50 27.59  ? 271 SER A CB  1 
ATOM   149  O  OG  A SER A 1 23  ? 10.263  -6.990  -4.208  0.50 23.96  ? 271 SER A OG  1 
ATOM   150  O  OG  B SER A 1 23  ? 8.742   -8.251  -5.924  0.50 23.93  ? 271 SER A OG  1 
ATOM   151  N  N   . LEU A 1 24  ? 7.417   -5.904  -2.475  1.00 18.75  ? 272 LEU A N   1 
ATOM   152  C  CA  . LEU A 1 24  ? 7.486   -5.312  -1.145  1.00 19.93  ? 272 LEU A CA  1 
ATOM   153  C  C   . LEU A 1 24  ? 8.924   -5.378  -0.614  1.00 16.91  ? 272 LEU A C   1 
ATOM   154  O  O   . LEU A 1 24  ? 9.407   -4.438  0.013   1.00 17.38  ? 272 LEU A O   1 
ATOM   155  C  CB  . LEU A 1 24  ? 6.525   -6.027  -0.203  1.00 19.89  ? 272 LEU A CB  1 
ATOM   156  C  CG  . LEU A 1 24  ? 6.557   -5.536  1.252   1.00 19.39  ? 272 LEU A CG  1 
ATOM   157  C  CD1 . LEU A 1 24  ? 6.286   -4.039  1.373   1.00 20.53  ? 272 LEU A CD1 1 
ATOM   158  C  CD2 . LEU A 1 24  ? 5.580   -6.361  2.075   1.00 22.15  ? 272 LEU A CD2 1 
ATOM   159  N  N   . ASN A 1 25  ? 9.609   -6.481  -0.893  1.00 19.13  ? 273 ASN A N   1 
ATOM   160  C  CA  . ASN A 1 25  ? 11.006  -6.676  -0.440  1.00 20.39  ? 273 ASN A CA  1 
ATOM   161  C  C   . ASN A 1 25  ? 11.959  -5.600  -0.970  1.00 22.11  ? 273 ASN A C   1 
ATOM   162  O  O   . ASN A 1 25  ? 12.992  -5.310  -0.359  1.00 21.66  ? 273 ASN A O   1 
ATOM   163  C  CB  . ASN A 1 25  ? 11.477  -8.074  -0.862  1.00 22.72  ? 273 ASN A CB  1 
ATOM   164  C  CG  . ASN A 1 25  ? 12.889  -8.393  -0.390  1.00 21.49  ? 273 ASN A CG  1 
ATOM   165  O  OD1 . ASN A 1 25  ? 13.159  -8.421  0.817   1.00 24.81  ? 273 ASN A OD1 1 
ATOM   166  N  ND2 . ASN A 1 25  ? 13.799  -8.635  -1.342  1.00 24.24  ? 273 ASN A ND2 1 
ATOM   167  N  N   . ASP A 1 26  ? 11.605  -4.976  -2.101  1.00 17.97  ? 274 ASP A N   1 
ATOM   168  C  CA  . ASP A 1 26  ? 12.427  -3.943  -2.683  1.00 18.56  ? 274 ASP A CA  1 
ATOM   169  C  C   . ASP A 1 26  ? 12.585  -2.753  -1.749  1.00 19.24  ? 274 ASP A C   1 
ATOM   170  O  O   . ASP A 1 26  ? 13.512  -1.953  -1.909  1.00 23.29  ? 274 ASP A O   1 
ATOM   171  C  CB  . ASP A 1 26  ? 11.849  -3.469  -4.026  1.00 22.84  ? 274 ASP A CB  1 
ATOM   172  C  CG  . ASP A 1 26  ? 12.028  -4.481  -5.139  1.00 29.77  ? 274 ASP A CG  1 
ATOM   173  O  OD1 . ASP A 1 26  ? 12.945  -5.343  -5.065  1.00 28.24  ? 274 ASP A OD1 1 
ATOM   174  O  OD2 . ASP A 1 26  ? 11.261  -4.399  -6.121  1.00 25.91  ? 274 ASP A OD2 1 
ATOM   175  N  N   . PHE A 1 27  ? 11.698  -2.647  -0.770  1.00 18.21  ? 275 PHE A N   1 
ATOM   176  C  CA  . PHE A 1 27  ? 11.687  -1.496  0.122   1.00 18.70  ? 275 PHE A CA  1 
ATOM   177  C  C   . PHE A 1 27  ? 12.200  -1.791  1.523   1.00 17.81  ? 275 PHE A C   1 
ATOM   178  O  O   . PHE A 1 27  ? 12.016  -0.981  2.450   1.00 19.43  ? 275 PHE A O   1 
ATOM   179  C  CB  . PHE A 1 27  ? 10.279  -0.930  0.183   1.00 20.00  ? 275 PHE A CB  1 
ATOM   180  C  CG  . PHE A 1 27  ? 9.755   -0.554  -1.168  1.00 19.09  ? 275 PHE A CG  1 
ATOM   181  C  CD1 . PHE A 1 27  ? 10.225  0.576   -1.809  1.00 22.74  ? 275 PHE A CD1 1 
ATOM   182  C  CD2 . PHE A 1 27  ? 8.827   -1.358  -1.813  1.00 26.57  ? 275 PHE A CD2 1 
ATOM   183  C  CE1 . PHE A 1 27  ? 9.764   0.912   -3.075  1.00 25.21  ? 275 PHE A CE1 1 
ATOM   184  C  CE2 . PHE A 1 27  ? 8.356   -1.022  -3.074  1.00 28.51  ? 275 PHE A CE2 1 
ATOM   185  C  CZ  . PHE A 1 27  ? 8.833   0.104   -3.705  1.00 24.74  ? 275 PHE A CZ  1 
ATOM   186  N  N   . LYS A 1 28  ? 12.847  -2.937  1.678   1.00 20.95  ? 276 LYS A N   1 
ATOM   187  C  CA  . LYS A 1 28  ? 13.559  -3.213  2.903   1.00 19.53  ? 276 LYS A CA  1 
ATOM   188  C  C   . LYS A 1 28  ? 14.492  -2.046  3.209   1.00 20.72  ? 276 LYS A C   1 
ATOM   189  O  O   . LYS A 1 28  ? 15.120  -1.461  2.308   1.00 21.48  ? 276 LYS A O   1 
ATOM   190  C  CB  . LYS A 1 28  ? 14.349  -4.522  2.789   1.00 23.27  ? 276 LYS A CB  1 
ATOM   191  C  CG  . LYS A 1 28  ? 13.491  -5.777  2.870   1.00 30.95  ? 276 LYS A CG  1 
ATOM   192  C  CD  . LYS A 1 28  ? 13.336  -6.250  4.301   1.00 35.42  ? 276 LYS A CD  1 
ATOM   193  C  CE  . LYS A 1 28  ? 12.365  -7.406  4.471   1.00 29.40  ? 276 LYS A CE  1 
ATOM   194  N  NZ  . LYS A 1 28  ? 12.332  -8.411  3.383   1.00 32.42  ? 276 LYS A NZ  1 
ATOM   195  N  N   . GLY A 1 29  ? 14.558  -1.691  4.485   1.00 21.59  ? 277 GLY A N   1 
ATOM   196  C  CA  . GLY A 1 29  ? 15.296  -0.518  4.901   1.00 20.21  ? 277 GLY A CA  1 
ATOM   197  C  C   . GLY A 1 29  ? 14.418  0.693   5.154   1.00 25.93  ? 277 GLY A C   1 
ATOM   198  O  O   . GLY A 1 29  ? 14.839  1.637   5.819   1.00 25.85  ? 277 GLY A O   1 
ATOM   199  N  N   . LYS A 1 30  ? 13.199  0.672   4.617   1.00 18.88  ? 278 LYS A N   1 
ATOM   200  C  CA  . LYS A 1 30  ? 12.246  1.752   4.822   1.00 19.27  ? 278 LYS A CA  1 
ATOM   201  C  C   . LYS A 1 30  ? 10.993  1.269   5.535   1.00 15.93  ? 278 LYS A C   1 
ATOM   202  O  O   . LYS A 1 30  ? 10.666  0.096   5.491   1.00 19.11  ? 278 LYS A O   1 
ATOM   203  C  CB  . LYS A 1 30  ? 11.814  2.349   3.485   1.00 20.68  ? 278 LYS A CB  1 
ATOM   204  C  CG  . LYS A 1 30  ? 12.930  3.059   2.765   1.00 27.77  ? 278 LYS A CG  1 
ATOM   205  C  CD  . LYS A 1 30  ? 12.438  3.675   1.477   1.00 23.82  ? 278 LYS A CD  1 
ATOM   206  C  CE  . LYS A 1 30  ? 13.585  4.347   0.748   1.00 35.52  ? 278 LYS A CE  1 
ATOM   207  N  NZ  . LYS A 1 30  ? 13.049  5.174   -0.362  1.00 43.49  ? 278 LYS A NZ  1 
ATOM   208  N  N   . TYR A 1 31  ? 10.323  2.186   6.240   1.00 19.91  ? 279 TYR A N   1 
ATOM   209  C  CA  . TYR A 1 31  ? 8.949   1.964   6.634   1.00 19.42  ? 279 TYR A CA  1 
ATOM   210  C  C   . TYR A 1 31  ? 8.115   2.072   5.363   1.00 18.97  ? 279 TYR A C   1 
ATOM   211  O  O   . TYR A 1 31  ? 8.344   2.950   4.541   1.00 18.82  ? 279 TYR A O   1 
ATOM   212  C  CB  . TYR A 1 31  ? 8.499   3.000   7.661   1.00 20.48  ? 279 TYR A CB  1 
ATOM   213  C  CG  . TYR A 1 31  ? 8.973   2.681   9.045   1.00 18.03  ? 279 TYR A CG  1 
ATOM   214  C  CD1 . TYR A 1 31  ? 8.278   1.796   9.850   1.00 19.01  ? 279 TYR A CD1 1 
ATOM   215  C  CD2 . TYR A 1 31  ? 10.094  3.304   9.569   1.00 18.27  ? 279 TYR A CD2 1 
ATOM   216  C  CE1 . TYR A 1 31  ? 8.704   1.508   11.139  1.00 20.45  ? 279 TYR A CE1 1 
ATOM   217  C  CE2 . TYR A 1 31  ? 10.529  3.016   10.846  1.00 18.91  ? 279 TYR A CE2 1 
ATOM   218  C  CZ  . TYR A 1 31  ? 9.845   2.113   11.622  1.00 20.49  ? 279 TYR A CZ  1 
ATOM   219  O  OH  . TYR A 1 31  ? 10.300  1.834   12.894  1.00 22.97  ? 279 TYR A OH  1 
ATOM   220  N  N   . VAL A 1 32  ? 7.154   1.162   5.217   1.00 16.80  ? 280 VAL A N   1 
ATOM   221  C  CA  . VAL A 1 32  ? 6.306   1.138   4.045   1.00 17.36  ? 280 VAL A CA  1 
ATOM   222  C  C   . VAL A 1 32  ? 4.861   1.021   4.487   1.00 15.87  ? 280 VAL A C   1 
ATOM   223  O  O   . VAL A 1 32  ? 4.507   0.082   5.182   1.00 16.93  ? 280 VAL A O   1 
ATOM   224  C  CB  . VAL A 1 32  ? 6.608   -0.100  3.172   1.00 23.25  ? 280 VAL A CB  1 
ATOM   225  C  CG1 . VAL A 1 32  ? 5.879   0.027   1.834   1.00 20.99  ? 280 VAL A CG1 1 
ATOM   226  C  CG2 . VAL A 1 32  ? 8.100   -0.270  2.951   1.00 23.81  ? 280 VAL A CG2 1 
ATOM   227  N  N   . LEU A 1 33  ? 4.032   1.961   4.061   1.00 16.71  ? 281 LEU A N   1 
ATOM   228  C  CA  . LEU A 1 33  ? 2.611   1.803   4.173   1.00 13.65  ? 281 LEU A CA  1 
ATOM   229  C  C   . LEU A 1 33  ? 2.201   0.994   2.960   1.00 16.30  ? 281 LEU A C   1 
ATOM   230  O  O   . LEU A 1 33  ? 2.506   1.371   1.821   1.00 16.86  ? 281 LEU A O   1 
ATOM   231  C  CB  . LEU A 1 33  ? 1.929   3.167   4.132   1.00 16.56  ? 281 LEU A CB  1 
ATOM   232  C  CG  . LEU A 1 33  ? 0.629   3.441   4.885   1.00 33.01  ? 281 LEU A CG  1 
ATOM   233  C  CD1 . LEU A 1 33  ? 0.699   3.107   6.375   1.00 23.24  ? 281 LEU A CD1 1 
ATOM   234  C  CD2 . LEU A 1 33  ? 0.323   4.922   4.727   1.00 33.20  ? 281 LEU A CD2 1 
ATOM   235  N  N   . VAL A 1 34  ? 1.557   -0.135  3.202   1.00 14.88  ? 282 VAL A N   1 
ATOM   236  C  CA  . VAL A 1 34  ? 1.036   -0.954  2.126   1.00 12.96  ? 282 VAL A CA  1 
ATOM   237  C  C   . VAL A 1 34  ? -0.485  -0.745  2.055   1.00 13.54  ? 282 VAL A C   1 
ATOM   238  O  O   . VAL A 1 34  ? -1.198  -0.944  3.051   1.00 16.85  ? 282 VAL A O   1 
ATOM   239  C  CB  . VAL A 1 34  ? 1.384   -2.425  2.344   1.00 17.07  ? 282 VAL A CB  1 
ATOM   240  C  CG1 . VAL A 1 34  ? 0.909   -3.264  1.168   1.00 17.49  ? 282 VAL A CG1 1 
ATOM   241  C  CG2 . VAL A 1 34  ? 2.882   -2.580  2.523   1.00 16.42  ? 282 VAL A CG2 1 
ATOM   242  N  N   . ASP A 1 35  ? -0.931  -0.264  0.904   1.00 15.02  ? 283 ASP A N   1 
ATOM   243  C  CA  . ASP A 1 35  ? -2.327  0.075   0.660   1.00 13.95  ? 283 ASP A CA  1 
ATOM   244  C  C   . ASP A 1 35  ? -2.910  -0.877  -0.365  1.00 15.72  ? 283 ASP A C   1 
ATOM   245  O  O   . ASP A 1 35  ? -2.596  -0.767  -1.548  1.00 16.19  ? 283 ASP A O   1 
ATOM   246  C  CB  . ASP A 1 35  ? -2.377  1.502   0.125   1.00 15.94  ? 283 ASP A CB  1 
ATOM   247  C  CG  . ASP A 1 35  ? -3.754  1.950   -0.228  1.00 26.15  ? 283 ASP A CG  1 
ATOM   248  O  OD1 . ASP A 1 35  ? -4.711  1.340   0.280   1.00 21.61  ? 283 ASP A OD1 1 
ATOM   249  O  OD2 . ASP A 1 35  ? -3.863  2.912   -1.035  1.00 20.75  ? 283 ASP A OD2 1 
ATOM   250  N  N   . PHE A 1 36  ? -3.705  -1.838  0.094   1.00 18.90  ? 284 PHE A N   1 
ATOM   251  C  CA  . PHE A 1 36  ? -4.420  -2.743  -0.790  1.00 16.84  ? 284 PHE A CA  1 
ATOM   252  C  C   . PHE A 1 36  ? -5.762  -2.111  -1.177  1.00 16.79  ? 284 PHE A C   1 
ATOM   253  O  O   . PHE A 1 36  ? -6.564  -1.719  -0.320  1.00 18.19  ? 284 PHE A O   1 
ATOM   254  C  CB  . PHE A 1 36  ? -4.705  -4.083  -0.116  1.00 15.18  ? 284 PHE A CB  1 
ATOM   255  C  CG  . PHE A 1 36  ? -3.478  -4.871  0.304   1.00 15.77  ? 284 PHE A CG  1 
ATOM   256  C  CD1 . PHE A 1 36  ? -2.885  -4.651  1.530   1.00 16.51  ? 284 PHE A CD1 1 
ATOM   257  C  CD2 . PHE A 1 36  ? -2.964  -5.869  -0.504  1.00 20.92  ? 284 PHE A CD2 1 
ATOM   258  C  CE1 . PHE A 1 36  ? -1.776  -5.402  1.928   1.00 17.71  ? 284 PHE A CE1 1 
ATOM   259  C  CE2 . PHE A 1 36  ? -1.872  -6.620  -0.105  1.00 22.26  ? 284 PHE A CE2 1 
ATOM   260  C  CZ  . PHE A 1 36  ? -1.276  -6.371  1.098   1.00 20.90  ? 284 PHE A CZ  1 
ATOM   261  N  N   . TRP A 1 37  ? -6.006  -2.033  -2.477  1.00 17.17  ? 285 TRP A N   1 
ATOM   262  C  CA  . TRP A 1 37  ? -7.138  -1.262  -2.991  1.00 16.97  ? 285 TRP A CA  1 
ATOM   263  C  C   . TRP A 1 37  ? -7.537  -1.709  -4.389  1.00 17.29  ? 285 TRP A C   1 
ATOM   264  O  O   . TRP A 1 37  ? -6.909  -2.568  -4.996  1.00 18.36  ? 285 TRP A O   1 
ATOM   265  C  CB  . TRP A 1 37  ? -6.787  0.232   -3.000  1.00 20.00  ? 285 TRP A CB  1 
ATOM   266  C  CG  . TRP A 1 37  ? -5.800  0.598   -4.066  1.00 17.43  ? 285 TRP A CG  1 
ATOM   267  C  CD1 . TRP A 1 37  ? -4.476  0.262   -4.110  1.00 15.79  ? 285 TRP A CD1 1 
ATOM   268  C  CD2 . TRP A 1 37  ? -6.051  1.359   -5.241  1.00 16.51  ? 285 TRP A CD2 1 
ATOM   269  N  NE1 . TRP A 1 37  ? -3.892  0.762   -5.228  1.00 21.62  ? 285 TRP A NE1 1 
ATOM   270  C  CE2 . TRP A 1 37  ? -4.842  1.426   -5.960  1.00 17.77  ? 285 TRP A CE2 1 
ATOM   271  C  CE3 . TRP A 1 37  ? -7.190  1.959   -5.781  1.00 21.96  ? 285 TRP A CE3 1 
ATOM   272  C  CZ2 . TRP A 1 37  ? -4.727  2.089   -7.165  1.00 19.51  ? 285 TRP A CZ2 1 
ATOM   273  C  CZ3 . TRP A 1 37  ? -7.073  2.612   -6.981  1.00 20.72  ? 285 TRP A CZ3 1 
ATOM   274  C  CH2 . TRP A 1 37  ? -5.845  2.678   -7.664  1.00 21.68  ? 285 TRP A CH2 1 
ATOM   275  N  N   . PHE A 1 38  ? -8.613  -1.115  -4.901  1.00 17.37  ? 286 PHE A N   1 
ATOM   276  C  CA  . PHE A 1 38  ? -8.931  -1.237  -6.307  1.00 17.96  ? 286 PHE A CA  1 
ATOM   277  C  C   . PHE A 1 38  ? -9.806  -0.036  -6.636  1.00 16.04  ? 286 PHE A C   1 
ATOM   278  O  O   . PHE A 1 38  ? -10.334 0.612   -5.745  1.00 16.56  ? 286 PHE A O   1 
ATOM   279  C  CB  . PHE A 1 38  ? -9.664  -2.555  -6.631  1.00 19.00  ? 286 PHE A CB  1 
ATOM   280  C  CG  . PHE A 1 38  ? -10.802 -2.848  -5.712  1.00 19.94  ? 286 PHE A CG  1 
ATOM   281  C  CD1 . PHE A 1 38  ? -10.577 -3.496  -4.502  1.00 26.63  ? 286 PHE A CD1 1 
ATOM   282  C  CD2 . PHE A 1 38  ? -12.096 -2.477  -6.033  1.00 24.96  ? 286 PHE A CD2 1 
ATOM   283  C  CE1 . PHE A 1 38  ? -11.626 -3.764  -3.635  1.00 26.98  ? 286 PHE A CE1 1 
ATOM   284  C  CE2 . PHE A 1 38  ? -13.152 -2.754  -5.171  1.00 27.95  ? 286 PHE A CE2 1 
ATOM   285  C  CZ  . PHE A 1 38  ? -12.911 -3.395  -3.968  1.00 23.40  ? 286 PHE A CZ  1 
ATOM   286  N  N   . ALA A 1 39  ? -9.922  0.268   -7.920  1.00 18.68  ? 287 ALA A N   1 
ATOM   287  C  CA  . ALA A 1 39  ? -10.577 1.483   -8.379  1.00 19.11  ? 287 ALA A CA  1 
ATOM   288  C  C   . ALA A 1 39  ? -12.019 1.627   -7.876  1.00 16.96  ? 287 ALA A C   1 
ATOM   289  O  O   . ALA A 1 39  ? -12.462 2.750   -7.586  1.00 21.05  ? 287 ALA A O   1 
ATOM   290  C  CB  . ALA A 1 39  ? -10.538 1.526   -9.903  1.00 20.28  ? 287 ALA A CB  1 
ATOM   291  N  N   . GLY A 1 40  ? -12.735 0.510   -7.763  1.00 19.52  ? 288 GLY A N   1 
ATOM   292  C  CA  . GLY A 1 40  ? -14.143 0.531   -7.345  1.00 20.22  ? 288 GLY A CA  1 
ATOM   293  C  C   . GLY A 1 40  ? -14.372 0.560   -5.841  1.00 23.01  ? 288 GLY A C   1 
ATOM   294  O  O   . GLY A 1 40  ? -15.497 0.357   -5.363  1.00 23.48  ? 288 GLY A O   1 
ATOM   295  N  N   . CYS A 1 41  ? -13.309 0.811   -5.088  1.00 21.99  ? 289 CYS A N   1 
ATOM   296  C  CA  . CYS A 1 41  ? -13.412 0.921   -3.637  1.00 20.25  ? 289 CYS A CA  1 
ATOM   297  C  C   . CYS A 1 41  ? -13.413 2.396   -3.242  1.00 20.11  ? 289 CYS A C   1 
ATOM   298  O  O   . CYS A 1 41  ? -12.349 3.049   -3.184  1.00 22.22  ? 289 CYS A O   1 
ATOM   299  C  CB  . CYS A 1 41  ? -12.231 0.186   -3.002  1.00 19.25  ? 289 CYS A CB  1 
ATOM   300  S  SG  . CYS A 1 41  ? -12.085 0.422   -1.228  1.00 19.10  ? 289 CYS A SG  1 
ATOM   301  N  N   . SER A 1 42  ? -14.600 2.942   -2.976  1.00 20.21  ? 290 SER A N   1 
ATOM   302  C  CA  A SER A 1 42  ? -14.760 4.377   -2.714  0.50 20.51  ? 290 SER A CA  1 
ATOM   303  C  CA  B SER A 1 42  ? -14.720 4.376   -2.757  0.50 21.09  ? 290 SER A CA  1 
ATOM   304  C  C   . SER A 1 42  ? -13.930 4.845   -1.529  1.00 19.19  ? 290 SER A C   1 
ATOM   305  O  O   . SER A 1 42  ? -13.220 5.835   -1.587  1.00 20.45  ? 290 SER A O   1 
ATOM   306  C  CB  A SER A 1 42  ? -16.222 4.700   -2.422  0.50 27.09  ? 290 SER A CB  1 
ATOM   307  C  CB  B SER A 1 42  ? -16.182 4.789   -2.637  0.50 26.84  ? 290 SER A CB  1 
ATOM   308  O  OG  A SER A 1 42  ? -16.956 4.833   -3.613  0.50 27.51  ? 290 SER A OG  1 
ATOM   309  O  OG  B SER A 1 42  ? -16.271 6.185   -2.451  0.50 32.95  ? 290 SER A OG  1 
ATOM   310  N  N   . TRP A 1 43  ? -14.043 4.120   -0.435  1.00 18.91  ? 291 TRP A N   1 
ATOM   311  C  CA  . TRP A 1 43  ? -13.348 4.499   0.767   1.00 19.93  ? 291 TRP A CA  1 
ATOM   312  C  C   . TRP A 1 43  ? -11.836 4.460   0.566   1.00 19.19  ? 291 TRP A C   1 
ATOM   313  O  O   . TRP A 1 43  ? -11.112 5.281   1.123   1.00 19.94  ? 291 TRP A O   1 
ATOM   314  C  CB  . TRP A 1 43  ? -13.728 3.560   1.909   1.00 26.85  ? 291 TRP A CB  1 
ATOM   315  C  CG  . TRP A 1 43  ? -13.776 4.324   3.080   1.00 34.73  ? 291 TRP A CG  1 
ATOM   316  C  CD1 . TRP A 1 43  ? -12.796 4.472   4.020   1.00 58.93  ? 291 TRP A CD1 1 
ATOM   317  C  CD2 . TRP A 1 43  ? -14.822 5.222   3.429   1.00 64.68  ? 291 TRP A CD2 1 
ATOM   318  N  NE1 . TRP A 1 43  ? -13.206 5.377   4.973   1.00 105.68 ? 291 TRP A NE1 1 
ATOM   319  C  CE2 . TRP A 1 43  ? -14.447 5.853   4.629   1.00 101.69 ? 291 TRP A CE2 1 
ATOM   320  C  CE3 . TRP A 1 43  ? -16.060 5.530   2.857   1.00 51.41  ? 291 TRP A CE3 1 
ATOM   321  C  CZ2 . TRP A 1 43  ? -15.267 6.778   5.268   1.00 86.40  ? 291 TRP A CZ2 1 
ATOM   322  C  CZ3 . TRP A 1 43  ? -16.868 6.445   3.489   1.00 63.76  ? 291 TRP A CZ3 1 
ATOM   323  C  CH2 . TRP A 1 43  ? -16.469 7.062   4.683   1.00 71.97  ? 291 TRP A CH2 1 
ATOM   324  N  N   . CYS A 1 44  ? -11.362 3.507   -0.224  1.00 20.76  ? 292 CYS A N   1 
ATOM   325  C  CA  . CYS A 1 44  ? -9.922  3.460   -0.580  1.00 22.25  ? 292 CYS A CA  1 
ATOM   326  C  C   . CYS A 1 44  ? -9.492  4.772   -1.244  1.00 22.44  ? 292 CYS A C   1 
ATOM   327  O  O   . CYS A 1 44  ? -8.468  5.369   -0.896  1.00 23.33  ? 292 CYS A O   1 
ATOM   328  C  CB  . CYS A 1 44  ? -9.633  2.290   -1.548  1.00 24.08  ? 292 CYS A CB  1 
ATOM   329  S  SG  . CYS A 1 44  ? -10.037 0.614   -0.957  1.00 24.22  ? 292 CYS A SG  1 
ATOM   330  N  N   . ARG A 1 45  ? -10.297 5.240   -2.188  1.00 21.82  ? 293 ARG A N   1 
ATOM   331  C  CA  . ARG A 1 45  ? -9.962  6.411   -2.960  1.00 21.47  ? 293 ARG A CA  1 
ATOM   332  C  C   . ARG A 1 45  ? -9.990  7.624   -2.041  1.00 22.70  ? 293 ARG A C   1 
ATOM   333  O  O   . ARG A 1 45  ? -9.182  8.549   -2.182  1.00 23.80  ? 293 ARG A O   1 
ATOM   334  C  CB  . ARG A 1 45  ? -10.979 6.621   -4.085  1.00 27.50  ? 293 ARG A CB  1 
ATOM   335  C  CG  . ARG A 1 45  ? -11.322 5.369   -4.888  1.00 41.52  ? 293 ARG A CG  1 
ATOM   336  C  CD  . ARG A 1 45  ? -10.290 5.029   -5.960  1.00 33.24  ? 293 ARG A CD  1 
ATOM   337  N  NE  . ARG A 1 45  ? -10.057 6.150   -6.879  1.00 27.86  ? 293 ARG A NE  1 
ATOM   338  C  CZ  . ARG A 1 45  ? -10.689 6.345   -8.036  1.00 24.95  ? 293 ARG A CZ  1 
ATOM   339  N  NH1 . ARG A 1 45  ? -11.579 5.490   -8.485  1.00 24.99  ? 293 ARG A NH1 1 
ATOM   340  N  NH2 . ARG A 1 45  ? -10.414 7.409   -8.754  1.00 27.09  ? 293 ARG A NH2 1 
ATOM   341  N  N   . LYS A 1 46  ? -10.939 7.635   -1.106  1.00 20.22  ? 294 LYS A N   1 
ATOM   342  C  CA  . LYS A 1 46  ? -11.074 8.769   -0.187  1.00 21.53  ? 294 LYS A CA  1 
ATOM   343  C  C   . LYS A 1 46  ? -9.918  8.903   0.791   1.00 19.65  ? 294 LYS A C   1 
ATOM   344  O  O   . LYS A 1 46  ? -9.768  9.939   1.435   1.00 20.38  ? 294 LYS A O   1 
ATOM   345  C  CB  . LYS A 1 46  ? -12.390 8.708   0.580   1.00 25.92  ? 294 LYS A CB  1 
ATOM   346  C  CG  . LYS A 1 46  ? -13.601 9.020   -0.282  1.00 24.54  ? 294 LYS A CG  1 
ATOM   347  C  CD  . LYS A 1 46  ? -14.905 8.775   0.461   1.00 34.70  ? 294 LYS A CD  1 
ATOM   348  C  CE  . LYS A 1 46  ? -15.156 9.887   1.465   1.00 49.00  ? 294 LYS A CE  1 
ATOM   349  N  NZ  . LYS A 1 46  ? -16.544 9.868   2.002   1.00 66.71  ? 294 LYS A NZ  1 
ATOM   350  N  N   . GLU A 1 47  ? -9.073  7.889   0.900   1.00 19.80  ? 295 GLU A N   1 
ATOM   351  C  CA  . GLU A 1 47  ? -7.919  7.990   1.780   1.00 20.15  ? 295 GLU A CA  1 
ATOM   352  C  C   . GLU A 1 47  ? -6.749  8.750   1.107   1.00 19.78  ? 295 GLU A C   1 
ATOM   353  O  O   . GLU A 1 47  ? -5.754  9.094   1.753   1.00 19.35  ? 295 GLU A O   1 
ATOM   354  C  CB  . GLU A 1 47  ? -7.433  6.586   2.181   1.00 20.44  ? 295 GLU A CB  1 
ATOM   355  C  CG  . GLU A 1 47  ? -8.374  5.812   3.086   1.00 20.68  ? 295 GLU A CG  1 
ATOM   356  C  CD  . GLU A 1 47  ? -8.651  6.523   4.390   1.00 28.69  ? 295 GLU A CD  1 
ATOM   357  O  OE1 . GLU A 1 47  ? -7.709  7.119   4.953   1.00 32.63  ? 295 GLU A OE1 1 
ATOM   358  O  OE2 . GLU A 1 47  ? -9.802  6.469   4.857   1.00 51.09  ? 295 GLU A OE2 1 
ATOM   359  N  N   . THR A 1 48  ? -6.874  8.986   -0.188  1.00 16.92  ? 296 THR A N   1 
ATOM   360  C  CA  . THR A 1 48  ? -5.812  9.586   -1.003  1.00 18.40  ? 296 THR A CA  1 
ATOM   361  C  C   . THR A 1 48  ? -5.165  10.845  -0.378  1.00 16.27  ? 296 THR A C   1 
ATOM   362  O  O   . THR A 1 48  ? -3.944  10.911  -0.263  1.00 18.15  ? 296 THR A O   1 
ATOM   363  C  CB  . THR A 1 48  ? -6.314  9.856   -2.435  1.00 23.59  ? 296 THR A CB  1 
ATOM   364  O  OG1 . THR A 1 48  ? -6.581  8.604   -3.067  1.00 22.74  ? 296 THR A OG1 1 
ATOM   365  C  CG2 . THR A 1 48  ? -5.243  10.575  -3.255  1.00 27.80  ? 296 THR A CG2 1 
ATOM   366  N  N   . PRO A 1 49  ? -5.967  11.852  -0.014  1.00 20.48  ? 297 PRO A N   1 
ATOM   367  C  CA  . PRO A 1 49  ? -5.375  13.070  0.570   1.00 22.29  ? 297 PRO A CA  1 
ATOM   368  C  C   . PRO A 1 49  ? -4.554  12.780  1.832   1.00 20.24  ? 297 PRO A C   1 
ATOM   369  O  O   . PRO A 1 49  ? -3.479  13.355  2.005   1.00 20.87  ? 297 PRO A O   1 
ATOM   370  C  CB  . PRO A 1 49  ? -6.586  13.941  0.942   1.00 22.83  ? 297 PRO A CB  1 
ATOM   371  C  CG  . PRO A 1 49  ? -7.772  13.306  0.306   1.00 34.78  ? 297 PRO A CG  1 
ATOM   372  C  CD  . PRO A 1 49  ? -7.441  11.881  -0.029  1.00 26.69  ? 297 PRO A CD  1 
ATOM   373  N  N   . TYR A 1 50  ? -5.040  11.888  2.687   1.00 20.02  ? 298 TYR A N   1 
ATOM   374  C  CA  . TYR A 1 50  ? -4.265  11.481  3.864   1.00 22.38  ? 298 TYR A CA  1 
ATOM   375  C  C   . TYR A 1 50  ? -2.982  10.761  3.500   1.00 19.81  ? 298 TYR A C   1 
ATOM   376  O  O   . TYR A 1 50  ? -1.952  10.993  4.124   1.00 18.69  ? 298 TYR A O   1 
ATOM   377  C  CB  . TYR A 1 50  ? -5.082  10.597  4.796   1.00 20.89  ? 298 TYR A CB  1 
ATOM   378  C  CG  . TYR A 1 50  ? -6.365  11.246  5.217   1.00 21.89  ? 298 TYR A CG  1 
ATOM   379  C  CD1 . TYR A 1 50  ? -6.395  12.130  6.282   1.00 27.05  ? 298 TYR A CD1 1 
ATOM   380  C  CD2 . TYR A 1 50  ? -7.536  10.981  4.540   1.00 28.40  ? 298 TYR A CD2 1 
ATOM   381  C  CE1 . TYR A 1 50  ? -7.578  12.733  6.662   1.00 31.92  ? 298 TYR A CE1 1 
ATOM   382  C  CE2 . TYR A 1 50  ? -8.723  11.569  4.912   1.00 33.52  ? 298 TYR A CE2 1 
ATOM   383  C  CZ  . TYR A 1 50  ? -8.740  12.442  5.968   1.00 39.85  ? 298 TYR A CZ  1 
ATOM   384  O  OH  . TYR A 1 50  ? -9.937  13.026  6.325   1.00 36.27  ? 298 TYR A OH  1 
ATOM   385  N  N   . LEU A 1 51  ? -3.055  9.844   2.538   1.00 19.84  ? 299 LEU A N   1 
ATOM   386  C  CA  . LEU A 1 51  ? -1.864  9.173   2.038   1.00 17.21  ? 299 LEU A CA  1 
ATOM   387  C  C   . LEU A 1 51  ? -0.856  10.134  1.414   1.00 17.16  ? 299 LEU A C   1 
ATOM   388  O  O   . LEU A 1 51  ? 0.344   10.036  1.651   1.00 19.76  ? 299 LEU A O   1 
ATOM   389  C  CB  . LEU A 1 51  ? -2.246  8.098   1.025   1.00 17.87  ? 299 LEU A CB  1 
ATOM   390  C  CG  . LEU A 1 51  ? -3.050  6.958   1.617   1.00 19.02  ? 299 LEU A CG  1 
ATOM   391  C  CD1 . LEU A 1 51  ? -3.795  6.201   0.516   1.00 22.74  ? 299 LEU A CD1 1 
ATOM   392  C  CD2 . LEU A 1 51  ? -2.112  5.999   2.353   1.00 21.74  ? 299 LEU A CD2 1 
ATOM   393  N  N   . LEU A 1 52  ? -1.334  11.097  0.626   1.00 16.86  ? 300 LEU A N   1 
ATOM   394  C  CA  . LEU A 1 52  ? -0.418  12.045  0.004   1.00 17.41  ? 300 LEU A CA  1 
ATOM   395  C  C   . LEU A 1 52  ? 0.245   12.963  1.042   1.00 20.80  ? 300 LEU A C   1 
ATOM   396  O  O   . LEU A 1 52  ? 1.450   13.198  0.967   1.00 21.49  ? 300 LEU A O   1 
ATOM   397  C  CB  . LEU A 1 52  ? -1.164  12.875  -1.058  1.00 20.19  ? 300 LEU A CB  1 
ATOM   398  C  CG  . LEU A 1 52  ? -0.302  13.641  -2.065  1.00 39.85  ? 300 LEU A CG  1 
ATOM   399  C  CD1 . LEU A 1 52  ? 0.655   12.718  -2.811  1.00 45.56  ? 300 LEU A CD1 1 
ATOM   400  C  CD2 . LEU A 1 52  ? -1.220  14.382  -3.034  1.00 41.56  ? 300 LEU A CD2 1 
ATOM   401  N  N   . LYS A 1 53  ? -0.534  13.449  2.006   1.00 22.93  ? 301 LYS A N   1 
ATOM   402  C  CA  . LYS A 1 53  ? -0.005  14.300  3.089   1.00 23.62  ? 301 LYS A CA  1 
ATOM   403  C  C   . LYS A 1 53  ? 1.107   13.548  3.824   1.00 28.14  ? 301 LYS A C   1 
ATOM   404  O  O   . LYS A 1 53  ? 2.152   14.094  4.151   1.00 21.70  ? 301 LYS A O   1 
ATOM   405  C  CB  . LYS A 1 53  ? -1.110  14.622  4.091   1.00 23.99  ? 301 LYS A CB  1 
ATOM   406  C  CG  . LYS A 1 53  ? -0.706  15.602  5.197   1.00 34.63  ? 301 LYS A CG  1 
ATOM   407  C  CD  . LYS A 1 53  ? -1.786  15.732  6.266   1.00 47.46  ? 301 LYS A CD  1 
ATOM   408  N  N   . THR A 1 54  ? 0.847   12.281  4.088   1.00 20.06  ? 302 THR A N   1 
ATOM   409  C  CA  . THR A 1 54  ? 1.808   11.420  4.829   1.00 16.24  ? 302 THR A CA  1 
ATOM   410  C  C   . THR A 1 54  ? 3.053   11.152  4.000   1.00 18.72  ? 302 THR A C   1 
ATOM   411  O  O   . THR A 1 54  ? 4.190   11.238  4.504   1.00 19.59  ? 302 THR A O   1 
ATOM   412  C  CB  . THR A 1 54  ? 1.114   10.105  5.222   1.00 15.98  ? 302 THR A CB  1 
ATOM   413  O  OG1 . THR A 1 54  ? -0.047  10.378  6.012   1.00 19.13  ? 302 THR A OG1 1 
ATOM   414  C  CG2 . THR A 1 54  ? 2.062   9.198   6.000   1.00 18.82  ? 302 THR A CG2 1 
ATOM   415  N  N   . TYR A 1 55  ? 2.865   10.856  2.717   1.00 19.73  ? 303 TYR A N   1 
ATOM   416  C  CA  . TYR A 1 55  ? 3.955   10.557  1.815   1.00 18.73  ? 303 TYR A CA  1 
ATOM   417  C  C   . TYR A 1 55  ? 4.864   11.776  1.709   1.00 23.20  ? 303 TYR A C   1 
ATOM   418  O  O   . TYR A 1 55  ? 6.092   11.673  1.795   1.00 23.75  ? 303 TYR A O   1 
ATOM   419  C  CB  . TYR A 1 55  ? 3.418   10.171  0.430   1.00 18.16  ? 303 TYR A CB  1 
ATOM   420  C  CG  . TYR A 1 55  ? 4.472   9.774   -0.583  1.00 19.58  ? 303 TYR A CG  1 
ATOM   421  C  CD1 . TYR A 1 55  ? 5.300   8.669   -0.383  1.00 21.86  ? 303 TYR A CD1 1 
ATOM   422  C  CD2 . TYR A 1 55  ? 4.623   10.487  -1.759  1.00 28.88  ? 303 TYR A CD2 1 
ATOM   423  C  CE1 . TYR A 1 55  ? 6.249   8.300   -1.320  1.00 22.96  ? 303 TYR A CE1 1 
ATOM   424  C  CE2 . TYR A 1 55  ? 5.577   10.133  -2.695  1.00 33.40  ? 303 TYR A CE2 1 
ATOM   425  C  CZ  . TYR A 1 55  ? 6.389   9.041   -2.476  1.00 29.81  ? 303 TYR A CZ  1 
ATOM   426  O  OH  . TYR A 1 55  ? 7.328   8.690   -3.414  1.00 36.30  ? 303 TYR A OH  1 
ATOM   427  N  N   . ASN A 1 56  ? 4.268   12.934  1.549   1.00 22.68  ? 304 ASN A N   1 
ATOM   428  C  CA  . ASN A 1 56  ? 5.036   14.145  1.436   1.00 23.70  ? 304 ASN A CA  1 
ATOM   429  C  C   . ASN A 1 56  ? 5.835   14.478  2.696   1.00 19.35  ? 304 ASN A C   1 
ATOM   430  O  O   . ASN A 1 56  ? 6.919   14.931  2.607   1.00 24.26  ? 304 ASN A O   1 
ATOM   431  C  CB  . ASN A 1 56  ? 4.147   15.319  1.008   1.00 25.40  ? 304 ASN A CB  1 
ATOM   432  C  CG  . ASN A 1 56  ? 3.875   15.329  -0.482  1.00 23.10  ? 304 ASN A CG  1 
ATOM   433  O  OD1 . ASN A 1 56  ? 4.645   14.829  -1.256  1.00 30.51  ? 304 ASN A OD1 1 
ATOM   434  N  ND2 . ASN A 1 56  ? 2.762   15.894  -0.871  1.00 23.89  ? 304 ASN A ND2 1 
ATOM   435  N  N   . ALA A 1 57  ? 5.256   14.269  3.855   1.00 21.92  ? 305 ALA A N   1 
ATOM   436  C  CA  . ALA A 1 57  ? 5.881   14.613  5.130   1.00 22.25  ? 305 ALA A CA  1 
ATOM   437  C  C   . ALA A 1 57  ? 7.093   13.741  5.443   1.00 28.06  ? 305 ALA A C   1 
ATOM   438  O  O   . ALA A 1 57  ? 8.057   14.221  6.016   1.00 26.36  ? 305 ALA A O   1 
ATOM   439  C  CB  . ALA A 1 57  ? 4.873   14.506  6.242   1.00 22.23  ? 305 ALA A CB  1 
ATOM   440  N  N   . PHE A 1 58  ? 7.029   12.463  5.067   1.00 20.87  ? 306 PHE A N   1 
ATOM   441  C  CA  . PHE A 1 58  ? 8.031   11.455  5.478   1.00 20.27  ? 306 PHE A CA  1 
ATOM   442  C  C   . PHE A 1 58  ? 8.883   10.766  4.386   1.00 21.04  ? 306 PHE A C   1 
ATOM   443  O  O   . PHE A 1 58  ? 9.820   9.995   4.702   1.00 20.47  ? 306 PHE A O   1 
ATOM   444  C  CB  . PHE A 1 58  ? 7.301   10.402  6.320   1.00 16.61  ? 306 PHE A CB  1 
ATOM   445  C  CG  . PHE A 1 58  ? 6.636   10.980  7.516   1.00 19.22  ? 306 PHE A CG  1 
ATOM   446  C  CD1 . PHE A 1 58  ? 7.398   11.527  8.541   1.00 21.20  ? 306 PHE A CD1 1 
ATOM   447  C  CD2 . PHE A 1 58  ? 5.267   11.102  7.582   1.00 19.07  ? 306 PHE A CD2 1 
ATOM   448  C  CE1 . PHE A 1 58  ? 6.797   12.110  9.632   1.00 27.54  ? 306 PHE A CE1 1 
ATOM   449  C  CE2 . PHE A 1 58  ? 4.662   11.689  8.683   1.00 23.88  ? 306 PHE A CE2 1 
ATOM   450  C  CZ  . PHE A 1 58  ? 5.429   12.194  9.704   1.00 25.96  ? 306 PHE A CZ  1 
ATOM   451  N  N   . LYS A 1 59  ? 8.580   11.023  3.116   1.00 20.73  ? 307 LYS A N   1 
ATOM   452  C  CA  . LYS A 1 59  ? 9.269   10.379  1.996   1.00 20.41  ? 307 LYS A CA  1 
ATOM   453  C  C   . LYS A 1 59  ? 10.789  10.591  1.988   1.00 28.20  ? 307 LYS A C   1 
ATOM   454  O  O   . LYS A 1 59  ? 11.505  9.838   1.360   1.00 30.18  ? 307 LYS A O   1 
ATOM   455  C  CB  . LYS A 1 59  ? 8.711   10.846  0.642   1.00 26.53  ? 307 LYS A CB  1 
ATOM   456  C  CG  . LYS A 1 59  ? 8.822   12.341  0.402   1.00 33.56  ? 307 LYS A CG  1 
ATOM   457  C  CD  . LYS A 1 59  ? 8.094   12.815  -0.856  1.00 45.58  ? 307 LYS A CD  1 
ATOM   458  C  CE  . LYS A 1 59  ? 8.202   14.333  -0.985  1.00 67.81  ? 307 LYS A CE  1 
ATOM   459  N  NZ  . LYS A 1 59  ? 7.331   14.919  -2.046  1.00 75.20  ? 307 LYS A NZ  1 
ATOM   460  N  N   . ASP A 1 60  ? 11.274  11.624  2.657   1.00 30.35  ? 308 ASP A N   1 
ATOM   461  C  CA  A ASP A 1 60  ? 12.711  11.868  2.662   0.50 34.32  ? 308 ASP A CA  1 
ATOM   462  C  CA  B ASP A 1 60  ? 12.702  11.905  2.693   0.50 34.76  ? 308 ASP A CA  1 
ATOM   463  C  C   . ASP A 1 60  ? 13.385  11.223  3.876   1.00 32.93  ? 308 ASP A C   1 
ATOM   464  O  O   . ASP A 1 60  ? 14.604  11.301  4.019   1.00 37.84  ? 308 ASP A O   1 
ATOM   465  C  CB  A ASP A 1 60  ? 13.004  13.372  2.625   0.50 33.53  ? 308 ASP A CB  1 
ATOM   466  C  CB  B ASP A 1 60  ? 12.929  13.411  2.807   0.50 33.68  ? 308 ASP A CB  1 
ATOM   467  C  CG  A ASP A 1 60  ? 12.484  14.043  1.354   0.50 40.91  ? 308 ASP A CG  1 
ATOM   468  C  CG  B ASP A 1 60  ? 14.272  13.834  2.270   0.50 46.70  ? 308 ASP A CG  1 
ATOM   469  O  OD1 A ASP A 1 60  ? 12.576  13.426  0.273   0.50 40.01  ? 308 ASP A OD1 1 
ATOM   470  O  OD1 B ASP A 1 60  ? 14.881  13.023  1.534   0.50 36.07  ? 308 ASP A OD1 1 
ATOM   471  O  OD2 A ASP A 1 60  ? 11.986  15.188  1.440   0.50 50.19  ? 308 ASP A OD2 1 
ATOM   472  O  OD2 B ASP A 1 60  ? 14.707  14.970  2.572   0.50 41.08  ? 308 ASP A OD2 1 
ATOM   473  N  N   . LYS A 1 61  ? 12.599  10.571  4.731   1.00 26.44  ? 309 LYS A N   1 
ATOM   474  C  CA  A LYS A 1 61  ? 13.114  10.079  6.010   0.50 23.85  ? 309 LYS A CA  1 
ATOM   475  C  CA  B LYS A 1 61  ? 13.105  10.078  6.014   0.50 24.77  ? 309 LYS A CA  1 
ATOM   476  C  C   . LYS A 1 61  ? 13.088  8.564   6.210   1.00 23.70  ? 309 LYS A C   1 
ATOM   477  O  O   . LYS A 1 61  ? 13.130  8.098   7.347   1.00 25.98  ? 309 LYS A O   1 
ATOM   478  C  CB  A LYS A 1 61  ? 12.351  10.733  7.151   0.50 22.98  ? 309 LYS A CB  1 
ATOM   479  C  CB  B LYS A 1 61  ? 12.320  10.726  7.146   0.50 26.71  ? 309 LYS A CB  1 
ATOM   480  C  CG  A LYS A 1 61  ? 12.265  12.243  7.072   0.50 29.66  ? 309 LYS A CG  1 
ATOM   481  C  CG  B LYS A 1 61  ? 12.440  12.235  7.187   0.50 34.46  ? 309 LYS A CG  1 
ATOM   482  C  CD  A LYS A 1 61  ? 11.376  12.763  8.185   0.50 28.01  ? 309 LYS A CD  1 
ATOM   483  C  CD  B LYS A 1 61  ? 11.345  12.852  8.037   0.50 34.12  ? 309 LYS A CD  1 
ATOM   484  C  CE  A LYS A 1 61  ? 11.436  14.276  8.306   0.50 40.60  ? 309 LYS A CE  1 
ATOM   485  C  CE  B LYS A 1 61  ? 11.530  14.357  8.117   0.50 48.07  ? 309 LYS A CE  1 
ATOM   486  N  NZ  A LYS A 1 61  ? 10.962  14.708  9.645   0.50 34.42  ? 309 LYS A NZ  1 
ATOM   487  N  NZ  B LYS A 1 61  ? 12.163  14.862  6.867   0.50 44.57  ? 309 LYS A NZ  1 
ATOM   488  N  N   . GLY A 1 62  ? 13.047  7.806   5.121   1.00 26.09  ? 310 GLY A N   1 
ATOM   489  C  CA  . GLY A 1 62  ? 13.067  6.352   5.210   1.00 30.62  ? 310 GLY A CA  1 
ATOM   490  C  C   . GLY A 1 62  ? 11.653  5.786   5.232   1.00 25.36  ? 310 GLY A C   1 
ATOM   491  O  O   . GLY A 1 62  ? 11.345  4.892   6.027   1.00 23.71  ? 310 GLY A O   1 
ATOM   492  N  N   . PHE A 1 63  ? 10.801  6.362   4.386   1.00 23.43  ? 311 PHE A N   1 
ATOM   493  C  CA  . PHE A 1 63  ? 9.398   5.971   4.296   1.00 20.34  ? 311 PHE A CA  1 
ATOM   494  C  C   . PHE A 1 63  ? 8.918   6.007   2.859   1.00 18.93  ? 311 PHE A C   1 
ATOM   495  O  O   . PHE A 1 63  ? 9.254   6.910   2.089   1.00 20.11  ? 311 PHE A O   1 
ATOM   496  C  CB  . PHE A 1 63  ? 8.535   6.923   5.102   1.00 20.35  ? 311 PHE A CB  1 
ATOM   497  C  CG  . PHE A 1 63  ? 7.051   6.694   4.938   1.00 15.84  ? 311 PHE A CG  1 
ATOM   498  C  CD1 . PHE A 1 63  ? 6.441   5.637   5.559   1.00 17.99  ? 311 PHE A CD1 1 
ATOM   499  C  CD2 . PHE A 1 63  ? 6.274   7.539   4.143   1.00 17.57  ? 311 PHE A CD2 1 
ATOM   500  C  CE1 . PHE A 1 63  ? 5.089   5.428   5.421   1.00 13.77  ? 311 PHE A CE1 1 
ATOM   501  C  CE2 . PHE A 1 63  ? 4.927   7.331   3.989   1.00 21.46  ? 311 PHE A CE2 1 
ATOM   502  C  CZ  . PHE A 1 63  ? 4.319   6.274   4.625   1.00 20.34  ? 311 PHE A CZ  1 
ATOM   503  N  N   . THR A 1 64  ? 8.088   5.035   2.497   1.00 17.96  ? 312 THR A N   1 
ATOM   504  C  CA  . THR A 1 64  ? 7.363   5.135   1.241   1.00 18.21  ? 312 THR A CA  1 
ATOM   505  C  C   . THR A 1 64  ? 5.966   4.483   1.339   1.00 14.84  ? 312 THR A C   1 
ATOM   506  O  O   . THR A 1 64  ? 5.595   3.902   2.357   1.00 17.18  ? 312 THR A O   1 
ATOM   507  C  CB  . THR A 1 64  ? 8.169   4.569   0.054   1.00 23.86  ? 312 THR A CB  1 
ATOM   508  O  OG1 . THR A 1 64  ? 7.552   4.965   -1.177  1.00 22.05  ? 312 THR A OG1 1 
ATOM   509  C  CG2 . THR A 1 64  ? 8.296   3.053   0.123   1.00 24.11  ? 312 THR A CG2 1 
ATOM   510  N  N   . ILE A 1 65  ? 5.190   4.645   0.274   1.00 16.18  ? 313 ILE A N   1 
ATOM   511  C  CA  . ILE A 1 65  ? 3.908   3.963   0.156   1.00 15.36  ? 313 ILE A CA  1 
ATOM   512  C  C   . ILE A 1 65  ? 3.983   3.029   -1.030  1.00 12.65  ? 313 ILE A C   1 
ATOM   513  O  O   . ILE A 1 65  ? 4.473   3.387   -2.124  1.00 16.38  ? 313 ILE A O   1 
ATOM   514  C  CB  . ILE A 1 65  ? 2.730   4.953   -0.010  1.00 16.81  ? 313 ILE A CB  1 
ATOM   515  C  CG1 . ILE A 1 65  ? 2.692   5.951   1.177   1.00 16.46  ? 313 ILE A CG1 1 
ATOM   516  C  CG2 . ILE A 1 65  ? 1.414   4.194   -0.171  1.00 20.97  ? 313 ILE A CG2 1 
ATOM   517  C  CD1 . ILE A 1 65  ? 1.613   7.022   1.084   1.00 20.62  ? 313 ILE A CD1 1 
ATOM   518  N  N   . TYR A 1 66  ? 3.501   1.808   -0.800  1.00 14.98  ? 314 TYR A N   1 
ATOM   519  C  CA  . TYR A 1 66  ? 3.429   0.760   -1.803  1.00 15.22  ? 314 TYR A CA  1 
ATOM   520  C  C   . TYR A 1 66  ? 1.950   0.411   -1.997  1.00 16.07  ? 314 TYR A C   1 
ATOM   521  O  O   . TYR A 1 66  ? 1.298   -0.198  -1.134  1.00 16.47  ? 314 TYR A O   1 
ATOM   522  C  CB  . TYR A 1 66  ? 4.232   -0.449  -1.322  1.00 16.15  ? 314 TYR A CB  1 
ATOM   523  C  CG  . TYR A 1 66  ? 4.331   -1.660  -2.249  1.00 15.96  ? 314 TYR A CG  1 
ATOM   524  C  CD1 . TYR A 1 66  ? 4.889   -1.570  -3.515  1.00 15.35  ? 314 TYR A CD1 1 
ATOM   525  C  CD2 . TYR A 1 66  ? 3.951   -2.915  -1.798  1.00 15.36  ? 314 TYR A CD2 1 
ATOM   526  C  CE1 . TYR A 1 66  ? 5.019   -2.687  -4.323  1.00 15.72  ? 314 TYR A CE1 1 
ATOM   527  C  CE2 . TYR A 1 66  ? 4.067   -4.033  -2.592  1.00 17.04  ? 314 TYR A CE2 1 
ATOM   528  C  CZ  . TYR A 1 66  ? 4.610   -3.925  -3.849  1.00 17.85  ? 314 TYR A CZ  1 
ATOM   529  O  OH  . TYR A 1 66  ? 4.726   -5.052  -4.630  1.00 17.04  ? 314 TYR A OH  1 
ATOM   530  N  N   . GLY A 1 67  ? 1.389   0.866   -3.115  1.00 15.67  ? 315 GLY A N   1 
ATOM   531  C  CA  . GLY A 1 67  ? -0.007  0.590   -3.403  1.00 18.35  ? 315 GLY A CA  1 
ATOM   532  C  C   . GLY A 1 67  ? -0.149  -0.676  -4.222  1.00 15.32  ? 315 GLY A C   1 
ATOM   533  O  O   . GLY A 1 67  ? 0.587   -0.886  -5.204  1.00 16.83  ? 315 GLY A O   1 
ATOM   534  N  N   . VAL A 1 68  ? -1.086  -1.525  -3.796  1.00 17.47  ? 316 VAL A N   1 
ATOM   535  C  CA  . VAL A 1 68  ? -1.287  -2.843  -4.370  1.00 14.15  ? 316 VAL A CA  1 
ATOM   536  C  C   . VAL A 1 68  ? -2.723  -2.997  -4.802  1.00 16.22  ? 316 VAL A C   1 
ATOM   537  O  O   . VAL A 1 68  ? -3.616  -3.070  -3.960  1.00 16.98  ? 316 VAL A O   1 
ATOM   538  C  CB  . VAL A 1 68  ? -0.924  -3.944  -3.357  1.00 18.75  ? 316 VAL A CB  1 
ATOM   539  C  CG1 . VAL A 1 68  ? -1.089  -5.321  -3.980  1.00 20.93  ? 316 VAL A CG1 1 
ATOM   540  C  CG2 . VAL A 1 68  ? 0.484   -3.738  -2.838  1.00 16.71  ? 316 VAL A CG2 1 
ATOM   541  N  N   . SER A 1 69  ? -2.959  -2.991  -6.121  1.00 15.78  ? 317 SER A N   1 
ATOM   542  C  CA  . SER A 1 69  ? -4.327  -3.104  -6.640  1.00 15.37  ? 317 SER A CA  1 
ATOM   543  C  C   . SER A 1 69  ? -4.674  -4.492  -7.111  1.00 19.88  ? 317 SER A C   1 
ATOM   544  O  O   . SER A 1 69  ? -3.846  -5.200  -7.695  1.00 19.06  ? 317 SER A O   1 
ATOM   545  C  CB  . SER A 1 69  ? -4.572  -2.124  -7.790  1.00 18.51  ? 317 SER A CB  1 
ATOM   546  O  OG  . SER A 1 69  ? -5.847  -2.330  -8.385  1.00 19.30  ? 317 SER A OG  1 
ATOM   547  N  N   . THR A 1 70  ? -5.927  -4.848  -6.855  1.00 17.78  ? 318 THR A N   1 
ATOM   548  C  CA  . THR A 1 70  ? -6.522  -6.083  -7.312  1.00 19.86  ? 318 THR A CA  1 
ATOM   549  C  C   . THR A 1 70  ? -7.440  -5.859  -8.523  1.00 22.98  ? 318 THR A C   1 
ATOM   550  O  O   . THR A 1 70  ? -8.209  -6.731  -8.893  1.00 21.80  ? 318 THR A O   1 
ATOM   551  C  CB  . THR A 1 70  ? -7.361  -6.723  -6.197  1.00 20.71  ? 318 THR A CB  1 
ATOM   552  O  OG1 . THR A 1 70  ? -8.425  -5.848  -5.827  1.00 21.90  ? 318 THR A OG1 1 
ATOM   553  C  CG2 . THR A 1 70  ? -6.517  -7.032  -4.975  1.00 21.02  ? 318 THR A CG2 1 
ATOM   554  N  N   . ASP A 1 71  ? -7.343  -4.710  -9.152  1.00 21.55  ? 319 ASP A N   1 
ATOM   555  C  CA  . ASP A 1 71  ? -8.203  -4.399  -10.297 1.00 21.91  ? 319 ASP A CA  1 
ATOM   556  C  C   . ASP A 1 71  ? -8.130  -5.467  -11.395 1.00 21.55  ? 319 ASP A C   1 
ATOM   557  O  O   . ASP A 1 71  ? -7.044  -5.875  -11.812 1.00 23.39  ? 319 ASP A O   1 
ATOM   558  C  CB  . ASP A 1 71  ? -7.807  -3.049  -10.891 1.00 20.83  ? 319 ASP A CB  1 
ATOM   559  C  CG  . ASP A 1 71  ? -8.553  -1.903  -10.252 1.00 25.24  ? 319 ASP A CG  1 
ATOM   560  O  OD1 . ASP A 1 71  ? -9.779  -1.837  -10.444 1.00 26.09  ? 319 ASP A OD1 1 
ATOM   561  O  OD2 . ASP A 1 71  ? -7.905  -1.079  -9.585  1.00 21.45  ? 319 ASP A OD2 1 
ATOM   562  N  N   . ARG A 1 72  ? -9.303  -5.907  -11.872 1.00 22.58  ? 320 ARG A N   1 
ATOM   563  C  CA  . ARG A 1 72  ? -9.368  -6.870  -12.961 1.00 27.63  ? 320 ARG A CA  1 
ATOM   564  C  C   . ARG A 1 72  ? -8.966  -6.208  -14.275 1.00 28.02  ? 320 ARG A C   1 
ATOM   565  O  O   . ARG A 1 72  ? -8.404  -6.853  -15.160 1.00 31.43  ? 320 ARG A O   1 
ATOM   566  C  CB  . ARG A 1 72  ? -10.781 -7.462  -13.082 1.00 35.68  ? 320 ARG A CB  1 
ATOM   567  C  CG  . ARG A 1 72  ? -11.233 -8.268  -11.867 1.00 49.51  ? 320 ARG A CG  1 
ATOM   568  C  CD  . ARG A 1 72  ? -12.077 -9.478  -12.263 1.00 76.66  ? 320 ARG A CD  1 
ATOM   569  N  NE  . ARG A 1 72  ? -12.575 -9.400  -13.637 1.00 85.07  ? 320 ARG A NE  1 
ATOM   570  C  CZ  . ARG A 1 72  ? -12.155 -10.180 -14.632 1.00 101.79 ? 320 ARG A CZ  1 
ATOM   571  N  NH1 . ARG A 1 72  ? -11.233 -11.109 -14.411 1.00 83.19  ? 320 ARG A NH1 1 
ATOM   572  N  NH2 . ARG A 1 72  ? -12.659 -10.037 -15.851 1.00 82.06  ? 320 ARG A NH2 1 
ATOM   573  N  N   . ARG A 1 73  ? -9.206  -4.918  -14.380 1.00 23.78  ? 321 ARG A N   1 
ATOM   574  C  CA  . ARG A 1 73  ? -8.829  -4.212  -15.576 1.00 24.20  ? 321 ARG A CA  1 
ATOM   575  C  C   . ARG A 1 73  ? -7.777  -3.146  -15.360 1.00 22.61  ? 321 ARG A C   1 
ATOM   576  O  O   . ARG A 1 73  ? -7.953  -2.235  -14.603 1.00 22.54  ? 321 ARG A O   1 
ATOM   577  C  CB  . ARG A 1 73  ? -10.049 -3.591  -16.217 1.00 36.04  ? 321 ARG A CB  1 
ATOM   578  C  CG  . ARG A 1 73  ? -11.117 -4.602  -16.522 1.00 47.19  ? 321 ARG A CG  1 
ATOM   579  C  CD  . ARG A 1 73  ? -12.080 -4.079  -17.554 1.00 78.32  ? 321 ARG A CD  1 
ATOM   580  N  NE  . ARG A 1 73  ? -12.895 -2.998  -17.035 1.00 103.73 ? 321 ARG A NE  1 
ATOM   581  C  CZ  . ARG A 1 73  ? -13.110 -1.858  -17.676 1.00 99.35  ? 321 ARG A CZ  1 
ATOM   582  N  NH1 . ARG A 1 73  ? -12.577 -1.657  -18.875 1.00 100.70 ? 321 ARG A NH1 1 
ATOM   583  N  NH2 . ARG A 1 73  ? -13.869 -0.921  -17.126 1.00 106.63 ? 321 ARG A NH2 1 
ATOM   584  N  N   . GLU A 1 74  ? -6.706  -3.268  -16.107 1.00 25.41  ? 322 GLU A N   1 
ATOM   585  C  CA  . GLU A 1 74  ? -5.611  -2.338  -16.044 1.00 26.49  ? 322 GLU A CA  1 
ATOM   586  C  C   . GLU A 1 74  ? -6.070  -0.908  -16.320 1.00 24.90  ? 322 GLU A C   1 
ATOM   587  O  O   . GLU A 1 74  ? -5.612  0.040   -15.676 1.00 24.44  ? 322 GLU A O   1 
ATOM   588  C  CB  . GLU A 1 74  ? -4.537  -2.767  -17.041 1.00 31.59  ? 322 GLU A CB  1 
ATOM   589  C  CG  . GLU A 1 74  ? -3.252  -1.980  -16.985 1.00 45.25  ? 322 GLU A CG  1 
ATOM   590  C  CD  . GLU A 1 74  ? -2.211  -2.564  -17.919 1.00 56.04  ? 322 GLU A CD  1 
ATOM   591  O  OE1 . GLU A 1 74  ? -1.696  -1.818  -18.777 1.00 78.50  ? 322 GLU A OE1 1 
ATOM   592  O  OE2 . GLU A 1 74  ? -1.931  -3.776  -17.802 1.00 51.25  ? 322 GLU A OE2 1 
ATOM   593  N  N   . GLU A 1 75  ? -7.013  -0.739  -17.244 1.00 23.65  ? 323 GLU A N   1 
ATOM   594  C  CA  A GLU A 1 75  ? -7.504  0.590   -17.587 0.50 23.65  ? 323 GLU A CA  1 
ATOM   595  C  CA  B GLU A 1 75  ? -7.479  0.601   -17.583 0.50 24.06  ? 323 GLU A CA  1 
ATOM   596  C  C   . GLU A 1 75  ? -8.151  1.277   -16.387 1.00 24.97  ? 323 GLU A C   1 
ATOM   597  O  O   . GLU A 1 75  ? -7.958  2.464   -16.177 1.00 25.80  ? 323 GLU A O   1 
ATOM   598  C  CB  A GLU A 1 75  ? -8.504  0.511   -18.749 0.50 30.26  ? 323 GLU A CB  1 
ATOM   599  C  CB  B GLU A 1 75  ? -8.440  0.567   -18.776 0.50 31.20  ? 323 GLU A CB  1 
ATOM   600  C  CG  A GLU A 1 75  ? -9.543  -0.592  -18.618 0.50 35.32  ? 323 GLU A CG  1 
ATOM   601  C  CG  B GLU A 1 75  ? -9.012  1.930   -19.151 0.50 36.79  ? 323 GLU A CG  1 
ATOM   602  C  CD  A GLU A 1 75  ? -10.326 -0.814  -19.902 0.50 49.94  ? 323 GLU A CD  1 
ATOM   603  C  CD  B GLU A 1 75  ? -8.139  2.720   -20.115 0.50 47.42  ? 323 GLU A CD  1 
ATOM   604  O  OE1 A GLU A 1 75  ? -10.082 -1.840  -20.580 0.50 46.72  ? 323 GLU A OE1 1 
ATOM   605  O  OE1 B GLU A 1 75  ? -8.646  3.707   -20.686 0.50 44.77  ? 323 GLU A OE1 1 
ATOM   606  O  OE2 A GLU A 1 75  ? -11.178 0.037   -20.237 0.50 43.58  ? 323 GLU A OE2 1 
ATOM   607  O  OE2 B GLU A 1 75  ? -6.955  2.370   -20.307 0.50 35.08  ? 323 GLU A OE2 1 
ATOM   608  N  N   . ASP A 1 76  ? -8.927  0.516   -15.609 1.00 25.24  ? 324 ASP A N   1 
ATOM   609  C  CA  . ASP A 1 76  ? -9.615  1.056   -14.430 1.00 22.34  ? 324 ASP A CA  1 
ATOM   610  C  C   . ASP A 1 76  ? -8.608  1.526   -13.378 1.00 21.71  ? 324 ASP A C   1 
ATOM   611  O  O   . ASP A 1 76  ? -8.780  2.586   -12.756 1.00 23.67  ? 324 ASP A O   1 
ATOM   612  C  CB  . ASP A 1 76  ? -10.540 0.017   -13.777 1.00 22.68  ? 324 ASP A CB  1 
ATOM   613  C  CG  . ASP A 1 76  ? -11.733 -0.361  -14.631 1.00 37.19  ? 324 ASP A CG  1 
ATOM   614  O  OD1 . ASP A 1 76  ? -12.107 0.399   -15.544 1.00 34.99  ? 324 ASP A OD1 1 
ATOM   615  O  OD2 . ASP A 1 76  ? -12.309 -1.436  -14.352 1.00 34.80  ? 324 ASP A OD2 1 
ATOM   616  N  N   . TRP A 1 77  ? -7.573  0.716   -13.182 1.00 20.50  ? 325 TRP A N   1 
ATOM   617  C  CA  . TRP A 1 77  ? -6.477  1.023   -12.264 1.00 21.46  ? 325 TRP A CA  1 
ATOM   618  C  C   . TRP A 1 77  ? -5.763  2.322   -12.647 1.00 19.74  ? 325 TRP A C   1 
ATOM   619  O  O   . TRP A 1 77  ? -5.591  3.224   -11.820 1.00 21.21  ? 325 TRP A O   1 
ATOM   620  C  CB  . TRP A 1 77  ? -5.517  -0.159  -12.278 1.00 21.94  ? 325 TRP A CB  1 
ATOM   621  C  CG  . TRP A 1 77  ? -4.260  -0.012  -11.526 1.00 20.98  ? 325 TRP A CG  1 
ATOM   622  C  CD1 . TRP A 1 77  ? -4.130  0.203   -10.175 1.00 22.95  ? 325 TRP A CD1 1 
ATOM   623  C  CD2 . TRP A 1 77  ? -2.919  -0.114  -12.047 1.00 18.62  ? 325 TRP A CD2 1 
ATOM   624  N  NE1 . TRP A 1 77  ? -2.804  0.254   -9.838  1.00 20.53  ? 325 TRP A NE1 1 
ATOM   625  C  CE2 . TRP A 1 77  ? -2.038  0.055   -10.960 1.00 20.46  ? 325 TRP A CE2 1 
ATOM   626  C  CE3 . TRP A 1 77  ? -2.381  -0.340  -13.321 1.00 21.45  ? 325 TRP A CE3 1 
ATOM   627  C  CZ2 . TRP A 1 77  ? -0.651  0.026   -11.110 1.00 19.01  ? 325 TRP A CZ2 1 
ATOM   628  C  CZ3 . TRP A 1 77  ? -0.990  -0.380  -13.465 1.00 25.36  ? 325 TRP A CZ3 1 
ATOM   629  C  CH2 . TRP A 1 77  ? -0.147  -0.188  -12.363 1.00 23.85  ? 325 TRP A CH2 1 
ATOM   630  N  N   . LYS A 1 78  ? -5.371  2.443   -13.911 1.00 19.52  ? 326 LYS A N   1 
ATOM   631  C  CA  . LYS A 1 78  ? -4.668  3.633   -14.370 1.00 21.42  ? 326 LYS A CA  1 
ATOM   632  C  C   . LYS A 1 78  ? -5.540  4.887   -14.310 1.00 19.89  ? 326 LYS A C   1 
ATOM   633  O  O   . LYS A 1 78  ? -5.079  5.974   -13.901 1.00 23.96  ? 326 LYS A O   1 
ATOM   634  C  CB  . LYS A 1 78  ? -4.102  3.389   -15.784 1.00 21.34  ? 326 LYS A CB  1 
ATOM   635  C  CG  . LYS A 1 78  ? -2.930  2.419   -15.755 1.00 22.01  ? 326 LYS A CG  1 
ATOM   636  C  CD  . LYS A 1 78  ? -2.258  2.194   -17.099 1.00 32.11  ? 326 LYS A CD  1 
ATOM   637  C  CE  . LYS A 1 78  ? -3.205  1.581   -18.116 1.00 42.64  ? 326 LYS A CE  1 
ATOM   638  N  NZ  . LYS A 1 78  ? -2.472  1.163   -19.342 1.00 47.64  ? 326 LYS A NZ  1 
ATOM   639  N  N   . LYS A 1 79  ? -6.805  4.743   -14.670 1.00 24.50  ? 327 LYS A N   1 
ATOM   640  C  CA  . LYS A 1 79  ? -7.718  5.871   -14.609 1.00 24.48  ? 327 LYS A CA  1 
ATOM   641  C  C   . LYS A 1 79  ? -7.849  6.361   -13.176 1.00 30.42  ? 327 LYS A C   1 
ATOM   642  O  O   . LYS A 1 79  ? -7.920  7.554   -12.948 1.00 24.51  ? 327 LYS A O   1 
ATOM   643  C  CB  . LYS A 1 79  ? -9.092  5.515   -15.162 1.00 30.25  ? 327 LYS A CB  1 
ATOM   644  C  CG  . LYS A 1 79  ? -9.126  5.367   -16.674 1.00 44.63  ? 327 LYS A CG  1 
ATOM   645  C  CD  . LYS A 1 79  ? -10.473 4.842   -17.169 1.00 63.51  ? 327 LYS A CD  1 
ATOM   646  C  CE  . LYS A 1 79  ? -10.559 4.895   -18.693 1.00 81.47  ? 327 LYS A CE  1 
ATOM   647  N  NZ  . LYS A 1 79  ? -11.666 4.073   -19.266 1.00 69.90  ? 327 LYS A NZ  1 
ATOM   648  N  N   . ALA A 1 80  ? -7.875  5.447   -12.207 1.00 21.00  ? 328 ALA A N   1 
ATOM   649  C  CA  . ALA A 1 80  ? -8.058  5.851   -10.826 1.00 22.58  ? 328 ALA A CA  1 
ATOM   650  C  C   . ALA A 1 80  ? -6.834  6.618   -10.350 1.00 19.12  ? 328 ALA A C   1 
ATOM   651  O  O   . ALA A 1 80  ? -6.940  7.621   -9.637  1.00 22.13  ? 328 ALA A O   1 
ATOM   652  C  CB  . ALA A 1 80  ? -8.320  4.632   -9.935  1.00 23.08  ? 328 ALA A CB  1 
ATOM   653  N  N   . ILE A 1 81  ? -5.655  6.134   -10.723 1.00 18.26  ? 329 ILE A N   1 
ATOM   654  C  CA  . ILE A 1 81  ? -4.422  6.743   -10.271 1.00 21.28  ? 329 ILE A CA  1 
ATOM   655  C  C   . ILE A 1 81  ? -4.322  8.172   -10.819 1.00 24.55  ? 329 ILE A C   1 
ATOM   656  O  O   . ILE A 1 81  ? -3.983  9.114   -10.090 1.00 22.59  ? 329 ILE A O   1 
ATOM   657  C  CB  . ILE A 1 81  ? -3.212  5.906   -10.689 1.00 18.38  ? 329 ILE A CB  1 
ATOM   658  C  CG1 . ILE A 1 81  ? -3.187  4.624   -9.867  1.00 19.45  ? 329 ILE A CG1 1 
ATOM   659  C  CG2 . ILE A 1 81  ? -1.934  6.690   -10.509 1.00 24.45  ? 329 ILE A CG2 1 
ATOM   660  C  CD1 . ILE A 1 81  ? -2.118  3.638   -10.287 1.00 18.16  ? 329 ILE A CD1 1 
ATOM   661  N  N   . GLU A 1 82  ? -4.694  8.331   -12.083 1.00 27.08  ? 330 GLU A N   1 
ATOM   662  C  CA  . GLU A 1 82  ? -4.701  9.659   -12.694 1.00 29.32  ? 330 GLU A CA  1 
ATOM   663  C  C   . GLU A 1 82  ? -5.727  10.584  -12.018 1.00 23.63  ? 330 GLU A C   1 
ATOM   664  O  O   . GLU A 1 82  ? -5.442  11.755  -11.796 1.00 29.59  ? 330 GLU A O   1 
ATOM   665  C  CB  . GLU A 1 82  ? -4.999  9.559   -14.194 1.00 26.00  ? 330 GLU A CB  1 
ATOM   666  C  CG  . GLU A 1 82  ? -4.730  10.859  -14.951 1.00 24.68  ? 330 GLU A CG  1 
ATOM   667  C  CD  . GLU A 1 82  ? -5.831  11.894  -14.795 1.00 34.42  ? 330 GLU A CD  1 
ATOM   668  O  OE1 . GLU A 1 82  ? -7.013  11.505  -14.696 1.00 31.05  ? 330 GLU A OE1 1 
ATOM   669  O  OE2 . GLU A 1 82  ? -5.509  13.105  -14.802 1.00 34.11  ? 330 GLU A OE2 1 
ATOM   670  N  N   . GLU A 1 83  ? -6.926  10.075  -11.750 1.00 24.62  ? 331 GLU A N   1 
ATOM   671  C  CA  . GLU A 1 83  ? -7.966  10.858  -11.070 1.00 26.63  ? 331 GLU A CA  1 
ATOM   672  C  C   . GLU A 1 83  ? -7.536  11.262  -9.649  1.00 30.83  ? 331 GLU A C   1 
ATOM   673  O  O   . GLU A 1 83  ? -7.820  12.378  -9.170  1.00 26.83  ? 331 GLU A O   1 
ATOM   674  C  CB  . GLU A 1 83  ? -9.273  10.068  -11.020 1.00 22.95  ? 331 GLU A CB  1 
ATOM   675  C  CG  . GLU A 1 83  ? -9.936  9.897   -12.390 1.00 31.01  ? 331 GLU A CG  1 
ATOM   676  C  CD  . GLU A 1 83  ? -11.101 8.927   -12.396 1.00 47.43  ? 331 GLU A CD  1 
ATOM   677  O  OE1 . GLU A 1 83  ? -11.256 8.111   -11.453 1.00 38.93  ? 331 GLU A OE1 1 
ATOM   678  O  OE2 . GLU A 1 83  ? -11.865 8.968   -13.378 1.00 44.58  ? 331 GLU A OE2 1 
ATOM   679  N  N   . ASP A 1 84  ? -6.842  10.351  -8.971  1.00 23.13  ? 332 ASP A N   1 
ATOM   680  C  CA  . ASP A 1 84  ? -6.453  10.575  -7.576  1.00 25.73  ? 332 ASP A CA  1 
ATOM   681  C  C   . ASP A 1 84  ? -5.101  11.273  -7.391  1.00 24.06  ? 332 ASP A C   1 
ATOM   682  O  O   . ASP A 1 84  ? -4.807  11.784  -6.304  1.00 25.26  ? 332 ASP A O   1 
ATOM   683  C  CB  . ASP A 1 84  ? -6.419  9.227   -6.827  1.00 24.32  ? 332 ASP A CB  1 
ATOM   684  C  CG  . ASP A 1 84  ? -7.779  8.546   -6.748  1.00 28.19  ? 332 ASP A CG  1 
ATOM   685  O  OD1 . ASP A 1 84  ? -8.822  9.182   -7.049  1.00 28.56  ? 332 ASP A OD1 1 
ATOM   686  O  OD2 . ASP A 1 84  ? -7.819  7.345   -6.365  1.00 25.02  ? 332 ASP A OD2 1 
ATOM   687  N  N   . LYS A 1 85  ? -4.286  11.292  -8.443  1.00 25.28  ? 333 LYS A N   1 
ATOM   688  C  CA  A LYS A 1 85  ? -2.921  11.794  -8.372  0.50 26.70  ? 333 LYS A CA  1 
ATOM   689  C  CA  B LYS A 1 85  ? -2.922  11.792  -8.379  0.50 26.61  ? 333 LYS A CA  1 
ATOM   690  C  C   . LYS A 1 85  ? -2.120  11.024  -7.327  1.00 24.60  ? 333 LYS A C   1 
ATOM   691  O  O   . LYS A 1 85  ? -1.318  11.600  -6.594  1.00 25.73  ? 333 LYS A O   1 
ATOM   692  C  CB  A LYS A 1 85  ? -2.909  13.288  -8.033  0.50 30.05  ? 333 LYS A CB  1 
ATOM   693  C  CB  B LYS A 1 85  ? -2.912  13.291  -8.062  0.50 30.67  ? 333 LYS A CB  1 
ATOM   694  C  CG  A LYS A 1 85  ? -3.575  14.164  -9.084  0.50 45.93  ? 333 LYS A CG  1 
ATOM   695  C  CG  B LYS A 1 85  ? -3.826  14.119  -8.962  0.50 45.62  ? 333 LYS A CG  1 
ATOM   696  C  CD  A LYS A 1 85  ? -2.858  14.074  -10.423 0.50 43.25  ? 333 LYS A CD  1 
ATOM   697  C  CD  B LYS A 1 85  ? -3.485  13.944  -10.436 0.50 43.20  ? 333 LYS A CD  1 
ATOM   698  C  CE  A LYS A 1 85  ? -3.540  14.925  -11.483 0.50 48.66  ? 333 LYS A CE  1 
ATOM   699  C  CE  B LYS A 1 85  ? -4.329  14.845  -11.330 0.50 51.97  ? 333 LYS A CE  1 
ATOM   700  N  NZ  A LYS A 1 85  ? -2.813  14.894  -12.781 0.50 39.99  ? 333 LYS A NZ  1 
ATOM   701  N  NZ  B LYS A 1 85  ? -5.791  14.575  -11.227 0.50 33.00  ? 333 LYS A NZ  1 
ATOM   702  N  N   . SER A 1 86  ? -2.347  9.719   -7.260  1.00 23.66  ? 334 SER A N   1 
ATOM   703  C  CA  . SER A 1 86  ? -1.705  8.896   -6.222  1.00 23.36  ? 334 SER A CA  1 
ATOM   704  C  C   . SER A 1 86  ? -0.374  8.323   -6.702  1.00 25.12  ? 334 SER A C   1 
ATOM   705  O  O   . SER A 1 86  ? -0.219  7.101   -6.859  1.00 21.36  ? 334 SER A O   1 
ATOM   706  C  CB  . SER A 1 86  ? -2.655  7.779   -5.799  1.00 24.95  ? 334 SER A CB  1 
ATOM   707  O  OG  . SER A 1 86  ? -3.220  7.118   -6.924  1.00 22.79  ? 334 SER A OG  1 
ATOM   708  N  N   . TYR A 1 87  ? 0.588   9.211   -6.940  1.00 21.84  ? 335 TYR A N   1 
ATOM   709  C  CA  . TYR A 1 87  ? 1.811   8.834   -7.629  1.00 23.72  ? 335 TYR A CA  1 
ATOM   710  C  C   . TYR A 1 87  ? 2.926   8.394   -6.685  1.00 28.40  ? 335 TYR A C   1 
ATOM   711  O  O   . TYR A 1 87  ? 4.051   8.870   -6.772  1.00 30.77  ? 335 TYR A O   1 
ATOM   712  C  CB  . TYR A 1 87  ? 2.298   9.999   -8.513  1.00 31.79  ? 335 TYR A CB  1 
ATOM   713  C  CG  . TYR A 1 87  ? 1.303   10.398  -9.589  1.00 32.56  ? 335 TYR A CG  1 
ATOM   714  C  CD1 . TYR A 1 87  ? 0.918   9.502   -10.573 1.00 39.20  ? 335 TYR A CD1 1 
ATOM   715  C  CD2 . TYR A 1 87  ? 0.763   11.678  -9.625  1.00 40.86  ? 335 TYR A CD2 1 
ATOM   716  C  CE1 . TYR A 1 87  ? 0.011   9.868   -11.560 1.00 35.91  ? 335 TYR A CE1 1 
ATOM   717  C  CE2 . TYR A 1 87  ? -0.144  12.051  -10.605 1.00 40.31  ? 335 TYR A CE2 1 
ATOM   718  C  CZ  . TYR A 1 87  ? -0.517  11.138  -11.568 1.00 40.44  ? 335 TYR A CZ  1 
ATOM   719  O  OH  . TYR A 1 87  ? -1.420  11.504  -12.550 1.00 44.38  ? 335 TYR A OH  1 
ATOM   720  N  N   . TRP A 1 88  ? 2.624   7.471   -5.785  1.00 22.17  ? 336 TRP A N   1 
ATOM   721  C  CA  . TRP A 1 88  ? 3.669   6.797   -5.047  1.00 19.06  ? 336 TRP A CA  1 
ATOM   722  C  C   . TRP A 1 88  ? 3.968   5.483   -5.782  1.00 22.63  ? 336 TRP A C   1 
ATOM   723  O  O   . TRP A 1 88  ? 3.683   5.380   -6.969  1.00 23.63  ? 336 TRP A O   1 
ATOM   724  C  CB  . TRP A 1 88  ? 3.253   6.594   -3.567  1.00 21.10  ? 336 TRP A CB  1 
ATOM   725  C  CG  . TRP A 1 88  ? 1.825   6.116   -3.380  1.00 20.25  ? 336 TRP A CG  1 
ATOM   726  C  CD1 . TRP A 1 88  ? 1.358   4.830   -3.513  1.00 22.02  ? 336 TRP A CD1 1 
ATOM   727  C  CD2 . TRP A 1 88  ? 0.684   6.924   -3.036  1.00 20.01  ? 336 TRP A CD2 1 
ATOM   728  N  NE1 . TRP A 1 88  ? -0.008  4.799   -3.258  1.00 20.99  ? 336 TRP A NE1 1 
ATOM   729  C  CE2 . TRP A 1 88  ? -0.430  6.071   -2.959  1.00 20.26  ? 336 TRP A CE2 1 
ATOM   730  C  CE3 . TRP A 1 88  ? 0.513   8.284   -2.756  1.00 23.83  ? 336 TRP A CE3 1 
ATOM   731  C  CZ2 . TRP A 1 88  ? -1.705  6.538   -2.628  1.00 22.59  ? 336 TRP A CZ2 1 
ATOM   732  C  CZ3 . TRP A 1 88  ? -0.768  8.750   -2.458  1.00 24.25  ? 336 TRP A CZ3 1 
ATOM   733  C  CH2 . TRP A 1 88  ? -1.845  7.873   -2.374  1.00 20.46  ? 336 TRP A CH2 1 
ATOM   734  N  N   . ASN A 1 89  ? 4.553   4.492   -5.122  1.00 21.56  ? 337 ASN A N   1 
ATOM   735  C  CA  . ASN A 1 89  ? 4.851   3.239   -5.815  1.00 16.93  ? 337 ASN A CA  1 
ATOM   736  C  C   . ASN A 1 89  ? 3.549   2.462   -5.959  1.00 22.53  ? 337 ASN A C   1 
ATOM   737  O  O   . ASN A 1 89  ? 3.017   1.978   -4.971  1.00 28.89  ? 337 ASN A O   1 
ATOM   738  C  CB  . ASN A 1 89  ? 5.852   2.421   -5.005  1.00 18.08  ? 337 ASN A CB  1 
ATOM   739  C  CG  . ASN A 1 89  ? 7.200   3.100   -4.913  1.00 24.23  ? 337 ASN A CG  1 
ATOM   740  O  OD1 . ASN A 1 89  ? 7.944   3.143   -5.897  1.00 25.03  ? 337 ASN A OD1 1 
ATOM   741  N  ND2 . ASN A 1 89  ? 7.521   3.632   -3.750  1.00 24.11  ? 337 ASN A ND2 1 
ATOM   742  N  N   . GLN A 1 90  ? 3.040   2.368   -7.173  1.00 23.13  ? 338 GLN A N   1 
ATOM   743  C  CA  . GLN A 1 90  ? 1.781   1.681   -7.436  1.00 17.87  ? 338 GLN A CA  1 
ATOM   744  C  C   . GLN A 1 90  ? 2.002   0.439   -8.282  1.00 19.00  ? 338 GLN A C   1 
ATOM   745  O  O   . GLN A 1 90  ? 2.542   0.533   -9.403  1.00 20.60  ? 338 GLN A O   1 
ATOM   746  C  CB  . GLN A 1 90  ? 0.842   2.619   -8.210  1.00 18.97  ? 338 GLN A CB  1 
ATOM   747  C  CG  . GLN A 1 90  ? 0.384   3.856   -7.452  1.00 20.78  ? 338 GLN A CG  1 
ATOM   748  C  CD  . GLN A 1 90  ? -0.768  3.571   -6.505  1.00 17.68  ? 338 GLN A CD  1 
ATOM   749  O  OE1 . GLN A 1 90  ? -0.960  2.443   -6.047  1.00 18.11  ? 338 GLN A OE1 1 
ATOM   750  N  NE2 . GLN A 1 90  ? -1.534  4.611   -6.180  1.00 21.71  ? 338 GLN A NE2 1 
ATOM   751  N  N   . VAL A 1 91  ? 1.554   -0.716  -7.791  1.00 17.43  ? 339 VAL A N   1 
ATOM   752  C  CA  . VAL A 1 91  ? 1.602   -1.929  -8.590  1.00 16.63  ? 339 VAL A CA  1 
ATOM   753  C  C   . VAL A 1 91  ? 0.225   -2.545  -8.761  1.00 17.49  ? 339 VAL A C   1 
ATOM   754  O  O   . VAL A 1 91  ? -0.663  -2.371  -7.930  1.00 16.91  ? 339 VAL A O   1 
ATOM   755  C  CB  . VAL A 1 91  ? 2.551   -3.007  -8.032  1.00 18.40  ? 339 VAL A CB  1 
ATOM   756  C  CG1 . VAL A 1 91  ? 3.970   -2.474  -7.967  1.00 23.11  ? 339 VAL A CG1 1 
ATOM   757  C  CG2 . VAL A 1 91  ? 2.066   -3.540  -6.680  1.00 16.92  ? 339 VAL A CG2 1 
ATOM   758  N  N   . LEU A 1 92  ? 0.080   -3.270  -9.866  1.00 18.10  ? 340 LEU A N   1 
ATOM   759  C  CA  . LEU A 1 92  ? -1.103  -4.065  -10.147 1.00 18.04  ? 340 LEU A CA  1 
ATOM   760  C  C   . LEU A 1 92  ? -0.743  -5.536  -10.090 1.00 18.15  ? 340 LEU A C   1 
ATOM   761  O  O   . LEU A 1 92  ? 0.196   -5.984  -10.774 1.00 19.41  ? 340 LEU A O   1 
ATOM   762  C  CB  . LEU A 1 92  ? -1.621  -3.715  -11.541 1.00 20.49  ? 340 LEU A CB  1 
ATOM   763  C  CG  . LEU A 1 92  ? -2.882  -4.433  -12.002 1.00 18.94  ? 340 LEU A CG  1 
ATOM   764  C  CD1 . LEU A 1 92  ? -4.055  -4.100  -11.097 1.00 18.48  ? 340 LEU A CD1 1 
ATOM   765  C  CD2 . LEU A 1 92  ? -3.195  -4.058  -13.444 1.00 22.31  ? 340 LEU A CD2 1 
ATOM   766  N  N   . LEU A 1 93  ? -1.492  -6.284  -9.294  1.00 21.47  ? 341 LEU A N   1 
ATOM   767  C  CA  . LEU A 1 93  ? -1.287  -7.732  -9.170  1.00 20.29  ? 341 LEU A CA  1 
ATOM   768  C  C   . LEU A 1 93  ? -1.694  -8.416  -10.475 1.00 21.07  ? 341 LEU A C   1 
ATOM   769  O  O   . LEU A 1 93  ? -2.690  -8.048  -11.116 1.00 23.44  ? 341 LEU A O   1 
ATOM   770  C  CB  . LEU A 1 93  ? -2.081  -8.307  -8.017  1.00 20.70  ? 341 LEU A CB  1 
ATOM   771  C  CG  . LEU A 1 93  ? -1.665  -7.830  -6.625  1.00 21.45  ? 341 LEU A CG  1 
ATOM   772  C  CD1 . LEU A 1 93  ? -2.569  -8.431  -5.556  1.00 19.75  ? 341 LEU A CD1 1 
ATOM   773  C  CD2 . LEU A 1 93  ? -0.203  -8.147  -6.363  1.00 22.65  ? 341 LEU A CD2 1 
ATOM   774  N  N   . GLN A 1 94  ? -0.908  -9.388  -10.882 1.00 22.07  ? 342 GLN A N   1 
ATOM   775  C  CA  . GLN A 1 94  ? -1.335  -10.217 -12.008 1.00 25.30  ? 342 GLN A CA  1 
ATOM   776  C  C   . GLN A 1 94  ? -2.472  -11.103 -11.517 1.00 26.60  ? 342 GLN A C   1 
ATOM   777  O  O   . GLN A 1 94  ? -2.517  -11.493 -10.345 1.00 27.58  ? 342 GLN A O   1 
ATOM   778  C  CB  . GLN A 1 94  ? -0.158  -10.998 -12.558 1.00 30.89  ? 342 GLN A CB  1 
ATOM   779  C  CG  . GLN A 1 94  ? 1.030   -10.087 -12.817 1.00 49.31  ? 342 GLN A CG  1 
ATOM   780  C  CD  . GLN A 1 94  ? 1.936   -10.579 -13.924 1.00 59.40  ? 342 GLN A CD  1 
ATOM   781  O  OE1 . GLN A 1 94  ? 3.153   -10.599 -13.774 1.00 46.76  ? 342 GLN A OE1 1 
ATOM   782  N  NE2 . GLN A 1 94  ? 1.345   -10.972 -15.044 1.00 60.55  ? 342 GLN A NE2 1 
ATOM   783  N  N   . LYS A 1 95  ? -3.414  -11.384 -12.418 1.00 30.90  ? 343 LYS A N   1 
ATOM   784  C  CA  . LYS A 1 95  ? -4.613  -12.160 -12.110 1.00 28.07  ? 343 LYS A CA  1 
ATOM   785  C  C   . LYS A 1 95  ? -4.309  -13.394 -11.267 1.00 26.44  ? 343 LYS A C   1 
ATOM   786  O  O   . LYS A 1 95  ? -4.988  -13.655 -10.279 1.00 33.54  ? 343 LYS A O   1 
ATOM   787  C  CB  . LYS A 1 95  ? -5.275  -12.585 -13.430 1.00 34.67  ? 343 LYS A CB  1 
ATOM   788  C  CG  . LYS A 1 95  ? -6.514  -13.455 -13.308 1.00 56.29  ? 343 LYS A CG  1 
ATOM   789  C  CD  . LYS A 1 95  ? -7.053  -13.773 -14.701 1.00 72.40  ? 343 LYS A CD  1 
ATOM   790  C  CE  . LYS A 1 95  ? -7.721  -15.135 -14.764 1.00 65.76  ? 343 LYS A CE  1 
ATOM   791  N  NZ  . LYS A 1 95  ? -8.957  -15.184 -13.938 1.00 67.96  ? 343 LYS A NZ  1 
ATOM   792  N  N   . ASP A 1 96  ? -3.281  -14.136 -11.664 1.00 32.13  ? 344 ASP A N   1 
ATOM   793  C  CA  . ASP A 1 96  ? -2.949  -15.407 -11.021 1.00 42.26  ? 344 ASP A CA  1 
ATOM   794  C  C   . ASP A 1 96  ? -2.339  -15.241 -9.645  1.00 38.53  ? 344 ASP A C   1 
ATOM   795  O  O   . ASP A 1 96  ? -2.053  -16.231 -8.982  1.00 35.84  ? 344 ASP A O   1 
ATOM   796  C  CB  . ASP A 1 96  ? -1.970  -16.200 -11.885 1.00 56.55  ? 344 ASP A CB  1 
ATOM   797  C  CG  . ASP A 1 96  ? -2.656  -16.923 -13.031 1.00 89.23  ? 344 ASP A CG  1 
ATOM   798  O  OD1 . ASP A 1 96  ? -3.907  -16.884 -13.106 1.00 76.34  ? 344 ASP A OD1 1 
ATOM   799  O  OD2 . ASP A 1 96  ? -1.941  -17.533 -13.854 1.00 127.07 ? 344 ASP A OD2 1 
ATOM   800  N  N   . ASP A 1 97  ? -2.125  -14.000 -9.217  1.00 32.09  ? 345 ASP A N   1 
ATOM   801  C  CA  . ASP A 1 97  ? -1.506  -13.740 -7.907  1.00 27.00  ? 345 ASP A CA  1 
ATOM   802  C  C   . ASP A 1 97  ? -2.476  -13.135 -6.907  1.00 25.30  ? 345 ASP A C   1 
ATOM   803  O  O   . ASP A 1 97  ? -2.214  -13.142 -5.709  1.00 26.58  ? 345 ASP A O   1 
ATOM   804  C  CB  . ASP A 1 97  ? -0.318  -12.806 -8.042  1.00 28.52  ? 345 ASP A CB  1 
ATOM   805  C  CG  . ASP A 1 97  ? 0.863   -13.459 -8.707  1.00 49.52  ? 345 ASP A CG  1 
ATOM   806  O  OD1 . ASP A 1 97  ? 1.019   -14.704 -8.611  1.00 38.05  ? 345 ASP A OD1 1 
ATOM   807  O  OD2 . ASP A 1 97  ? 1.639   -12.713 -9.328  1.00 41.45  ? 345 ASP A OD2 1 
ATOM   808  N  N   . VAL A 1 98  ? -3.599  -12.616 -7.398  1.00 25.71  ? 346 VAL A N   1 
ATOM   809  C  CA  . VAL A 1 98  ? -4.531  -11.914 -6.529  1.00 25.53  ? 346 VAL A CA  1 
ATOM   810  C  C   . VAL A 1 98  ? -5.016  -12.747 -5.344  1.00 27.61  ? 346 VAL A C   1 
ATOM   811  O  O   . VAL A 1 98  ? -4.954  -12.308 -4.205  1.00 26.54  ? 346 VAL A O   1 
ATOM   812  C  CB  . VAL A 1 98  ? -5.759  -11.437 -7.314  1.00 24.80  ? 346 VAL A CB  1 
ATOM   813  C  CG1 . VAL A 1 98  ? -6.838  -10.928 -6.364  1.00 27.29  ? 346 VAL A CG1 1 
ATOM   814  C  CG2 . VAL A 1 98  ? -5.351  -10.356 -8.307  1.00 29.39  ? 346 VAL A CG2 1 
ATOM   815  N  N   . LYS A 1 99  ? -5.522  -13.946 -5.613  1.00 25.25  ? 347 LYS A N   1 
ATOM   816  C  CA  . LYS A 1 99  ? -6.052  -14.773 -4.547  1.00 31.95  ? 347 LYS A CA  1 
ATOM   817  C  C   . LYS A 1 99  ? -4.961  -15.130 -3.528  1.00 21.45  ? 347 LYS A C   1 
ATOM   818  O  O   . LYS A 1 99  ? -5.198  -15.073 -2.327  1.00 26.48  ? 347 LYS A O   1 
ATOM   819  C  CB  . LYS A 1 99  ? -6.687  -16.040 -5.125  1.00 39.26  ? 347 LYS A CB  1 
ATOM   820  C  CG  . LYS A 1 99  ? -7.539  -16.814 -4.131  1.00 73.91  ? 347 LYS A CG  1 
ATOM   821  C  CD  . LYS A 1 99  ? -8.193  -18.021 -4.782  1.00 80.73  ? 347 LYS A CD  1 
ATOM   822  C  CE  . LYS A 1 99  ? -8.909  -18.881 -3.756  1.00 92.84  ? 347 LYS A CE  1 
ATOM   823  N  NZ  . LYS A 1 99  ? -9.357  -20.176 -4.336  1.00 81.96  ? 347 LYS A NZ  1 
ATOM   824  N  N   . ASP A 1 100 ? -3.773  -15.473 -4.009  1.00 23.99  ? 348 ASP A N   1 
ATOM   825  C  CA  . ASP A 1 100 ? -2.671  -15.850 -3.115  1.00 27.97  ? 348 ASP A CA  1 
ATOM   826  C  C   . ASP A 1 100 ? -2.277  -14.708 -2.172  1.00 27.12  ? 348 ASP A C   1 
ATOM   827  O  O   . ASP A 1 100 ? -2.024  -14.925 -0.993  1.00 25.07  ? 348 ASP A O   1 
ATOM   828  C  CB  . ASP A 1 100 ? -1.444  -16.278 -3.912  1.00 31.65  ? 348 ASP A CB  1 
ATOM   829  C  CG  . ASP A 1 100 ? -1.678  -17.553 -4.689  1.00 55.05  ? 348 ASP A CG  1 
ATOM   830  O  OD1 . ASP A 1 100 ? -2.399  -18.441 -4.174  1.00 42.34  ? 348 ASP A OD1 1 
ATOM   831  O  OD2 . ASP A 1 100 ? -1.147  -17.660 -5.815  1.00 50.22  ? 348 ASP A OD2 1 
ATOM   832  N  N   . VAL A 1 101 ? -2.208  -13.493 -2.706  1.00 25.35  ? 349 VAL A N   1 
ATOM   833  C  CA  . VAL A 1 101 ? -1.842  -12.338 -1.897  1.00 27.24  ? 349 VAL A CA  1 
ATOM   834  C  C   . VAL A 1 101 ? -2.907  -12.052 -0.850  1.00 19.95  ? 349 VAL A C   1 
ATOM   835  O  O   . VAL A 1 101 ? -2.593  -11.871 0.332   1.00 23.66  ? 349 VAL A O   1 
ATOM   836  C  CB  . VAL A 1 101 ? -1.571  -11.094 -2.786  1.00 22.78  ? 349 VAL A CB  1 
ATOM   837  C  CG1 . VAL A 1 101 ? -1.412  -9.851  -1.930  1.00 23.04  ? 349 VAL A CG1 1 
ATOM   838  C  CG2 . VAL A 1 101 ? -0.315  -11.329 -3.609  1.00 27.34  ? 349 VAL A CG2 1 
ATOM   839  N  N   . LEU A 1 102 ? -4.173  -11.968 -1.266  1.00 23.41  ? 350 LEU A N   1 
ATOM   840  C  CA  . LEU A 1 102 ? -5.249  -11.724 -0.325  1.00 26.52  ? 350 LEU A CA  1 
ATOM   841  C  C   . LEU A 1 102 ? -5.319  -12.779 0.761   1.00 23.02  ? 350 LEU A C   1 
ATOM   842  O  O   . LEU A 1 102 ? -5.543  -12.454 1.921   1.00 22.23  ? 350 LEU A O   1 
ATOM   843  C  CB  . LEU A 1 102 ? -6.590  -11.637 -1.027  1.00 25.16  ? 350 LEU A CB  1 
ATOM   844  C  CG  . LEU A 1 102 ? -6.682  -10.464 -2.007  1.00 31.21  ? 350 LEU A CG  1 
ATOM   845  C  CD1 . LEU A 1 102 ? -8.041  -10.454 -2.668  1.00 31.56  ? 350 LEU A CD1 1 
ATOM   846  C  CD2 . LEU A 1 102 ? -6.420  -9.136  -1.304  1.00 34.51  ? 350 LEU A CD2 1 
ATOM   847  N  N   . GLU A 1 103 ? -5.155  -14.042 0.393   1.00 24.91  ? 351 GLU A N   1 
ATOM   848  C  CA  . GLU A 1 103 ? -5.191  -15.091 1.397   1.00 29.63  ? 351 GLU A CA  1 
ATOM   849  C  C   . GLU A 1 103 ? -4.010  -14.962 2.352   1.00 24.31  ? 351 GLU A C   1 
ATOM   850  O  O   . GLU A 1 103 ? -4.176  -15.068 3.559   1.00 23.37  ? 351 GLU A O   1 
ATOM   851  C  CB  . GLU A 1 103 ? -5.210  -16.458 0.737   1.00 34.72  ? 351 GLU A CB  1 
ATOM   852  C  CG  . GLU A 1 103 ? -6.538  -16.769 0.068   1.00 51.35  ? 351 GLU A CG  1 
ATOM   853  C  CD  . GLU A 1 103 ? -6.536  -18.125 -0.606  1.00 68.08  ? 351 GLU A CD  1 
ATOM   854  O  OE1 . GLU A 1 103 ? -5.513  -18.835 -0.491  1.00 49.60  ? 351 GLU A OE1 1 
ATOM   855  O  OE2 . GLU A 1 103 ? -7.550  -18.473 -1.250  1.00 70.20  ? 351 GLU A OE2 1 
ATOM   856  N  N   . SER A 1 104 ? -2.827  -14.684 1.816   1.00 24.46  ? 352 SER A N   1 
ATOM   857  C  CA  . SER A 1 104 ? -1.626  -14.609 2.644   1.00 26.32  ? 352 SER A CA  1 
ATOM   858  C  C   . SER A 1 104 ? -1.699  -13.479 3.680   1.00 24.68  ? 352 SER A C   1 
ATOM   859  O  O   . SER A 1 104 ? -1.122  -13.594 4.750   1.00 22.10  ? 352 SER A O   1 
ATOM   860  C  CB  . SER A 1 104 ? -0.368  -14.481 1.770   1.00 25.22  ? 352 SER A CB  1 
ATOM   861  O  OG  . SER A 1 104 ? -0.191  -13.169 1.274   1.00 25.65  ? 352 SER A OG  1 
ATOM   862  N  N   . TYR A 1 105 ? -2.402  -12.384 3.350   1.00 23.40  ? 353 TYR A N   1 
ATOM   863  C  CA  . TYR A 1 105 ? -2.592  -11.271 4.279   1.00 20.34  ? 353 TYR A CA  1 
ATOM   864  C  C   . TYR A 1 105 ? -3.918  -11.358 5.016   1.00 22.90  ? 353 TYR A C   1 
ATOM   865  O  O   . TYR A 1 105 ? -4.239  -10.488 5.827   1.00 24.28  ? 353 TYR A O   1 
ATOM   866  C  CB  . TYR A 1 105 ? -2.486  -9.924  3.541   1.00 23.42  ? 353 TYR A CB  1 
ATOM   867  C  CG  . TYR A 1 105 ? -1.055  -9.485  3.311   1.00 21.47  ? 353 TYR A CG  1 
ATOM   868  C  CD1 . TYR A 1 105 ? -0.327  -9.952  2.219   1.00 18.95  ? 353 TYR A CD1 1 
ATOM   869  C  CD2 . TYR A 1 105 ? -0.424  -8.608  4.201   1.00 16.77  ? 353 TYR A CD2 1 
ATOM   870  C  CE1 . TYR A 1 105 ? 0.980   -9.543  2.006   1.00 18.00  ? 353 TYR A CE1 1 
ATOM   871  C  CE2 . TYR A 1 105 ? 0.874   -8.185  4.005   1.00 18.65  ? 353 TYR A CE2 1 
ATOM   872  C  CZ  . TYR A 1 105 ? 1.587   -8.658  2.926   1.00 17.47  ? 353 TYR A CZ  1 
ATOM   873  O  OH  . TYR A 1 105 ? 2.867   -8.243  2.752   1.00 19.30  ? 353 TYR A OH  1 
ATOM   874  N  N   . CYS A 1 106 ? -4.656  -12.429 4.730   1.00 24.13  ? 354 CYS A N   1 
ATOM   875  C  CA  A CYS A 1 106 ? -5.994  -12.655 5.256   0.50 23.17  ? 354 CYS A CA  1 
ATOM   876  C  CA  B CYS A 1 106 ? -5.969  -12.641 5.329   0.50 23.31  ? 354 CYS A CA  1 
ATOM   877  C  C   . CYS A 1 106 ? -6.882  -11.424 5.134   1.00 23.50  ? 354 CYS A C   1 
ATOM   878  O  O   . CYS A 1 106 ? -7.501  -10.971 6.103   1.00 27.80  ? 354 CYS A O   1 
ATOM   879  C  CB  A CYS A 1 106 ? -5.976  -13.094 6.700   0.50 27.48  ? 354 CYS A CB  1 
ATOM   880  C  CB  B CYS A 1 106 ? -5.832  -12.920 6.828   0.50 31.36  ? 354 CYS A CB  1 
ATOM   881  S  SG  A CYS A 1 106 ? -7.667  -13.421 7.211   0.50 26.71  ? 354 CYS A SG  1 
ATOM   882  S  SG  B CYS A 1 106 ? -5.129  -14.535 7.253   0.50 43.52  ? 354 CYS A SG  1 
ATOM   883  N  N   . ILE A 1 107 ? -6.931  -10.891 3.920   1.00 22.93  ? 355 ILE A N   1 
ATOM   884  C  CA  . ILE A 1 107 ? -7.679  -9.677  3.664   1.00 21.19  ? 355 ILE A CA  1 
ATOM   885  C  C   . ILE A 1 107 ? -9.112  -10.012 3.385   1.00 24.65  ? 355 ILE A C   1 
ATOM   886  O  O   . ILE A 1 107 ? -9.433  -10.732 2.435   1.00 25.42  ? 355 ILE A O   1 
ATOM   887  C  CB  . ILE A 1 107 ? -7.114  -8.881  2.483   1.00 20.48  ? 355 ILE A CB  1 
ATOM   888  C  CG1 . ILE A 1 107 ? -5.700  -8.395  2.823   1.00 24.98  ? 355 ILE A CG1 1 
ATOM   889  C  CG2 . ILE A 1 107 ? -7.997  -7.688  2.163   1.00 21.04  ? 355 ILE A CG2 1 
ATOM   890  C  CD1 . ILE A 1 107 ? -4.938  -7.837  1.632   1.00 26.26  ? 355 ILE A CD1 1 
ATOM   891  N  N   . VAL A 1 108 ? -9.960  -9.465  4.240   1.00 22.11  ? 356 VAL A N   1 
ATOM   892  C  CA  . VAL A 1 108 ? -11.383 -9.694  4.200   1.00 25.32  ? 356 VAL A CA  1 
ATOM   893  C  C   . VAL A 1 108 ? -12.110 -8.508  3.580   1.00 29.85  ? 356 VAL A C   1 
ATOM   894  O  O   . VAL A 1 108 ? -13.091 -8.671  2.851   1.00 30.39  ? 356 VAL A O   1 
ATOM   895  C  CB  . VAL A 1 108 ? -11.885 -9.903  5.643   1.00 32.57  ? 356 VAL A CB  1 
ATOM   896  C  CG1 . VAL A 1 108 ? -13.386 -10.046 5.684   1.00 30.28  ? 356 VAL A CG1 1 
ATOM   897  C  CG2 . VAL A 1 108 ? -11.197 -11.113 6.267   1.00 38.72  ? 356 VAL A CG2 1 
ATOM   898  N  N   . GLY A 1 109 ? -11.650 -7.310  3.907   1.00 26.90  ? 357 GLY A N   1 
ATOM   899  C  CA  . GLY A 1 109 ? -12.319 -6.092  3.442   1.00 29.91  ? 357 GLY A CA  1 
ATOM   900  C  C   . GLY A 1 109 ? -11.335 -5.018  3.037   1.00 29.14  ? 357 GLY A C   1 
ATOM   901  O  O   . GLY A 1 109 ? -10.158 -5.087  3.383   1.00 23.28  ? 357 GLY A O   1 
ATOM   902  N  N   . PHE A 1 110 ? -11.831 -4.029  2.299   1.00 22.22  ? 358 PHE A N   1 
ATOM   903  C  CA  . PHE A 1 110 ? -11.018 -2.907  1.806   1.00 24.22  ? 358 PHE A CA  1 
ATOM   904  C  C   . PHE A 1 110 ? -11.635 -1.592  2.250   1.00 32.57  ? 358 PHE A C   1 
ATOM   905  O  O   . PHE A 1 110 ? -12.847 -1.509  2.425   1.00 31.46  ? 358 PHE A O   1 
ATOM   906  C  CB  . PHE A 1 110 ? -10.956 -2.918  0.285   1.00 24.44  ? 358 PHE A CB  1 
ATOM   907  C  CG  . PHE A 1 110 ? -10.340 -4.150  -0.288  1.00 29.41  ? 358 PHE A CG  1 
ATOM   908  C  CD1 . PHE A 1 110 ? -11.062 -5.328  -0.348  1.00 28.68  ? 358 PHE A CD1 1 
ATOM   909  C  CD2 . PHE A 1 110 ? -9.046  -4.138  -0.783  1.00 24.83  ? 358 PHE A CD2 1 
ATOM   910  C  CE1 . PHE A 1 110 ? -10.499 -6.479  -0.879  1.00 26.50  ? 358 PHE A CE1 1 
ATOM   911  C  CE2 . PHE A 1 110 ? -8.484  -5.280  -1.325  1.00 28.65  ? 358 PHE A CE2 1 
ATOM   912  C  CZ  . PHE A 1 110 ? -9.213  -6.454  -1.373  1.00 24.84  ? 358 PHE A CZ  1 
ATOM   913  N  N   . PRO A 1 111 ? -10.809 -0.551  2.442   1.00 30.05  ? 359 PRO A N   1 
ATOM   914  C  CA  . PRO A 1 111 ? -9.370  -0.531  2.289   1.00 27.89  ? 359 PRO A CA  1 
ATOM   915  C  C   . PRO A 1 111 ? -8.678  -1.423  3.331   1.00 18.05  ? 359 PRO A C   1 
ATOM   916  O  O   . PRO A 1 111 ? -9.238  -1.695  4.384   1.00 22.03  ? 359 PRO A O   1 
ATOM   917  C  CB  . PRO A 1 111 ? -9.017  0.944   2.554   1.00 29.84  ? 359 PRO A CB  1 
ATOM   918  C  CG  . PRO A 1 111 ? -10.084 1.429   3.464   1.00 41.88  ? 359 PRO A CG  1 
ATOM   919  C  CD  . PRO A 1 111 ? -11.322 0.693   3.050   1.00 44.85  ? 359 PRO A CD  1 
ATOM   920  N  N   . HIS A 1 112 ? -7.482  -1.876  2.984   1.00 22.49  ? 360 HIS A N   1 
ATOM   921  C  CA  . HIS A 1 112 ? -6.622  -2.584  3.895   1.00 18.28  ? 360 HIS A CA  1 
ATOM   922  C  C   . HIS A 1 112 ? -5.267  -1.873  3.863   1.00 16.38  ? 360 HIS A C   1 
ATOM   923  O  O   . HIS A 1 112 ? -4.519  -1.953  2.864   1.00 18.20  ? 360 HIS A O   1 
ATOM   924  C  CB  . HIS A 1 112 ? -6.463  -4.034  3.504   1.00 20.41  ? 360 HIS A CB  1 
ATOM   925  C  CG  . HIS A 1 112 ? -5.807  -4.846  4.554   1.00 19.40  ? 360 HIS A CG  1 
ATOM   926  N  ND1 . HIS A 1 112 ? -6.430  -5.147  5.745   1.00 28.89  ? 360 HIS A ND1 1 
ATOM   927  C  CD2 . HIS A 1 112 ? -4.584  -5.416  4.613   1.00 21.54  ? 360 HIS A CD2 1 
ATOM   928  C  CE1 . HIS A 1 112 ? -5.613  -5.862  6.493   1.00 32.68  ? 360 HIS A CE1 1 
ATOM   929  N  NE2 . HIS A 1 112 ? -4.490  -6.047  5.826   1.00 24.41  ? 360 HIS A NE2 1 
ATOM   930  N  N   . ILE A 1 113 ? -4.999  -1.118  4.926   1.00 17.06  ? 361 ILE A N   1 
ATOM   931  C  CA  . ILE A 1 113 ? -3.784  -0.310  4.973   1.00 17.11  ? 361 ILE A CA  1 
ATOM   932  C  C   . ILE A 1 113 ? -2.986  -0.643  6.233   1.00 19.89  ? 361 ILE A C   1 
ATOM   933  O  O   . ILE A 1 113 ? -3.478  -0.493  7.360   1.00 20.42  ? 361 ILE A O   1 
ATOM   934  C  CB  . ILE A 1 113 ? -4.108  1.187   4.961   1.00 18.68  ? 361 ILE A CB  1 
ATOM   935  C  CG1 . ILE A 1 113 ? -5.029  1.519   3.790   1.00 19.92  ? 361 ILE A CG1 1 
ATOM   936  C  CG2 . ILE A 1 113 ? -2.822  1.995   4.884   1.00 20.46  ? 361 ILE A CG2 1 
ATOM   937  C  CD1 . ILE A 1 113 ? -5.452  2.978   3.732   1.00 22.18  ? 361 ILE A CD1 1 
ATOM   938  N  N   . ILE A 1 114 ? -1.761  -1.098  6.024   1.00 17.98  ? 362 ILE A N   1 
ATOM   939  C  CA  . ILE A 1 114 ? -0.897  -1.542  7.101   1.00 16.58  ? 362 ILE A CA  1 
ATOM   940  C  C   . ILE A 1 114 ? 0.458   -0.832  7.012   1.00 17.42  ? 362 ILE A C   1 
ATOM   941  O  O   . ILE A 1 114 ? 0.807   -0.295  5.977   1.00 16.26  ? 362 ILE A O   1 
ATOM   942  C  CB  . ILE A 1 114 ? -0.668  -3.059  7.066   1.00 17.20  ? 362 ILE A CB  1 
ATOM   943  C  CG1 . ILE A 1 114 ? -0.004  -3.483  5.744   1.00 19.76  ? 362 ILE A CG1 1 
ATOM   944  C  CG2 . ILE A 1 114 ? -1.997  -3.796  7.241   1.00 22.93  ? 362 ILE A CG2 1 
ATOM   945  C  CD1 . ILE A 1 114 ? 0.376   -4.942  5.688   1.00 20.65  ? 362 ILE A CD1 1 
ATOM   946  N  N   . LEU A 1 115 ? 1.211   -0.847  8.108   1.00 16.67  ? 363 LEU A N   1 
ATOM   947  C  CA  . LEU A 1 115 ? 2.543   -0.268  8.160   1.00 14.73  ? 363 LEU A CA  1 
ATOM   948  C  C   . LEU A 1 115 ? 3.534   -1.383  8.408   1.00 15.11  ? 363 LEU A C   1 
ATOM   949  O  O   . LEU A 1 115 ? 3.379   -2.157  9.366   1.00 17.10  ? 363 LEU A O   1 
ATOM   950  C  CB  . LEU A 1 115 ? 2.687   0.782   9.268   1.00 15.31  ? 363 LEU A CB  1 
ATOM   951  C  CG  . LEU A 1 115 ? 4.041   1.523   9.283   1.00 16.59  ? 363 LEU A CG  1 
ATOM   952  C  CD1 . LEU A 1 115 ? 4.335   2.228   7.960   1.00 16.22  ? 363 LEU A CD1 1 
ATOM   953  C  CD2 . LEU A 1 115 ? 4.113   2.492   10.454  1.00 20.94  ? 363 LEU A CD2 1 
ATOM   954  N  N   . VAL A 1 116 ? 4.496   -1.490  7.502   1.00 16.29  ? 364 VAL A N   1 
ATOM   955  C  CA  . VAL A 1 116 ? 5.578   -2.470  7.580   1.00 16.74  ? 364 VAL A CA  1 
ATOM   956  C  C   . VAL A 1 116 ? 6.897   -1.774  7.960   1.00 17.92  ? 364 VAL A C   1 
ATOM   957  O  O   . VAL A 1 116 ? 7.227   -0.721  7.433   1.00 17.70  ? 364 VAL A O   1 
ATOM   958  C  CB  . VAL A 1 116 ? 5.710   -3.208  6.236   1.00 17.87  ? 364 VAL A CB  1 
ATOM   959  C  CG1 . VAL A 1 116 ? 6.873   -4.194  6.267   1.00 19.18  ? 364 VAL A CG1 1 
ATOM   960  C  CG2 . VAL A 1 116 ? 4.398   -3.909  5.893   1.00 20.33  ? 364 VAL A CG2 1 
ATOM   961  N  N   . ASP A 1 117 ? 7.654   -2.378  8.882   1.00 15.49  ? 365 ASP A N   1 
ATOM   962  C  CA  . ASP A 1 117 ? 8.914   -1.764  9.327   1.00 18.32  ? 365 ASP A CA  1 
ATOM   963  C  C   . ASP A 1 117 ? 10.078  -2.109  8.382   1.00 16.20  ? 365 ASP A C   1 
ATOM   964  O  O   . ASP A 1 117 ? 9.918   -2.848  7.413   1.00 18.78  ? 365 ASP A O   1 
ATOM   965  C  CB  . ASP A 1 117 ? 9.175   -2.077  10.823  1.00 21.83  ? 365 ASP A CB  1 
ATOM   966  C  CG  . ASP A 1 117 ? 9.648   -3.508  11.080  1.00 26.23  ? 365 ASP A CG  1 
ATOM   967  O  OD1 . ASP A 1 117 ? 9.954   -4.228  10.117  1.00 25.22  ? 365 ASP A OD1 1 
ATOM   968  O  OD2 . ASP A 1 117 ? 9.727   -3.906  12.275  1.00 24.29  ? 365 ASP A OD2 1 
ATOM   969  N  N   . PRO A 1 118 ? 11.244  -1.504  8.602   1.00 17.20  ? 366 PRO A N   1 
ATOM   970  C  CA  . PRO A 1 118 ? 12.355  -1.680  7.650   1.00 22.30  ? 366 PRO A CA  1 
ATOM   971  C  C   . PRO A 1 118 ? 12.867  -3.118  7.538   1.00 19.27  ? 366 PRO A C   1 
ATOM   972  O  O   . PRO A 1 118 ? 13.592  -3.450  6.594   1.00 22.31  ? 366 PRO A O   1 
ATOM   973  C  CB  . PRO A 1 118 ? 13.425  -0.735  8.208   1.00 19.13  ? 366 PRO A CB  1 
ATOM   974  C  CG  . PRO A 1 118 ? 12.652  0.331   8.896   1.00 19.55  ? 366 PRO A CG  1 
ATOM   975  C  CD  . PRO A 1 118 ? 11.479  -0.365  9.518   1.00 18.41  ? 366 PRO A CD  1 
ATOM   976  N  N   . GLU A 1 119 ? 12.479  -3.968  8.481   1.00 21.57  ? 367 GLU A N   1 
ATOM   977  C  CA  . GLU A 1 119 ? 12.866  -5.370  8.440   1.00 22.17  ? 367 GLU A CA  1 
ATOM   978  C  C   . GLU A 1 119 ? 11.771  -6.255  7.865   1.00 24.34  ? 367 GLU A C   1 
ATOM   979  O  O   . GLU A 1 119 ? 11.932  -7.468  7.763   1.00 23.67  ? 367 GLU A O   1 
ATOM   980  C  CB  . GLU A 1 119 ? 13.226  -5.861  9.840   1.00 27.75  ? 367 GLU A CB  1 
ATOM   981  C  CG  . GLU A 1 119 ? 14.573  -5.357  10.313  1.00 40.17  ? 367 GLU A CG  1 
ATOM   982  C  CD  . GLU A 1 119 ? 14.466  -4.064  11.077  1.00 46.67  ? 367 GLU A CD  1 
ATOM   983  O  OE1 . GLU A 1 119 ? 13.540  -3.950  11.911  1.00 74.79  ? 367 GLU A OE1 1 
ATOM   984  O  OE2 . GLU A 1 119 ? 15.305  -3.163  10.843  1.00 74.07  ? 367 GLU A OE2 1 
ATOM   985  N  N   . GLY A 1 120 ? 10.635  -5.659  7.518   1.00 21.83  ? 368 GLY A N   1 
ATOM   986  C  CA  . GLY A 1 120 ? 9.548   -6.427  6.938   1.00 18.83  ? 368 GLY A CA  1 
ATOM   987  C  C   . GLY A 1 120 ? 8.475   -6.986  7.876   1.00 18.77  ? 368 GLY A C   1 
ATOM   988  O  O   . GLY A 1 120 ? 7.674   -7.822  7.477   1.00 21.20  ? 368 GLY A O   1 
ATOM   989  N  N   . LYS A 1 121 ? 8.446   -6.493  9.105   1.00 20.21  ? 369 LYS A N   1 
ATOM   990  C  CA  . LYS A 1 121 ? 7.441   -6.854  10.079  1.00 20.70  ? 369 LYS A CA  1 
ATOM   991  C  C   . LYS A 1 121 ? 6.261   -5.884  10.073  1.00 22.16  ? 369 LYS A C   1 
ATOM   992  O  O   . LYS A 1 121 ? 6.440   -4.670  9.961   1.00 21.94  ? 369 LYS A O   1 
ATOM   993  C  CB  . LYS A 1 121 ? 8.077   -6.858  11.469  1.00 27.80  ? 369 LYS A CB  1 
ATOM   994  C  CG  . LYS A 1 121 ? 7.312   -7.639  12.525  1.00 40.47  ? 369 LYS A CG  1 
ATOM   995  C  CD  . LYS A 1 121 ? 8.121   -7.739  13.816  1.00 36.89  ? 369 LYS A CD  1 
ATOM   996  C  CE  . LYS A 1 121 ? 8.225   -6.383  14.492  1.00 50.16  ? 369 LYS A CE  1 
ATOM   997  N  NZ  . LYS A 1 121 ? 8.855   -6.459  15.839  1.00 71.50  ? 369 LYS A NZ  1 
ATOM   998  N  N   . ILE A 1 122 ? 5.054   -6.415  10.207  1.00 18.92  ? 370 ILE A N   1 
ATOM   999  C  CA  . ILE A 1 122 ? 3.868   -5.567  10.276  1.00 20.71  ? 370 ILE A CA  1 
ATOM   1000 C  C   . ILE A 1 122 ? 3.776   -4.941  11.665  1.00 24.37  ? 370 ILE A C   1 
ATOM   1001 O  O   . ILE A 1 122 ? 3.678   -5.654  12.668  1.00 24.12  ? 370 ILE A O   1 
ATOM   1002 C  CB  . ILE A 1 122 ? 2.596   -6.364  9.959   1.00 20.19  ? 370 ILE A CB  1 
ATOM   1003 C  CG1 . ILE A 1 122 ? 2.706   -6.945  8.551   1.00 21.80  ? 370 ILE A CG1 1 
ATOM   1004 C  CG2 . ILE A 1 122 ? 1.362   -5.491  10.082  1.00 22.86  ? 370 ILE A CG2 1 
ATOM   1005 C  CD1 . ILE A 1 122 ? 1.599   -7.898  8.177   1.00 20.72  ? 370 ILE A CD1 1 
ATOM   1006 N  N   . VAL A 1 123 ? 3.802   -3.618  11.737  1.00 20.59  ? 371 VAL A N   1 
ATOM   1007 C  CA  . VAL A 1 123 ? 3.823   -2.960  13.045  1.00 19.28  ? 371 VAL A CA  1 
ATOM   1008 C  C   . VAL A 1 123 ? 2.561   -2.185  13.369  1.00 22.60  ? 371 VAL A C   1 
ATOM   1009 O  O   . VAL A 1 123 ? 2.374   -1.759  14.505  1.00 23.75  ? 371 VAL A O   1 
ATOM   1010 C  CB  . VAL A 1 123 ? 5.074   -2.064  13.230  1.00 18.99  ? 371 VAL A CB  1 
ATOM   1011 C  CG1 . VAL A 1 123 ? 6.334   -2.919  13.242  1.00 24.00  ? 371 VAL A CG1 1 
ATOM   1012 C  CG2 . VAL A 1 123 ? 5.152   -0.977  12.168  1.00 21.77  ? 371 VAL A CG2 1 
ATOM   1013 N  N   . ALA A 1 124 ? 1.703   -1.998  12.371  1.00 19.06  ? 372 ALA A N   1 
ATOM   1014 C  CA  . ALA A 1 124 ? 0.417   -1.350  12.567  1.00 19.59  ? 372 ALA A CA  1 
ATOM   1015 C  C   . ALA A 1 124 ? -0.554  -1.724  11.465  1.00 24.59  ? 372 ALA A C   1 
ATOM   1016 O  O   . ALA A 1 124 ? -0.167  -2.029  10.327  1.00 22.52  ? 372 ALA A O   1 
ATOM   1017 C  CB  . ALA A 1 124 ? 0.585   0.164   12.634  1.00 21.82  ? 372 ALA A CB  1 
ATOM   1018 N  N   . LYS A 1 125 ? -1.834  -1.724  11.813  1.00 26.48  ? 373 LYS A N   1 
ATOM   1019 C  CA  . LYS A 1 125 ? -2.883  -1.969  10.838  1.00 28.16  ? 373 LYS A CA  1 
ATOM   1020 C  C   . LYS A 1 125 ? -4.123  -1.103  11.120  1.00 25.62  ? 373 LYS A C   1 
ATOM   1021 O  O   . LYS A 1 125 ? -4.148  -0.295  12.070  1.00 24.05  ? 373 LYS A O   1 
ATOM   1022 C  CB  . LYS A 1 125 ? -3.250  -3.454  10.835  1.00 32.49  ? 373 LYS A CB  1 
ATOM   1023 C  CG  . LYS A 1 125 ? -3.481  -4.034  12.220  1.00 38.86  ? 373 LYS A CG  1 
ATOM   1024 C  CD  . LYS A 1 125 ? -3.924  -5.490  12.143  1.00 41.94  ? 373 LYS A CD  1 
ATOM   1025 C  CE  . LYS A 1 125 ? -4.162  -6.059  13.531  1.00 47.94  ? 373 LYS A CE  1 
ATOM   1026 N  NZ  . LYS A 1 125 ? -4.514  -7.505  13.473  1.00 58.45  ? 373 LYS A NZ  1 
ATOM   1027 N  N   . GLU A 1 126 ? -5.139  -1.279  10.279  1.00 26.21  ? 374 GLU A N   1 
ATOM   1028 C  CA  . GLU A 1 126 ? -6.390  -0.515  10.382  1.00 26.92  ? 374 GLU A CA  1 
ATOM   1029 C  C   . GLU A 1 126 ? -6.160  0.988   10.389  1.00 26.50  ? 374 GLU A C   1 
ATOM   1030 O  O   . GLU A 1 126 ? -6.778  1.723   11.167  1.00 28.46  ? 374 GLU A O   1 
ATOM   1031 C  CB  . GLU A 1 126 ? -7.180  -0.924  11.624  1.00 27.36  ? 374 GLU A CB  1 
ATOM   1032 C  CG  . GLU A 1 126 ? -7.766  -2.327  11.574  1.00 33.14  ? 374 GLU A CG  1 
ATOM   1033 C  CD  . GLU A 1 126 ? -8.879  -2.463  10.541  1.00 47.25  ? 374 GLU A CD  1 
ATOM   1034 O  OE1 . GLU A 1 126 ? -9.546  -1.448  10.227  1.00 48.93  ? 374 GLU A OE1 1 
ATOM   1035 O  OE2 . GLU A 1 126 ? -9.088  -3.589  10.046  1.00 51.15  ? 374 GLU A OE2 1 
ATOM   1036 N  N   . LEU A 1 127 ? -5.286  1.443   9.495   1.00 23.16  ? 375 LEU A N   1 
ATOM   1037 C  CA  . LEU A 1 127 ? -4.901  2.838   9.417   1.00 23.39  ? 375 LEU A CA  1 
ATOM   1038 C  C   . LEU A 1 127 ? -5.842  3.619   8.493   1.00 27.95  ? 375 LEU A C   1 
ATOM   1039 O  O   . LEU A 1 127 ? -6.034  3.240   7.349   1.00 24.28  ? 375 LEU A O   1 
ATOM   1040 C  CB  . LEU A 1 127 ? -3.456  2.929   8.914   1.00 22.69  ? 375 LEU A CB  1 
ATOM   1041 C  CG  . LEU A 1 127 ? -2.479  2.190   9.829   1.00 24.75  ? 375 LEU A CG  1 
ATOM   1042 C  CD1 . LEU A 1 127 ? -1.053  2.341   9.338   1.00 26.74  ? 375 LEU A CD1 1 
ATOM   1043 C  CD2 . LEU A 1 127 ? -2.575  2.712   11.247  1.00 26.78  ? 375 LEU A CD2 1 
ATOM   1044 N  N   . ARG A 1 128 ? -6.404  4.713   9.003   1.00 23.93  ? 376 ARG A N   1 
ATOM   1045 C  CA  . ARG A 1 128 ? -7.325  5.561   8.229   1.00 22.32  ? 376 ARG A CA  1 
ATOM   1046 C  C   . ARG A 1 128 ? -7.153  7.001   8.650   1.00 26.32  ? 376 ARG A C   1 
ATOM   1047 O  O   . ARG A 1 128 ? -6.795  7.281   9.788   1.00 31.00  ? 376 ARG A O   1 
ATOM   1048 C  CB  . ARG A 1 128 ? -8.767  5.183   8.518   1.00 30.27  ? 376 ARG A CB  1 
ATOM   1049 C  CG  . ARG A 1 128 ? -9.060  3.722   8.342   1.00 32.65  ? 376 ARG A CG  1 
ATOM   1050 C  CD  . ARG A 1 128 ? -9.223  3.353   6.881   1.00 35.07  ? 376 ARG A CD  1 
ATOM   1051 N  NE  . ARG A 1 128 ? -9.746  1.993   6.834   1.00 44.21  ? 376 ARG A NE  1 
ATOM   1052 C  CZ  . ARG A 1 128 ? -8.988  0.904   6.905   1.00 49.17  ? 376 ARG A CZ  1 
ATOM   1053 N  NH1 . ARG A 1 128 ? -7.659  1.003   6.957   1.00 38.07  ? 376 ARG A NH1 1 
ATOM   1054 N  NH2 . ARG A 1 128 ? -9.561  -0.288  6.893   1.00 40.73  ? 376 ARG A NH2 1 
ATOM   1055 N  N   . GLY A 1 129 ? -7.431  7.915   7.726   1.00 30.15  ? 377 GLY A N   1 
ATOM   1056 C  CA  . GLY A 1 129 ? -7.515  9.336   8.050   1.00 29.29  ? 377 GLY A CA  1 
ATOM   1057 C  C   . GLY A 1 129 ? -6.300  9.870   8.767   1.00 33.83  ? 377 GLY A C   1 
ATOM   1058 O  O   . GLY A 1 129 ? -5.169  9.520   8.440   1.00 28.38  ? 377 GLY A O   1 
ATOM   1059 N  N   . ASP A 1 130 ? -6.543  10.720  9.756   1.00 26.37  ? 378 ASP A N   1 
ATOM   1060 C  CA  . ASP A 1 130 ? -5.463  11.402  10.452  1.00 29.50  ? 378 ASP A CA  1 
ATOM   1061 C  C   . ASP A 1 130 ? -4.619  10.403  11.227  1.00 29.98  ? 378 ASP A C   1 
ATOM   1062 O  O   . ASP A 1 130 ? -3.457  10.672  11.542  1.00 28.32  ? 378 ASP A O   1 
ATOM   1063 C  CB  . ASP A 1 130 ? -6.014  12.465  11.409  1.00 38.96  ? 378 ASP A CB  1 
ATOM   1064 C  CG  . ASP A 1 130 ? -6.687  13.619  10.679  1.00 45.85  ? 378 ASP A CG  1 
ATOM   1065 O  OD1 . ASP A 1 130 ? -6.122  14.110  9.675   1.00 44.18  ? 378 ASP A OD1 1 
ATOM   1066 O  OD2 . ASP A 1 130 ? -7.780  14.033  11.116  1.00 65.49  ? 378 ASP A OD2 1 
ATOM   1067 N  N   . ASP A 1 131 ? -5.210  9.253   11.536  1.00 29.79  ? 379 ASP A N   1 
ATOM   1068 C  CA  . ASP A 1 131 ? -4.527  8.260   12.338  1.00 36.39  ? 379 ASP A CA  1 
ATOM   1069 C  C   . ASP A 1 131 ? -3.407  7.640   11.526  1.00 29.76  ? 379 ASP A C   1 
ATOM   1070 O  O   . ASP A 1 131 ? -2.388  7.195   12.051  1.00 32.62  ? 379 ASP A O   1 
ATOM   1071 C  CB  . ASP A 1 131 ? -5.498  7.181   12.796  1.00 45.82  ? 379 ASP A CB  1 
ATOM   1072 C  CG  . ASP A 1 131 ? -4.897  6.286   13.839  1.00 59.66  ? 379 ASP A CG  1 
ATOM   1073 O  OD1 . ASP A 1 131 ? -4.326  6.837   14.805  1.00 50.89  ? 379 ASP A OD1 1 
ATOM   1074 O  OD2 . ASP A 1 131 ? -4.975  5.048   13.689  1.00 44.85  ? 379 ASP A OD2 1 
ATOM   1075 N  N   . LEU A 1 132 ? -3.602  7.634   10.223  1.00 28.31  ? 380 LEU A N   1 
ATOM   1076 C  CA  . LEU A 1 132 ? -2.594  7.171   9.303   1.00 26.53  ? 380 LEU A CA  1 
ATOM   1077 C  C   . LEU A 1 132 ? -1.311  8.039   9.383   1.00 25.89  ? 380 LEU A C   1 
ATOM   1078 O  O   . LEU A 1 132 ? -0.193  7.539   9.633   1.00 22.16  ? 380 LEU A O   1 
ATOM   1079 C  CB  . LEU A 1 132 ? -3.252  7.177   7.939   1.00 32.52  ? 380 LEU A CB  1 
ATOM   1080 C  CG  . LEU A 1 132 ? -2.602  6.470   6.799   1.00 36.67  ? 380 LEU A CG  1 
ATOM   1081 C  CD1 . LEU A 1 132 ? -3.682  6.059   5.821   1.00 37.29  ? 380 LEU A CD1 1 
ATOM   1082 C  CD2 . LEU A 1 132 ? -1.605  7.450   6.211   1.00 35.74  ? 380 LEU A CD2 1 
ATOM   1083 N  N   . TYR A 1 133 ? -1.467  9.348   9.209   1.00 21.99  ? 381 TYR A N   1 
ATOM   1084 C  CA  . TYR A 1 133 ? -0.365  10.283  9.375   1.00 23.47  ? 381 TYR A CA  1 
ATOM   1085 C  C   . TYR A 1 133 ? 0.277   10.155  10.764  1.00 20.59  ? 381 TYR A C   1 
ATOM   1086 O  O   . TYR A 1 133 ? 1.503   10.045  10.899  1.00 21.78  ? 381 TYR A O   1 
ATOM   1087 C  CB  . TYR A 1 133 ? -0.888  11.712  9.186   1.00 23.87  ? 381 TYR A CB  1 
ATOM   1088 C  CG  . TYR A 1 133 ? 0.193   12.749  9.224   1.00 21.49  ? 381 TYR A CG  1 
ATOM   1089 C  CD1 . TYR A 1 133 ? 0.667   13.234  10.446  1.00 29.44  ? 381 TYR A CD1 1 
ATOM   1090 C  CD2 . TYR A 1 133 ? 0.750   13.245  8.060   1.00 26.13  ? 381 TYR A CD2 1 
ATOM   1091 C  CE1 . TYR A 1 133 ? 1.663   14.175  10.497  1.00 27.09  ? 381 TYR A CE1 1 
ATOM   1092 C  CE2 . TYR A 1 133 ? 1.749   14.198  8.099   1.00 27.17  ? 381 TYR A CE2 1 
ATOM   1093 C  CZ  . TYR A 1 133 ? 2.195   14.658  9.314   1.00 33.07  ? 381 TYR A CZ  1 
ATOM   1094 O  OH  . TYR A 1 133 ? 3.177   15.602  9.353   1.00 33.30  ? 381 TYR A OH  1 
ATOM   1095 N  N   . ASN A 1 134 ? -0.542  10.200  11.803  1.00 21.29  ? 382 ASN A N   1 
ATOM   1096 C  CA  . ASN A 1 134 ? -0.006  10.181  13.170  1.00 22.82  ? 382 ASN A CA  1 
ATOM   1097 C  C   . ASN A 1 134 ? 0.746   8.892   13.474  1.00 23.96  ? 382 ASN A C   1 
ATOM   1098 O  O   . ASN A 1 134 ? 1.776   8.926   14.143  1.00 23.19  ? 382 ASN A O   1 
ATOM   1099 C  CB  . ASN A 1 134 ? -1.107  10.429  14.199  1.00 27.13  ? 382 ASN A CB  1 
ATOM   1100 C  CG  . ASN A 1 134 ? -1.800  11.761  13.982  1.00 32.32  ? 382 ASN A CG  1 
ATOM   1101 O  OD1 . ASN A 1 134 ? -1.246  12.674  13.357  1.00 30.91  ? 382 ASN A OD1 1 
ATOM   1102 N  ND2 . ASN A 1 134 ? -3.021  11.868  14.466  1.00 37.18  ? 382 ASN A ND2 1 
ATOM   1103 N  N   . THR A 1 135 ? 0.270   7.768   12.937  1.00 21.54  ? 383 THR A N   1 
ATOM   1104 C  CA  . THR A 1 135 ? 0.936   6.491   13.159  1.00 21.40  ? 383 THR A CA  1 
ATOM   1105 C  C   . THR A 1 135 ? 2.275   6.439   12.447  1.00 22.01  ? 383 THR A C   1 
ATOM   1106 O  O   . THR A 1 135 ? 3.291   6.016   13.022  1.00 21.42  ? 383 THR A O   1 
ATOM   1107 C  CB  . THR A 1 135 ? 0.046   5.299   12.732  1.00 23.16  ? 383 THR A CB  1 
ATOM   1108 O  OG1 . THR A 1 135 ? -1.136  5.296   13.533  1.00 25.84  ? 383 THR A OG1 1 
ATOM   1109 C  CG2 . THR A 1 135 ? 0.790   3.974   12.924  1.00 23.40  ? 383 THR A CG2 1 
ATOM   1110 N  N   . VAL A 1 136 ? 2.323   6.916   11.205  1.00 19.90  ? 384 VAL A N   1 
ATOM   1111 C  CA  . VAL A 1 136 ? 3.581   6.927   10.499  1.00 20.30  ? 384 VAL A CA  1 
ATOM   1112 C  C   . VAL A 1 136 ? 4.563   7.854   11.202  1.00 26.48  ? 384 VAL A C   1 
ATOM   1113 O  O   . VAL A 1 136 ? 5.734   7.531   11.344  1.00 21.83  ? 384 VAL A O   1 
ATOM   1114 C  CB  . VAL A 1 136 ? 3.411   7.331   9.015   1.00 20.56  ? 384 VAL A CB  1 
ATOM   1115 C  CG1 . VAL A 1 136 ? 4.756   7.568   8.359   1.00 21.42  ? 384 VAL A CG1 1 
ATOM   1116 C  CG2 . VAL A 1 136 ? 2.622   6.250   8.278   1.00 21.90  ? 384 VAL A CG2 1 
ATOM   1117 N  N   . GLU A 1 137 ? 4.090   9.012   11.643  1.00 23.93  ? 385 GLU A N   1 
ATOM   1118 C  CA  . GLU A 1 137 ? 4.959   9.968   12.334  1.00 22.79  ? 385 GLU A CA  1 
ATOM   1119 C  C   . GLU A 1 137 ? 5.625   9.316   13.550  1.00 21.09  ? 385 GLU A C   1 
ATOM   1120 O  O   . GLU A 1 137 ? 6.842   9.447   13.766  1.00 23.43  ? 385 GLU A O   1 
ATOM   1121 C  CB  . GLU A 1 137 ? 4.129   11.163  12.784  1.00 25.83  ? 385 GLU A CB  1 
ATOM   1122 C  CG  . GLU A 1 137 ? 4.933   12.269  13.437  1.00 30.81  ? 385 GLU A CG  1 
ATOM   1123 C  CD  . GLU A 1 137 ? 4.053   13.449  13.802  1.00 34.86  ? 385 GLU A CD  1 
ATOM   1124 O  OE1 . GLU A 1 137 ? 2.850   13.237  14.051  1.00 40.38  ? 385 GLU A OE1 1 
ATOM   1125 O  OE2 . GLU A 1 137 ? 4.560   14.579  13.833  1.00 50.86  ? 385 GLU A OE2 1 
ATOM   1126 N  N   . LYS A 1 138 ? 4.810   8.614   14.323  1.00 21.80  ? 386 LYS A N   1 
ATOM   1127 C  CA  . LYS A 1 138 ? 5.260   7.900   15.514  1.00 24.14  ? 386 LYS A CA  1 
ATOM   1128 C  C   . LYS A 1 138 ? 6.403   6.926   15.250  1.00 29.10  ? 386 LYS A C   1 
ATOM   1129 O  O   . LYS A 1 138 ? 7.367   6.863   16.011  1.00 26.09  ? 386 LYS A O   1 
ATOM   1130 C  CB  . LYS A 1 138 ? 4.068   7.173   16.139  1.00 27.48  ? 386 LYS A CB  1 
ATOM   1131 C  CG  . LYS A 1 138 ? 4.393   6.158   17.220  1.00 51.09  ? 386 LYS A CG  1 
ATOM   1132 C  CD  . LYS A 1 138 ? 3.128   5.397   17.616  1.00 62.86  ? 386 LYS A CD  1 
ATOM   1133 C  CE  . LYS A 1 138 ? 3.339   4.490   18.823  1.00 80.75  ? 386 LYS A CE  1 
ATOM   1134 N  NZ  . LYS A 1 138 ? 4.297   3.379   18.562  1.00 69.39  ? 386 LYS A NZ  1 
ATOM   1135 N  N   . PHE A 1 139 ? 6.319   6.179   14.158  1.00 20.15  ? 387 PHE A N   1 
ATOM   1136 C  CA  . PHE A 1 139 ? 7.321   5.168   13.863  1.00 22.55  ? 387 PHE A CA  1 
ATOM   1137 C  C   . PHE A 1 139 ? 8.524   5.766   13.142  1.00 23.94  ? 387 PHE A C   1 
ATOM   1138 O  O   . PHE A 1 139 ? 9.657   5.397   13.397  1.00 22.75  ? 387 PHE A O   1 
ATOM   1139 C  CB  . PHE A 1 139 ? 6.709   4.032   13.027  1.00 20.37  ? 387 PHE A CB  1 
ATOM   1140 C  CG  . PHE A 1 139 ? 5.936   3.043   13.834  1.00 21.52  ? 387 PHE A CG  1 
ATOM   1141 C  CD1 . PHE A 1 139 ? 6.588   1.985   14.451  1.00 22.07  ? 387 PHE A CD1 1 
ATOM   1142 C  CD2 . PHE A 1 139 ? 4.571   3.147   13.960  1.00 18.84  ? 387 PHE A CD2 1 
ATOM   1143 C  CE1 . PHE A 1 139 ? 5.883   1.066   15.204  1.00 22.57  ? 387 PHE A CE1 1 
ATOM   1144 C  CE2 . PHE A 1 139 ? 3.856   2.228   14.712  1.00 26.19  ? 387 PHE A CE2 1 
ATOM   1145 C  CZ  . PHE A 1 139 ? 4.515   1.178   15.324  1.00 26.02  ? 387 PHE A CZ  1 
ATOM   1146 N  N   . VAL A 1 140 ? 8.283   6.687   12.221  1.00 20.43  ? 388 VAL A N   1 
ATOM   1147 C  CA  . VAL A 1 140 ? 9.373   7.239   11.432  1.00 22.32  ? 388 VAL A CA  1 
ATOM   1148 C  C   . VAL A 1 140 ? 10.156  8.283   12.234  1.00 25.84  ? 388 VAL A C   1 
ATOM   1149 O  O   . VAL A 1 140 ? 11.377  8.283   12.198  1.00 26.72  ? 388 VAL A O   1 
ATOM   1150 C  CB  . VAL A 1 140 ? 8.862   7.806   10.085  1.00 19.40  ? 388 VAL A CB  1 
ATOM   1151 C  CG1 . VAL A 1 140 ? 9.955   8.546   9.327   1.00 29.42  ? 388 VAL A CG1 1 
ATOM   1152 C  CG2 . VAL A 1 140 ? 8.310   6.661   9.247   1.00 28.00  ? 388 VAL A CG2 1 
ATOM   1153 N  N   . ASN A 1 141 ? 9.460   9.160   12.962  1.00 26.23  ? 389 ASN A N   1 
ATOM   1154 C  CA  . ASN A 1 141 ? 10.127  10.156  13.809  1.00 33.45  ? 389 ASN A CA  1 
ATOM   1155 C  C   . ASN A 1 141 ? 10.250  9.631   15.226  1.00 45.37  ? 389 ASN A C   1 
ATOM   1156 O  O   . ASN A 1 141 ? 9.253   9.504   15.920  1.00 56.37  ? 389 ASN A O   1 
ATOM   1157 C  CB  . ASN A 1 141 ? 9.354   11.479  13.848  1.00 46.81  ? 389 ASN A CB  1 
ATOM   1158 C  CG  . ASN A 1 141 ? 9.677   12.386  12.673  1.00 51.72  ? 389 ASN A CG  1 
ATOM   1159 O  OD1 . ASN A 1 141 ? 10.674  12.197  11.981  1.00 63.68  ? 389 ASN A OD1 1 
ATOM   1160 N  ND2 . ASN A 1 141 ? 8.833   13.390  12.454  1.00 63.37  ? 389 ASN A ND2 1 
HETATM 1161 CL CL  . CL  B 2 .   ? 4.580   3.084   -10.058 1.00 39.49  ? 501 CL  A CL  1 
HETATM 1162 CL CL  . CL  C 2 .   ? -7.111  -2.044  7.395   1.00 37.81  ? 502 CL  A CL  1 
HETATM 1163 CL CL  . CL  D 2 .   ? -9.193  -7.488  6.575   1.00 33.36  ? 503 CL  A CL  1 
HETATM 1164 S  S   . SO4 E 3 .   ? 10.109  6.254   -3.393  1.00 47.62  ? 504 SO4 A S   1 
HETATM 1165 O  O1  . SO4 E 3 .   ? 11.431  6.748   -2.945  1.00 70.93  ? 504 SO4 A O1  1 
HETATM 1166 O  O2  . SO4 E 3 .   ? 9.080   6.674   -2.402  1.00 36.26  ? 504 SO4 A O2  1 
HETATM 1167 O  O3  . SO4 E 3 .   ? 9.780   6.825   -4.721  1.00 61.39  ? 504 SO4 A O3  1 
HETATM 1168 O  O4  . SO4 E 3 .   ? 10.171  4.774   -3.516  1.00 39.57  ? 504 SO4 A O4  1 
HETATM 1169 CL CL  . CL  F 2 .   ? 8.140   -9.233  -1.427  1.00 30.93  ? 505 CL  A CL  1 
HETATM 1170 CL CL  . CL  G 2 .   ? 4.865   -14.201 11.004  1.00 45.48  ? 506 CL  A CL  1 
HETATM 1171 N  N1  . GSH H 4 .   ? 0.456   -17.607 10.506  0.50 38.59  ? 507 GSH A N1  1 
HETATM 1172 C  CA1 . GSH H 4 .   ? -1.020  -17.415 10.489  0.50 31.42  ? 507 GSH A CA1 1 
HETATM 1173 C  C1  . GSH H 4 .   ? -1.756  -18.703 10.735  0.50 34.53  ? 507 GSH A C1  1 
HETATM 1174 O  O11 . GSH H 4 .   ? -2.665  -18.721 11.595  0.50 27.98  ? 507 GSH A O11 1 
HETATM 1175 O  O12 . GSH H 4 .   ? -1.436  -19.715 10.068  0.50 30.68  ? 507 GSH A O12 1 
HETATM 1176 C  CB1 . GSH H 4 .   ? -1.417  -16.808 9.145   0.50 32.72  ? 507 GSH A CB1 1 
HETATM 1177 C  CG1 . GSH H 4 .   ? -2.919  -16.914 8.891   0.50 34.66  ? 507 GSH A CG1 1 
HETATM 1178 C  CD1 . GSH H 4 .   ? -3.661  -15.756 9.527   0.50 36.66  ? 507 GSH A CD1 1 
HETATM 1179 O  OE1 . GSH H 4 .   ? -3.083  -14.841 10.097  0.50 29.54  ? 507 GSH A OE1 1 
HETATM 1180 N  N2  . GSH H 4 .   ? -4.988  -15.782 9.417   0.50 32.06  ? 507 GSH A N2  1 
HETATM 1181 C  CA2 . GSH H 4 .   ? -5.791  -14.696 9.928   0.50 25.46  ? 507 GSH A CA2 1 
HETATM 1182 C  C2  . GSH H 4 .   ? -5.598  -14.500 11.403  0.50 36.95  ? 507 GSH A C2  1 
HETATM 1183 O  O2  . GSH H 4 .   ? -5.681  -15.439 12.181  0.50 37.03  ? 507 GSH A O2  1 
HETATM 1184 C  CB2 . GSH H 4 .   ? -7.271  -14.937 9.633   0.50 23.83  ? 507 GSH A CB2 1 
HETATM 1185 S  SG2 . GSH H 4 .   ? -7.576  -15.345 7.901   0.50 29.51  ? 507 GSH A SG2 1 
HETATM 1186 N  N3  . GSH H 4 .   ? -5.348  -13.245 11.760  0.50 36.14  ? 507 GSH A N3  1 
HETATM 1187 C  CA3 . GSH H 4 .   ? -5.176  -12.807 13.131  0.50 37.94  ? 507 GSH A CA3 1 
HETATM 1188 C  C3  . GSH H 4 .   ? -5.255  -11.292 13.211  0.50 44.99  ? 507 GSH A C3  1 
HETATM 1189 O  O31 . GSH H 4 .   ? -5.088  -10.750 14.320  0.50 46.16  ? 507 GSH A O31 1 
HETATM 1190 O  O32 . GSH H 4 .   ? -5.477  -10.628 12.167  0.50 39.84  ? 507 GSH A O32 1 
HETATM 1191 O  O   . HOH I 5 .   ? -1.691  0.026   -7.194  1.00 16.77  ? 601 HOH A O   1 
HETATM 1192 O  O   . HOH I 5 .   ? -2.312  -1.513  14.798  1.00 28.37  ? 602 HOH A O   1 
HETATM 1193 O  O   . HOH I 5 .   ? 9.707   -4.639  2.920   1.00 23.54  ? 603 HOH A O   1 
HETATM 1194 O  O   . HOH I 5 .   ? 10.562  -2.677  4.572   1.00 17.58  ? 604 HOH A O   1 
HETATM 1195 O  O   . HOH I 5 .   ? 1.516   -10.058 -9.429  1.00 25.64  ? 605 HOH A O   1 
HETATM 1196 O  O   . HOH I 5 .   ? 8.215   -8.984  4.969   1.00 23.71  ? 606 HOH A O   1 
HETATM 1197 O  O   . HOH I 5 .   ? -6.138  4.075   -1.865  1.00 27.74  ? 607 HOH A O   1 
HETATM 1198 O  O   . HOH I 5 .   ? -3.468  -16.406 -6.722  1.00 34.74  ? 608 HOH A O   1 
HETATM 1199 O  O   . HOH I 5 .   ? 9.293   -7.199  3.146   1.00 22.89  ? 609 HOH A O   1 
HETATM 1200 O  O   . HOH I 5 .   ? -5.597  5.813   -6.174  1.00 25.72  ? 610 HOH A O   1 
HETATM 1201 O  O   . HOH I 5 .   ? -2.358  3.194   -3.479  1.00 23.05  ? 611 HOH A O   1 
HETATM 1202 O  O   . HOH I 5 .   ? -10.981 -3.247  -12.619 1.00 28.09  ? 612 HOH A O   1 
HETATM 1203 O  O   . HOH I 5 .   ? -12.238 -1.694  -9.507  1.00 28.31  ? 613 HOH A O   1 
HETATM 1204 O  O   . HOH I 5 .   ? 2.007   -13.569 -0.495  1.00 29.82  ? 614 HOH A O   1 
HETATM 1205 O  O   . HOH I 5 .   ? 10.720  -5.946  -14.300 1.00 31.50  ? 615 HOH A O   1 
HETATM 1206 O  O   . HOH I 5 .   ? 11.699  3.691   -2.170  1.00 38.87  ? 616 HOH A O   1 
HETATM 1207 O  O   . HOH I 5 .   ? -0.994  2.479   -20.729 1.00 41.27  ? 617 HOH A O   1 
HETATM 1208 O  O   . HOH I 5 .   ? 13.135  7.689   2.344   1.00 34.82  ? 618 HOH A O   1 
HETATM 1209 O  O   . HOH I 5 .   ? -5.806  -15.156 -8.370  1.00 33.66  ? 619 HOH A O   1 
HETATM 1210 O  O   . HOH I 5 .   ? 15.275  4.090   5.899   1.00 40.16  ? 620 HOH A O   1 
HETATM 1211 O  O   . HOH I 5 .   ? 3.781   -2.602  16.680  1.00 33.85  ? 621 HOH A O   1 
HETATM 1212 O  O   . HOH I 5 .   ? -9.437  11.469  10.559  1.00 37.88  ? 622 HOH A O   1 
HETATM 1213 O  O   . HOH I 5 .   ? 13.372  -2.304  -16.349 1.00 34.47  ? 623 HOH A O   1 
HETATM 1214 O  O   . HOH I 5 .   ? -0.375  -6.590  -13.538 1.00 31.04  ? 624 HOH A O   1 
HETATM 1215 O  O   . HOH I 5 .   ? 10.836  7.262   -0.239  1.00 29.60  ? 625 HOH A O   1 
HETATM 1216 O  O   . HOH I 5 .   ? -11.252 12.084  1.344   1.00 30.21  ? 626 HOH A O   1 
HETATM 1217 O  O   . HOH I 5 .   ? 9.270   -0.280  14.340  1.00 34.86  ? 627 HOH A O   1 
HETATM 1218 O  O   . HOH I 5 .   ? 5.639   -14.911 1.514   1.00 34.76  ? 628 HOH A O   1 
HETATM 1219 O  O   . HOH I 5 .   ? -5.521  -7.589  -10.424 1.00 33.32  ? 629 HOH A O   1 
HETATM 1220 O  O   . HOH I 5 .   ? -8.423  13.940  -6.823  1.00 33.84  ? 630 HOH A O   1 
HETATM 1221 O  O   . HOH I 5 .   ? -10.790 8.293   6.417   1.00 38.32  ? 631 HOH A O   1 
HETATM 1222 O  O   . HOH I 5 .   ? -1.936  -13.847 -14.318 1.00 39.79  ? 632 HOH A O   1 
HETATM 1223 O  O   . HOH I 5 .   ? -5.437  6.015   -3.385  1.00 35.83  ? 633 HOH A O   1 
HETATM 1224 O  O   . HOH I 5 .   ? -6.754  4.396   11.944  1.00 30.96  ? 634 HOH A O   1 
HETATM 1225 O  O   . HOH I 5 .   ? 12.048  -8.445  12.342  1.00 33.40  ? 635 HOH A O   1 
HETATM 1226 O  O   A HOH I 5 .   ? 8.797   -11.549 2.638   0.50 25.15  ? 636 HOH A O   1 
HETATM 1227 O  O   B HOH I 5 .   ? 7.620   -12.391 3.344   0.50 23.95  ? 636 HOH A O   1 
HETATM 1228 O  O   . HOH I 5 .   ? 10.672  -10.502 4.542   1.00 31.15  ? 637 HOH A O   1 
HETATM 1229 O  O   . HOH I 5 .   ? 9.118   -9.418  1.309   1.00 31.50  ? 638 HOH A O   1 
HETATM 1230 O  O   . HOH I 5 .   ? 4.914   -5.320  16.212  1.00 40.13  ? 639 HOH A O   1 
HETATM 1231 O  O   . HOH I 5 .   ? 11.280  -5.938  13.014  1.00 36.35  ? 640 HOH A O   1 
HETATM 1232 O  O   . HOH I 5 .   ? 8.940   -10.876 -3.537  1.00 40.23  ? 641 HOH A O   1 
HETATM 1233 O  O   . HOH I 5 .   ? -5.164  -3.417  8.183   1.00 47.85  ? 642 HOH A O   1 
HETATM 1234 O  O   . HOH I 5 .   ? 9.844   -2.588  14.573  1.00 40.86  ? 643 HOH A O   1 
HETATM 1235 O  O   . HOH I 5 .   ? 16.296  -4.770  6.393   1.00 37.96  ? 644 HOH A O   1 
HETATM 1236 O  O   . HOH I 5 .   ? 0.108   -15.608 5.778   1.00 34.47  ? 645 HOH A O   1 
HETATM 1237 O  O   . HOH I 5 .   ? 12.279  9.272   -1.530  1.00 43.79  ? 646 HOH A O   1 
HETATM 1238 O  O   . HOH I 5 .   ? -12.340 6.014   -11.687 1.00 45.90  ? 647 HOH A O   1 
HETATM 1239 O  O   . HOH I 5 .   ? 2.198   11.021  15.951  1.00 39.63  ? 648 HOH A O   1 
HETATM 1240 O  O   . HOH I 5 .   ? 4.283   13.809  -3.948  1.00 38.90  ? 649 HOH A O   1 
HETATM 1241 O  O   . HOH I 5 .   ? -9.499  -9.112  -8.788  1.00 44.29  ? 650 HOH A O   1 
HETATM 1242 O  O   . HOH I 5 .   ? 7.302   1.577   -8.250  1.00 43.54  ? 651 HOH A O   1 
HETATM 1243 O  O   . HOH I 5 .   ? -2.773  -7.836  16.067  1.00 43.93  ? 652 HOH A O   1 
HETATM 1244 O  O   . HOH I 5 .   ? 4.121   -14.361 7.519   1.00 45.33  ? 653 HOH A O   1 
HETATM 1245 O  O   . HOH I 5 .   ? -10.848 10.786  -6.912  1.00 49.35  ? 654 HOH A O   1 
HETATM 1246 O  O   . HOH I 5 .   ? -13.822 -0.460  -11.353 1.00 42.28  ? 655 HOH A O   1 
HETATM 1247 O  O   . HOH I 5 .   ? -11.207 3.744   -12.728 1.00 31.91  ? 656 HOH A O   1 
HETATM 1248 O  O   . HOH I 5 .   ? 1.251   -14.930 10.772  1.00 39.33  ? 657 HOH A O   1 
HETATM 1249 O  O   . HOH I 5 .   ? -8.187  9.618   -15.538 1.00 46.51  ? 658 HOH A O   1 
HETATM 1250 O  O   . HOH I 5 .   ? -7.940  -13.073 -9.771  1.00 45.31  ? 659 HOH A O   1 
HETATM 1251 O  O   . HOH I 5 .   ? -14.732 3.881   -6.494  1.00 31.59  ? 660 HOH A O   1 
HETATM 1252 O  O   . HOH I 5 .   ? -3.812  1.383   14.594  1.00 53.78  ? 661 HOH A O   1 
HETATM 1253 O  O   . HOH I 5 .   ? 2.224   -13.942 -12.100 1.00 55.85  ? 662 HOH A O   1 
HETATM 1254 O  O   . HOH I 5 .   ? 4.096   -9.293  -11.236 1.00 49.27  ? 663 HOH A O   1 
HETATM 1255 O  O   . HOH I 5 .   ? -8.667  9.483   11.776  1.00 48.26  ? 664 HOH A O   1 
HETATM 1256 O  O   . HOH I 5 .   ? 0.689   -0.519  16.184  1.00 36.51  ? 665 HOH A O   1 
HETATM 1257 O  O   . HOH I 5 .   ? 6.882   3.834   -11.478 1.00 49.99  ? 666 HOH A O   1 
HETATM 1258 O  O   . HOH I 5 .   ? 13.925  17.102  9.384   1.00 47.94  ? 667 HOH A O   1 
HETATM 1259 O  O   . HOH I 5 .   ? 6.046   -14.812 5.971   1.00 42.52  ? 668 HOH A O   1 
HETATM 1260 O  O   . HOH I 5 .   ? -13.456 2.551   -11.673 1.00 52.25  ? 669 HOH A O   1 
HETATM 1261 O  O   . HOH I 5 .   ? -6.896  -9.675  -11.758 1.00 42.35  ? 670 HOH A O   1 
HETATM 1262 O  O   . HOH I 5 .   ? -2.918  -7.990  6.485   1.00 32.95  ? 671 HOH A O   1 
HETATM 1263 O  O   . HOH I 5 .   ? -2.452  -7.268  9.326   1.00 29.25  ? 672 HOH A O   1 
HETATM 1264 O  O   . HOH I 5 .   ? 3.359   6.056   -9.411  1.00 44.79  ? 673 HOH A O   1 
HETATM 1265 O  O   . HOH I 5 .   ? 5.324   11.218  -6.727  1.00 49.72  ? 674 HOH A O   1 
HETATM 1266 O  O   . HOH I 5 .   ? -4.013  13.808  8.778   1.00 44.55  ? 675 HOH A O   1 
HETATM 1267 O  O   . HOH I 5 .   ? -2.624  14.285  11.617  1.00 49.50  ? 676 HOH A O   1 
HETATM 1268 O  O   . HOH I 5 .   ? -16.790 -1.936  -6.533  1.00 52.84  ? 677 HOH A O   1 
HETATM 1269 O  O   . HOH I 5 .   ? 8.567   16.252  7.519   1.00 48.19  ? 678 HOH A O   1 
HETATM 1270 O  O   . HOH I 5 .   ? -5.702  -6.872  -14.123 1.00 46.21  ? 679 HOH A O   1 
HETATM 1271 O  O   . HOH I 5 .   ? -1.475  -17.537 -0.123  1.00 40.79  ? 680 HOH A O   1 
HETATM 1272 O  O   . HOH I 5 .   ? 2.603   -11.434 15.760  1.00 50.94  ? 681 HOH A O   1 
HETATM 1273 O  O   . HOH I 5 .   ? -14.053 -2.877  4.619   1.00 47.65  ? 682 HOH A O   1 
HETATM 1274 O  O   . HOH I 5 .   ? -6.746  15.056  -16.062 1.00 40.31  ? 683 HOH A O   1 
HETATM 1275 O  O   A HOH I 5 .   ? 10.316  13.704  4.156   0.50 22.74  ? 684 HOH A O   1 
HETATM 1276 O  O   B HOH I 5 .   ? 9.561   14.644  3.184   0.50 25.87  ? 684 HOH A O   1 
HETATM 1277 O  O   . HOH I 5 .   ? 3.048   -15.811 0.357   1.00 43.63  ? 685 HOH A O   1 
HETATM 1278 O  O   . HOH I 5 .   ? 2.292   -16.573 3.243   1.00 51.15  ? 686 HOH A O   1 
HETATM 1279 O  O   . HOH I 5 .   ? -7.562  -9.466  -14.795 1.00 46.36  ? 687 HOH A O   1 
HETATM 1280 O  O   . HOH I 5 .   ? -3.122  -7.437  -14.393 1.00 39.15  ? 688 HOH A O   1 
HETATM 1281 O  O   . HOH I 5 .   ? 2.137   17.638  0.792   1.00 49.57  ? 689 HOH A O   1 
HETATM 1282 O  O   . HOH I 5 .   ? -2.349  3.291   14.973  1.00 44.45  ? 690 HOH A O   1 
HETATM 1283 O  O   . HOH I 5 .   ? 0.483   2.176   16.347  1.00 50.12  ? 691 HOH A O   1 
HETATM 1284 O  O   . HOH I 5 .   ? -3.356  10.983  7.690   1.00 47.89  ? 692 HOH A O   1 
HETATM 1285 O  O   . HOH I 5 .   ? 15.713  -6.072  -0.195  1.00 39.44  ? 693 HOH A O   1 
HETATM 1286 O  O   . HOH I 5 .   ? -1.545  -13.887 11.903  1.00 41.64  ? 694 HOH A O   1 
HETATM 1287 O  O   . HOH I 5 .   ? -7.083  -17.813 11.765  1.00 40.84  ? 695 HOH A O   1 
# 
loop_
_pdbx_poly_seq_scheme.asym_id 
_pdbx_poly_seq_scheme.entity_id 
_pdbx_poly_seq_scheme.seq_id 
_pdbx_poly_seq_scheme.mon_id 
_pdbx_poly_seq_scheme.ndb_seq_num 
_pdbx_poly_seq_scheme.pdb_seq_num 
_pdbx_poly_seq_scheme.auth_seq_num 
_pdbx_poly_seq_scheme.pdb_mon_id 
_pdbx_poly_seq_scheme.auth_mon_id 
_pdbx_poly_seq_scheme.pdb_strand_id 
_pdbx_poly_seq_scheme.pdb_ins_code 
_pdbx_poly_seq_scheme.hetero 
A 1 1   MET 1   249 ?   ?   ?   A . n 
A 1 2   SER 2   250 250 SER SER A . n 
A 1 3   LEU 3   251 251 LEU LEU A . n 
A 1 4   ALA 4   252 252 ALA ALA A . n 
A 1 5   THR 5   253 253 THR THR A . n 
A 1 6   GLY 6   254 254 GLY GLY A . n 
A 1 7   SER 7   255 255 SER SER A . n 
A 1 8   VAL 8   256 256 VAL VAL A . n 
A 1 9   ALA 9   257 257 ALA ALA A . n 
A 1 10  PRO 10  258 258 PRO PRO A . n 
A 1 11  ALA 11  259 259 ALA ALA A . n 
A 1 12  ILE 12  260 260 ILE ILE A . n 
A 1 13  THR 13  261 261 THR THR A . n 
A 1 14  GLY 14  262 262 GLY GLY A . n 
A 1 15  ILE 15  263 263 ILE ILE A . n 
A 1 16  ASP 16  264 264 ASP ASP A . n 
A 1 17  LEU 17  265 265 LEU LEU A . n 
A 1 18  LYS 18  266 266 LYS LYS A . n 
A 1 19  GLY 19  267 267 GLY GLY A . n 
A 1 20  ASN 20  268 268 ASN ASN A . n 
A 1 21  SER 21  269 269 SER SER A . n 
A 1 22  VAL 22  270 270 VAL VAL A . n 
A 1 23  SER 23  271 271 SER SER A . n 
A 1 24  LEU 24  272 272 LEU LEU A . n 
A 1 25  ASN 25  273 273 ASN ASN A . n 
A 1 26  ASP 26  274 274 ASP ASP A . n 
A 1 27  PHE 27  275 275 PHE PHE A . n 
A 1 28  LYS 28  276 276 LYS LYS A . n 
A 1 29  GLY 29  277 277 GLY GLY A . n 
A 1 30  LYS 30  278 278 LYS LYS A . n 
A 1 31  TYR 31  279 279 TYR TYR A . n 
A 1 32  VAL 32  280 280 VAL VAL A . n 
A 1 33  LEU 33  281 281 LEU LEU A . n 
A 1 34  VAL 34  282 282 VAL VAL A . n 
A 1 35  ASP 35  283 283 ASP ASP A . n 
A 1 36  PHE 36  284 284 PHE PHE A . n 
A 1 37  TRP 37  285 285 TRP TRP A . n 
A 1 38  PHE 38  286 286 PHE PHE A . n 
A 1 39  ALA 39  287 287 ALA ALA A . n 
A 1 40  GLY 40  288 288 GLY GLY A . n 
A 1 41  CYS 41  289 289 CYS CYS A . n 
A 1 42  SER 42  290 290 SER SER A . n 
A 1 43  TRP 43  291 291 TRP TRP A . n 
A 1 44  CYS 44  292 292 CYS CYS A . n 
A 1 45  ARG 45  293 293 ARG ARG A . n 
A 1 46  LYS 46  294 294 LYS LYS A . n 
A 1 47  GLU 47  295 295 GLU GLU A . n 
A 1 48  THR 48  296 296 THR THR A . n 
A 1 49  PRO 49  297 297 PRO PRO A . n 
A 1 50  TYR 50  298 298 TYR TYR A . n 
A 1 51  LEU 51  299 299 LEU LEU A . n 
A 1 52  LEU 52  300 300 LEU LEU A . n 
A 1 53  LYS 53  301 301 LYS LYS A . n 
A 1 54  THR 54  302 302 THR THR A . n 
A 1 55  TYR 55  303 303 TYR TYR A . n 
A 1 56  ASN 56  304 304 ASN ASN A . n 
A 1 57  ALA 57  305 305 ALA ALA A . n 
A 1 58  PHE 58  306 306 PHE PHE A . n 
A 1 59  LYS 59  307 307 LYS LYS A . n 
A 1 60  ASP 60  308 308 ASP ASP A . n 
A 1 61  LYS 61  309 309 LYS LYS A . n 
A 1 62  GLY 62  310 310 GLY GLY A . n 
A 1 63  PHE 63  311 311 PHE PHE A . n 
A 1 64  THR 64  312 312 THR THR A . n 
A 1 65  ILE 65  313 313 ILE ILE A . n 
A 1 66  TYR 66  314 314 TYR TYR A . n 
A 1 67  GLY 67  315 315 GLY GLY A . n 
A 1 68  VAL 68  316 316 VAL VAL A . n 
A 1 69  SER 69  317 317 SER SER A . n 
A 1 70  THR 70  318 318 THR THR A . n 
A 1 71  ASP 71  319 319 ASP ASP A . n 
A 1 72  ARG 72  320 320 ARG ARG A . n 
A 1 73  ARG 73  321 321 ARG ARG A . n 
A 1 74  GLU 74  322 322 GLU GLU A . n 
A 1 75  GLU 75  323 323 GLU GLU A . n 
A 1 76  ASP 76  324 324 ASP ASP A . n 
A 1 77  TRP 77  325 325 TRP TRP A . n 
A 1 78  LYS 78  326 326 LYS LYS A . n 
A 1 79  LYS 79  327 327 LYS LYS A . n 
A 1 80  ALA 80  328 328 ALA ALA A . n 
A 1 81  ILE 81  329 329 ILE ILE A . n 
A 1 82  GLU 82  330 330 GLU GLU A . n 
A 1 83  GLU 83  331 331 GLU GLU A . n 
A 1 84  ASP 84  332 332 ASP ASP A . n 
A 1 85  LYS 85  333 333 LYS LYS A . n 
A 1 86  SER 86  334 334 SER SER A . n 
A 1 87  TYR 87  335 335 TYR TYR A . n 
A 1 88  TRP 88  336 336 TRP TRP A . n 
A 1 89  ASN 89  337 337 ASN ASN A . n 
A 1 90  GLN 90  338 338 GLN GLN A . n 
A 1 91  VAL 91  339 339 VAL VAL A . n 
A 1 92  LEU 92  340 340 LEU LEU A . n 
A 1 93  LEU 93  341 341 LEU LEU A . n 
A 1 94  GLN 94  342 342 GLN GLN A . n 
A 1 95  LYS 95  343 343 LYS LYS A . n 
A 1 96  ASP 96  344 344 ASP ASP A . n 
A 1 97  ASP 97  345 345 ASP ASP A . n 
A 1 98  VAL 98  346 346 VAL VAL A . n 
A 1 99  LYS 99  347 347 LYS LYS A . n 
A 1 100 ASP 100 348 348 ASP ASP A . n 
A 1 101 VAL 101 349 349 VAL VAL A . n 
A 1 102 LEU 102 350 350 LEU LEU A . n 
A 1 103 GLU 103 351 351 GLU GLU A . n 
A 1 104 SER 104 352 352 SER SER A . n 
A 1 105 TYR 105 353 353 TYR TYR A . n 
A 1 106 CYS 106 354 354 CYS CYS A . n 
A 1 107 ILE 107 355 355 ILE ILE A . n 
A 1 108 VAL 108 356 356 VAL VAL A . n 
A 1 109 GLY 109 357 357 GLY GLY A . n 
A 1 110 PHE 110 358 358 PHE PHE A . n 
A 1 111 PRO 111 359 359 PRO PRO A . n 
A 1 112 HIS 112 360 360 HIS HIS A . n 
A 1 113 ILE 113 361 361 ILE ILE A . n 
A 1 114 ILE 114 362 362 ILE ILE A . n 
A 1 115 LEU 115 363 363 LEU LEU A . n 
A 1 116 VAL 116 364 364 VAL VAL A . n 
A 1 117 ASP 117 365 365 ASP ASP A . n 
A 1 118 PRO 118 366 366 PRO PRO A . n 
A 1 119 GLU 119 367 367 GLU GLU A . n 
A 1 120 GLY 120 368 368 GLY GLY A . n 
A 1 121 LYS 121 369 369 LYS LYS A . n 
A 1 122 ILE 122 370 370 ILE ILE A . n 
A 1 123 VAL 123 371 371 VAL VAL A . n 
A 1 124 ALA 124 372 372 ALA ALA A . n 
A 1 125 LYS 125 373 373 LYS LYS A . n 
A 1 126 GLU 126 374 374 GLU GLU A . n 
A 1 127 LEU 127 375 375 LEU LEU A . n 
A 1 128 ARG 128 376 376 ARG ARG A . n 
A 1 129 GLY 129 377 377 GLY GLY A . n 
A 1 130 ASP 130 378 378 ASP ASP A . n 
A 1 131 ASP 131 379 379 ASP ASP A . n 
A 1 132 LEU 132 380 380 LEU LEU A . n 
A 1 133 TYR 133 381 381 TYR TYR A . n 
A 1 134 ASN 134 382 382 ASN ASN A . n 
A 1 135 THR 135 383 383 THR THR A . n 
A 1 136 VAL 136 384 384 VAL VAL A . n 
A 1 137 GLU 137 385 385 GLU GLU A . n 
A 1 138 LYS 138 386 386 LYS LYS A . n 
A 1 139 PHE 139 387 387 PHE PHE A . n 
A 1 140 VAL 140 388 388 VAL VAL A . n 
A 1 141 ASN 141 389 389 ASN ASN A . n 
A 1 142 GLY 142 390 ?   ?   ?   A . n 
A 1 143 ALA 143 391 ?   ?   ?   A . n 
A 1 144 LYS 144 392 ?   ?   ?   A . n 
A 1 145 GLU 145 393 ?   ?   ?   A . n 
A 1 146 GLY 146 394 ?   ?   ?   A . n 
A 1 147 HIS 147 395 ?   ?   ?   A . n 
A 1 148 HIS 148 396 ?   ?   ?   A . n 
A 1 149 HIS 149 397 ?   ?   ?   A . n 
A 1 150 HIS 150 398 ?   ?   ?   A . n 
A 1 151 HIS 151 399 ?   ?   ?   A . n 
A 1 152 HIS 152 400 ?   ?   ?   A . n 
# 
_pdbx_SG_project.id                    1 
_pdbx_SG_project.project_name          'Enzyme Function Initiative' 
_pdbx_SG_project.full_name_of_center   ? 
_pdbx_SG_project.initial_of_center     ? 
# 
loop_
_pdbx_nonpoly_scheme.asym_id 
_pdbx_nonpoly_scheme.entity_id 
_pdbx_nonpoly_scheme.mon_id 
_pdbx_nonpoly_scheme.ndb_seq_num 
_pdbx_nonpoly_scheme.pdb_seq_num 
_pdbx_nonpoly_scheme.auth_seq_num 
_pdbx_nonpoly_scheme.pdb_mon_id 
_pdbx_nonpoly_scheme.auth_mon_id 
_pdbx_nonpoly_scheme.pdb_strand_id 
_pdbx_nonpoly_scheme.pdb_ins_code 
B 2 CL  1  501 1   CL  CL  A . 
C 2 CL  1  502 1   CL  CL  A . 
D 2 CL  1  503 1   CL  CL  A . 
E 3 SO4 1  504 1   SO4 SO4 A . 
F 2 CL  1  505 1   CL  CL  A . 
G 2 CL  1  506 1   CL  CL  A . 
H 4 GSH 1  507 1   GSH UNL A . 
I 5 HOH 1  601 5   HOH HOH A . 
I 5 HOH 2  602 6   HOH HOH A . 
I 5 HOH 3  603 7   HOH HOH A . 
I 5 HOH 4  604 9   HOH HOH A . 
I 5 HOH 5  605 13  HOH HOH A . 
I 5 HOH 6  606 14  HOH HOH A . 
I 5 HOH 7  607 15  HOH HOH A . 
I 5 HOH 8  608 16  HOH HOH A . 
I 5 HOH 9  609 18  HOH HOH A . 
I 5 HOH 10 610 19  HOH HOH A . 
I 5 HOH 11 611 20  HOH HOH A . 
I 5 HOH 12 612 22  HOH HOH A . 
I 5 HOH 13 613 23  HOH HOH A . 
I 5 HOH 14 614 24  HOH HOH A . 
I 5 HOH 15 615 26  HOH HOH A . 
I 5 HOH 16 616 27  HOH HOH A . 
I 5 HOH 17 617 28  HOH HOH A . 
I 5 HOH 18 618 29  HOH HOH A . 
I 5 HOH 19 619 30  HOH HOH A . 
I 5 HOH 20 620 32  HOH HOH A . 
I 5 HOH 21 621 33  HOH HOH A . 
I 5 HOH 22 622 35  HOH HOH A . 
I 5 HOH 23 623 37  HOH HOH A . 
I 5 HOH 24 624 38  HOH HOH A . 
I 5 HOH 25 625 40  HOH HOH A . 
I 5 HOH 26 626 41  HOH HOH A . 
I 5 HOH 27 627 42  HOH HOH A . 
I 5 HOH 28 628 47  HOH HOH A . 
I 5 HOH 29 629 49  HOH HOH A . 
I 5 HOH 30 630 50  HOH HOH A . 
I 5 HOH 31 631 51  HOH HOH A . 
I 5 HOH 32 632 52  HOH HOH A . 
I 5 HOH 33 633 53  HOH HOH A . 
I 5 HOH 34 634 54  HOH HOH A . 
I 5 HOH 35 635 57  HOH HOH A . 
I 5 HOH 36 636 58  HOH HOH A . 
I 5 HOH 37 637 59  HOH HOH A . 
I 5 HOH 38 638 60  HOH HOH A . 
I 5 HOH 39 639 62  HOH HOH A . 
I 5 HOH 40 640 63  HOH HOH A . 
I 5 HOH 41 641 65  HOH HOH A . 
I 5 HOH 42 642 66  HOH HOH A . 
I 5 HOH 43 643 68  HOH HOH A . 
I 5 HOH 44 644 69  HOH HOH A . 
I 5 HOH 45 645 72  HOH HOH A . 
I 5 HOH 46 646 74  HOH HOH A . 
I 5 HOH 47 647 76  HOH HOH A . 
I 5 HOH 48 648 78  HOH HOH A . 
I 5 HOH 49 649 79  HOH HOH A . 
I 5 HOH 50 650 80  HOH HOH A . 
I 5 HOH 51 651 81  HOH HOH A . 
I 5 HOH 52 652 82  HOH HOH A . 
I 5 HOH 53 653 87  HOH HOH A . 
I 5 HOH 54 654 90  HOH HOH A . 
I 5 HOH 55 655 91  HOH HOH A . 
I 5 HOH 56 656 92  HOH HOH A . 
I 5 HOH 57 657 99  HOH HOH A . 
I 5 HOH 58 658 100 HOH HOH A . 
I 5 HOH 59 659 101 HOH HOH A . 
I 5 HOH 60 660 102 HOH HOH A . 
I 5 HOH 61 661 103 HOH HOH A . 
I 5 HOH 62 662 105 HOH HOH A . 
I 5 HOH 63 663 106 HOH HOH A . 
I 5 HOH 64 664 108 HOH HOH A . 
I 5 HOH 65 665 110 HOH HOH A . 
I 5 HOH 66 666 114 HOH HOH A . 
I 5 HOH 67 667 119 HOH HOH A . 
I 5 HOH 68 668 124 HOH HOH A . 
I 5 HOH 69 669 127 HOH HOH A . 
I 5 HOH 70 670 128 HOH HOH A . 
I 5 HOH 71 671 129 HOH HOH A . 
I 5 HOH 72 672 130 HOH HOH A . 
I 5 HOH 73 673 133 HOH HOH A . 
I 5 HOH 74 674 134 HOH HOH A . 
I 5 HOH 75 675 136 HOH HOH A . 
I 5 HOH 76 676 137 HOH HOH A . 
I 5 HOH 77 677 138 HOH HOH A . 
I 5 HOH 78 678 139 HOH HOH A . 
I 5 HOH 79 679 142 HOH HOH A . 
I 5 HOH 80 680 144 HOH HOH A . 
I 5 HOH 81 681 147 HOH HOH A . 
I 5 HOH 82 682 152 HOH HOH A . 
I 5 HOH 83 683 155 HOH HOH A . 
I 5 HOH 84 684 156 HOH HOH A . 
I 5 HOH 85 685 158 HOH HOH A . 
I 5 HOH 86 686 165 HOH HOH A . 
I 5 HOH 87 687 166 HOH HOH A . 
I 5 HOH 88 688 169 HOH HOH A . 
I 5 HOH 89 689 170 HOH HOH A . 
I 5 HOH 90 690 171 HOH HOH A . 
I 5 HOH 91 691 172 HOH HOH A . 
I 5 HOH 92 692 173 HOH HOH A . 
I 5 HOH 93 693 174 HOH HOH A . 
I 5 HOH 94 694 175 HOH HOH A . 
I 5 HOH 95 695 176 HOH HOH A . 
# 
_pdbx_struct_assembly.id                   1 
_pdbx_struct_assembly.details              author_and_software_defined_assembly 
_pdbx_struct_assembly.method_details       PISA 
_pdbx_struct_assembly.oligomeric_details   monomeric 
_pdbx_struct_assembly.oligomeric_count     1 
# 
_pdbx_struct_assembly_gen.assembly_id       1 
_pdbx_struct_assembly_gen.oper_expression   1 
_pdbx_struct_assembly_gen.asym_id_list      A,B,C,D,E,F,G,H,I 
# 
_pdbx_struct_oper_list.id                   1 
_pdbx_struct_oper_list.type                 'identity operation' 
_pdbx_struct_oper_list.name                 1_555 
_pdbx_struct_oper_list.symmetry_operation   x,y,z 
_pdbx_struct_oper_list.matrix[1][1]         1.0000000000 
_pdbx_struct_oper_list.matrix[1][2]         0.0000000000 
_pdbx_struct_oper_list.matrix[1][3]         0.0000000000 
_pdbx_struct_oper_list.vector[1]            0.0000000000 
_pdbx_struct_oper_list.matrix[2][1]         0.0000000000 
_pdbx_struct_oper_list.matrix[2][2]         1.0000000000 
_pdbx_struct_oper_list.matrix[2][3]         0.0000000000 
_pdbx_struct_oper_list.vector[2]            0.0000000000 
_pdbx_struct_oper_list.matrix[3][1]         0.0000000000 
_pdbx_struct_oper_list.matrix[3][2]         0.0000000000 
_pdbx_struct_oper_list.matrix[3][3]         1.0000000000 
_pdbx_struct_oper_list.vector[3]            0.0000000000 
# 
loop_
_pdbx_audit_revision_history.ordinal 
_pdbx_audit_revision_history.data_content_type 
_pdbx_audit_revision_history.major_revision 
_pdbx_audit_revision_history.minor_revision 
_pdbx_audit_revision_history.revision_date 
1 'Structure model' 1 0 2012-10-10 
2 'Structure model' 1 1 2023-09-13 
# 
_pdbx_audit_revision_details.ordinal             1 
_pdbx_audit_revision_details.revision_ordinal    1 
_pdbx_audit_revision_details.data_content_type   'Structure model' 
_pdbx_audit_revision_details.provider            repository 
_pdbx_audit_revision_details.type                'Initial release' 
_pdbx_audit_revision_details.description         ? 
_pdbx_audit_revision_details.details             ? 
# 
loop_
_pdbx_audit_revision_group.ordinal 
_pdbx_audit_revision_group.revision_ordinal 
_pdbx_audit_revision_group.data_content_type 
_pdbx_audit_revision_group.group 
1 2 'Structure model' 'Data collection'        
2 2 'Structure model' 'Database references'    
3 2 'Structure model' 'Derived calculations'   
4 2 'Structure model' 'Refinement description' 
# 
loop_
_pdbx_audit_revision_category.ordinal 
_pdbx_audit_revision_category.revision_ordinal 
_pdbx_audit_revision_category.data_content_type 
_pdbx_audit_revision_category.category 
1 2 'Structure model' chem_comp_atom                
2 2 'Structure model' chem_comp_bond                
3 2 'Structure model' database_2                    
4 2 'Structure model' pdbx_initial_refinement_model 
5 2 'Structure model' struct_ref_seq_dif            
6 2 'Structure model' struct_site                   
# 
loop_
_pdbx_audit_revision_item.ordinal 
_pdbx_audit_revision_item.revision_ordinal 
_pdbx_audit_revision_item.data_content_type 
_pdbx_audit_revision_item.item 
1 2 'Structure model' '_database_2.pdbx_DOI'                
2 2 'Structure model' '_database_2.pdbx_database_accession' 
3 2 'Structure model' '_struct_ref_seq_dif.details'         
4 2 'Structure model' '_struct_site.pdbx_auth_asym_id'      
5 2 'Structure model' '_struct_site.pdbx_auth_comp_id'      
6 2 'Structure model' '_struct_site.pdbx_auth_seq_id'       
# 
loop_
_software.name 
_software.classification 
_software.version 
_software.citation_id 
_software.pdbx_ordinal 
PHASER   phasing          .        ? 1 
REFMAC   refinement       5.7.0029 ? 2 
HKL-3000 'data reduction' .        ? 3 
HKL-3000 'data scaling'   .        ? 4 
# 
loop_
_pdbx_validate_torsion.id 
_pdbx_validate_torsion.PDB_model_num 
_pdbx_validate_torsion.auth_comp_id 
_pdbx_validate_torsion.auth_asym_id 
_pdbx_validate_torsion.auth_seq_id 
_pdbx_validate_torsion.PDB_ins_code 
_pdbx_validate_torsion.label_alt_id 
_pdbx_validate_torsion.phi 
_pdbx_validate_torsion.psi 
1 1 TYR A 335 ? ? -91.34 51.02   
2 1 TRP A 336 ? ? -95.33 -158.59 
# 
loop_
_pdbx_unobs_or_zero_occ_atoms.id 
_pdbx_unobs_or_zero_occ_atoms.PDB_model_num 
_pdbx_unobs_or_zero_occ_atoms.polymer_flag 
_pdbx_unobs_or_zero_occ_atoms.occupancy_flag 
_pdbx_unobs_or_zero_occ_atoms.auth_asym_id 
_pdbx_unobs_or_zero_occ_atoms.auth_comp_id 
_pdbx_unobs_or_zero_occ_atoms.auth_seq_id 
_pdbx_unobs_or_zero_occ_atoms.PDB_ins_code 
_pdbx_unobs_or_zero_occ_atoms.auth_atom_id 
_pdbx_unobs_or_zero_occ_atoms.label_alt_id 
_pdbx_unobs_or_zero_occ_atoms.label_asym_id 
_pdbx_unobs_or_zero_occ_atoms.label_comp_id 
_pdbx_unobs_or_zero_occ_atoms.label_seq_id 
_pdbx_unobs_or_zero_occ_atoms.label_atom_id 
1 1 Y 1 A LYS 301 ? CE ? A LYS 53 CE 
2 1 Y 1 A LYS 301 ? NZ ? A LYS 53 NZ 
# 
loop_
_pdbx_unobs_or_zero_occ_residues.id 
_pdbx_unobs_or_zero_occ_residues.PDB_model_num 
_pdbx_unobs_or_zero_occ_residues.polymer_flag 
_pdbx_unobs_or_zero_occ_residues.occupancy_flag 
_pdbx_unobs_or_zero_occ_residues.auth_asym_id 
_pdbx_unobs_or_zero_occ_residues.auth_comp_id 
_pdbx_unobs_or_zero_occ_residues.auth_seq_id 
_pdbx_unobs_or_zero_occ_residues.PDB_ins_code 
_pdbx_unobs_or_zero_occ_residues.label_asym_id 
_pdbx_unobs_or_zero_occ_residues.label_comp_id 
_pdbx_unobs_or_zero_occ_residues.label_seq_id 
1  1 Y 1 A MET 249 ? A MET 1   
2  1 Y 1 A GLY 390 ? A GLY 142 
3  1 Y 1 A ALA 391 ? A ALA 143 
4  1 Y 1 A LYS 392 ? A LYS 144 
5  1 Y 1 A GLU 393 ? A GLU 145 
6  1 Y 1 A GLY 394 ? A GLY 146 
7  1 Y 1 A HIS 395 ? A HIS 147 
8  1 Y 1 A HIS 396 ? A HIS 148 
9  1 Y 1 A HIS 397 ? A HIS 149 
10 1 Y 1 A HIS 398 ? A HIS 150 
11 1 Y 1 A HIS 399 ? A HIS 151 
12 1 Y 1 A HIS 400 ? A HIS 152 
# 
loop_
_chem_comp_atom.comp_id 
_chem_comp_atom.atom_id 
_chem_comp_atom.type_symbol 
_chem_comp_atom.pdbx_aromatic_flag 
_chem_comp_atom.pdbx_stereo_config 
_chem_comp_atom.pdbx_ordinal 
ALA N    N  N N 1   
ALA CA   C  N S 2   
ALA C    C  N N 3   
ALA O    O  N N 4   
ALA CB   C  N N 5   
ALA OXT  O  N N 6   
ALA H    H  N N 7   
ALA H2   H  N N 8   
ALA HA   H  N N 9   
ALA HB1  H  N N 10  
ALA HB2  H  N N 11  
ALA HB3  H  N N 12  
ALA HXT  H  N N 13  
ARG N    N  N N 14  
ARG CA   C  N S 15  
ARG C    C  N N 16  
ARG O    O  N N 17  
ARG CB   C  N N 18  
ARG CG   C  N N 19  
ARG CD   C  N N 20  
ARG NE   N  N N 21  
ARG CZ   C  N N 22  
ARG NH1  N  N N 23  
ARG NH2  N  N N 24  
ARG OXT  O  N N 25  
ARG H    H  N N 26  
ARG H2   H  N N 27  
ARG HA   H  N N 28  
ARG HB2  H  N N 29  
ARG HB3  H  N N 30  
ARG HG2  H  N N 31  
ARG HG3  H  N N 32  
ARG HD2  H  N N 33  
ARG HD3  H  N N 34  
ARG HE   H  N N 35  
ARG HH11 H  N N 36  
ARG HH12 H  N N 37  
ARG HH21 H  N N 38  
ARG HH22 H  N N 39  
ARG HXT  H  N N 40  
ASN N    N  N N 41  
ASN CA   C  N S 42  
ASN C    C  N N 43  
ASN O    O  N N 44  
ASN CB   C  N N 45  
ASN CG   C  N N 46  
ASN OD1  O  N N 47  
ASN ND2  N  N N 48  
ASN OXT  O  N N 49  
ASN H    H  N N 50  
ASN H2   H  N N 51  
ASN HA   H  N N 52  
ASN HB2  H  N N 53  
ASN HB3  H  N N 54  
ASN HD21 H  N N 55  
ASN HD22 H  N N 56  
ASN HXT  H  N N 57  
ASP N    N  N N 58  
ASP CA   C  N S 59  
ASP C    C  N N 60  
ASP O    O  N N 61  
ASP CB   C  N N 62  
ASP CG   C  N N 63  
ASP OD1  O  N N 64  
ASP OD2  O  N N 65  
ASP OXT  O  N N 66  
ASP H    H  N N 67  
ASP H2   H  N N 68  
ASP HA   H  N N 69  
ASP HB2  H  N N 70  
ASP HB3  H  N N 71  
ASP HD2  H  N N 72  
ASP HXT  H  N N 73  
CL  CL   CL N N 74  
CYS N    N  N N 75  
CYS CA   C  N R 76  
CYS C    C  N N 77  
CYS O    O  N N 78  
CYS CB   C  N N 79  
CYS SG   S  N N 80  
CYS OXT  O  N N 81  
CYS H    H  N N 82  
CYS H2   H  N N 83  
CYS HA   H  N N 84  
CYS HB2  H  N N 85  
CYS HB3  H  N N 86  
CYS HG   H  N N 87  
CYS HXT  H  N N 88  
GLN N    N  N N 89  
GLN CA   C  N S 90  
GLN C    C  N N 91  
GLN O    O  N N 92  
GLN CB   C  N N 93  
GLN CG   C  N N 94  
GLN CD   C  N N 95  
GLN OE1  O  N N 96  
GLN NE2  N  N N 97  
GLN OXT  O  N N 98  
GLN H    H  N N 99  
GLN H2   H  N N 100 
GLN HA   H  N N 101 
GLN HB2  H  N N 102 
GLN HB3  H  N N 103 
GLN HG2  H  N N 104 
GLN HG3  H  N N 105 
GLN HE21 H  N N 106 
GLN HE22 H  N N 107 
GLN HXT  H  N N 108 
GLU N    N  N N 109 
GLU CA   C  N S 110 
GLU C    C  N N 111 
GLU O    O  N N 112 
GLU CB   C  N N 113 
GLU CG   C  N N 114 
GLU CD   C  N N 115 
GLU OE1  O  N N 116 
GLU OE2  O  N N 117 
GLU OXT  O  N N 118 
GLU H    H  N N 119 
GLU H2   H  N N 120 
GLU HA   H  N N 121 
GLU HB2  H  N N 122 
GLU HB3  H  N N 123 
GLU HG2  H  N N 124 
GLU HG3  H  N N 125 
GLU HE2  H  N N 126 
GLU HXT  H  N N 127 
GLY N    N  N N 128 
GLY CA   C  N N 129 
GLY C    C  N N 130 
GLY O    O  N N 131 
GLY OXT  O  N N 132 
GLY H    H  N N 133 
GLY H2   H  N N 134 
GLY HA2  H  N N 135 
GLY HA3  H  N N 136 
GLY HXT  H  N N 137 
GSH N1   N  N N 138 
GSH CA1  C  N S 139 
GSH C1   C  N N 140 
GSH O11  O  N N 141 
GSH O12  O  N N 142 
GSH CB1  C  N N 143 
GSH CG1  C  N N 144 
GSH CD1  C  N N 145 
GSH OE1  O  N N 146 
GSH N2   N  N N 147 
GSH CA2  C  N R 148 
GSH C2   C  N N 149 
GSH O2   O  N N 150 
GSH CB2  C  N N 151 
GSH SG2  S  N N 152 
GSH N3   N  N N 153 
GSH CA3  C  N N 154 
GSH C3   C  N N 155 
GSH O31  O  N N 156 
GSH O32  O  N N 157 
GSH HN11 H  N N 158 
GSH HN12 H  N N 159 
GSH HA1  H  N N 160 
GSH H12  H  N N 161 
GSH HB12 H  N N 162 
GSH HB13 H  N N 163 
GSH HG12 H  N N 164 
GSH HG13 H  N N 165 
GSH HN2  H  N N 166 
GSH HA2  H  N N 167 
GSH HB22 H  N N 168 
GSH HB23 H  N N 169 
GSH HSG  H  N N 170 
GSH HN3  H  N N 171 
GSH HA31 H  N N 172 
GSH HA32 H  N N 173 
GSH H32  H  N N 174 
HIS N    N  N N 175 
HIS CA   C  N S 176 
HIS C    C  N N 177 
HIS O    O  N N 178 
HIS CB   C  N N 179 
HIS CG   C  Y N 180 
HIS ND1  N  Y N 181 
HIS CD2  C  Y N 182 
HIS CE1  C  Y N 183 
HIS NE2  N  Y N 184 
HIS OXT  O  N N 185 
HIS H    H  N N 186 
HIS H2   H  N N 187 
HIS HA   H  N N 188 
HIS HB2  H  N N 189 
HIS HB3  H  N N 190 
HIS HD1  H  N N 191 
HIS HD2  H  N N 192 
HIS HE1  H  N N 193 
HIS HE2  H  N N 194 
HIS HXT  H  N N 195 
HOH O    O  N N 196 
HOH H1   H  N N 197 
HOH H2   H  N N 198 
ILE N    N  N N 199 
ILE CA   C  N S 200 
ILE C    C  N N 201 
ILE O    O  N N 202 
ILE CB   C  N S 203 
ILE CG1  C  N N 204 
ILE CG2  C  N N 205 
ILE CD1  C  N N 206 
ILE OXT  O  N N 207 
ILE H    H  N N 208 
ILE H2   H  N N 209 
ILE HA   H  N N 210 
ILE HB   H  N N 211 
ILE HG12 H  N N 212 
ILE HG13 H  N N 213 
ILE HG21 H  N N 214 
ILE HG22 H  N N 215 
ILE HG23 H  N N 216 
ILE HD11 H  N N 217 
ILE HD12 H  N N 218 
ILE HD13 H  N N 219 
ILE HXT  H  N N 220 
LEU N    N  N N 221 
LEU CA   C  N S 222 
LEU C    C  N N 223 
LEU O    O  N N 224 
LEU CB   C  N N 225 
LEU CG   C  N N 226 
LEU CD1  C  N N 227 
LEU CD2  C  N N 228 
LEU OXT  O  N N 229 
LEU H    H  N N 230 
LEU H2   H  N N 231 
LEU HA   H  N N 232 
LEU HB2  H  N N 233 
LEU HB3  H  N N 234 
LEU HG   H  N N 235 
LEU HD11 H  N N 236 
LEU HD12 H  N N 237 
LEU HD13 H  N N 238 
LEU HD21 H  N N 239 
LEU HD22 H  N N 240 
LEU HD23 H  N N 241 
LEU HXT  H  N N 242 
LYS N    N  N N 243 
LYS CA   C  N S 244 
LYS C    C  N N 245 
LYS O    O  N N 246 
LYS CB   C  N N 247 
LYS CG   C  N N 248 
LYS CD   C  N N 249 
LYS CE   C  N N 250 
LYS NZ   N  N N 251 
LYS OXT  O  N N 252 
LYS H    H  N N 253 
LYS H2   H  N N 254 
LYS HA   H  N N 255 
LYS HB2  H  N N 256 
LYS HB3  H  N N 257 
LYS HG2  H  N N 258 
LYS HG3  H  N N 259 
LYS HD2  H  N N 260 
LYS HD3  H  N N 261 
LYS HE2  H  N N 262 
LYS HE3  H  N N 263 
LYS HZ1  H  N N 264 
LYS HZ2  H  N N 265 
LYS HZ3  H  N N 266 
LYS HXT  H  N N 267 
MET N    N  N N 268 
MET CA   C  N S 269 
MET C    C  N N 270 
MET O    O  N N 271 
MET CB   C  N N 272 
MET CG   C  N N 273 
MET SD   S  N N 274 
MET CE   C  N N 275 
MET OXT  O  N N 276 
MET H    H  N N 277 
MET H2   H  N N 278 
MET HA   H  N N 279 
MET HB2  H  N N 280 
MET HB3  H  N N 281 
MET HG2  H  N N 282 
MET HG3  H  N N 283 
MET HE1  H  N N 284 
MET HE2  H  N N 285 
MET HE3  H  N N 286 
MET HXT  H  N N 287 
PHE N    N  N N 288 
PHE CA   C  N S 289 
PHE C    C  N N 290 
PHE O    O  N N 291 
PHE CB   C  N N 292 
PHE CG   C  Y N 293 
PHE CD1  C  Y N 294 
PHE CD2  C  Y N 295 
PHE CE1  C  Y N 296 
PHE CE2  C  Y N 297 
PHE CZ   C  Y N 298 
PHE OXT  O  N N 299 
PHE H    H  N N 300 
PHE H2   H  N N 301 
PHE HA   H  N N 302 
PHE HB2  H  N N 303 
PHE HB3  H  N N 304 
PHE HD1  H  N N 305 
PHE HD2  H  N N 306 
PHE HE1  H  N N 307 
PHE HE2  H  N N 308 
PHE HZ   H  N N 309 
PHE HXT  H  N N 310 
PRO N    N  N N 311 
PRO CA   C  N S 312 
PRO C    C  N N 313 
PRO O    O  N N 314 
PRO CB   C  N N 315 
PRO CG   C  N N 316 
PRO CD   C  N N 317 
PRO OXT  O  N N 318 
PRO H    H  N N 319 
PRO HA   H  N N 320 
PRO HB2  H  N N 321 
PRO HB3  H  N N 322 
PRO HG2  H  N N 323 
PRO HG3  H  N N 324 
PRO HD2  H  N N 325 
PRO HD3  H  N N 326 
PRO HXT  H  N N 327 
SER N    N  N N 328 
SER CA   C  N S 329 
SER C    C  N N 330 
SER O    O  N N 331 
SER CB   C  N N 332 
SER OG   O  N N 333 
SER OXT  O  N N 334 
SER H    H  N N 335 
SER H2   H  N N 336 
SER HA   H  N N 337 
SER HB2  H  N N 338 
SER HB3  H  N N 339 
SER HG   H  N N 340 
SER HXT  H  N N 341 
SO4 S    S  N N 342 
SO4 O1   O  N N 343 
SO4 O2   O  N N 344 
SO4 O3   O  N N 345 
SO4 O4   O  N N 346 
THR N    N  N N 347 
THR CA   C  N S 348 
THR C    C  N N 349 
THR O    O  N N 350 
THR CB   C  N R 351 
THR OG1  O  N N 352 
THR CG2  C  N N 353 
THR OXT  O  N N 354 
THR H    H  N N 355 
THR H2   H  N N 356 
THR HA   H  N N 357 
THR HB   H  N N 358 
THR HG1  H  N N 359 
THR HG21 H  N N 360 
THR HG22 H  N N 361 
THR HG23 H  N N 362 
THR HXT  H  N N 363 
TRP N    N  N N 364 
TRP CA   C  N S 365 
TRP C    C  N N 366 
TRP O    O  N N 367 
TRP CB   C  N N 368 
TRP CG   C  Y N 369 
TRP CD1  C  Y N 370 
TRP CD2  C  Y N 371 
TRP NE1  N  Y N 372 
TRP CE2  C  Y N 373 
TRP CE3  C  Y N 374 
TRP CZ2  C  Y N 375 
TRP CZ3  C  Y N 376 
TRP CH2  C  Y N 377 
TRP OXT  O  N N 378 
TRP H    H  N N 379 
TRP H2   H  N N 380 
TRP HA   H  N N 381 
TRP HB2  H  N N 382 
TRP HB3  H  N N 383 
TRP HD1  H  N N 384 
TRP HE1  H  N N 385 
TRP HE3  H  N N 386 
TRP HZ2  H  N N 387 
TRP HZ3  H  N N 388 
TRP HH2  H  N N 389 
TRP HXT  H  N N 390 
TYR N    N  N N 391 
TYR CA   C  N S 392 
TYR C    C  N N 393 
TYR O    O  N N 394 
TYR CB   C  N N 395 
TYR CG   C  Y N 396 
TYR CD1  C  Y N 397 
TYR CD2  C  Y N 398 
TYR CE1  C  Y N 399 
TYR CE2  C  Y N 400 
TYR CZ   C  Y N 401 
TYR OH   O  N N 402 
TYR OXT  O  N N 403 
TYR H    H  N N 404 
TYR H2   H  N N 405 
TYR HA   H  N N 406 
TYR HB2  H  N N 407 
TYR HB3  H  N N 408 
TYR HD1  H  N N 409 
TYR HD2  H  N N 410 
TYR HE1  H  N N 411 
TYR HE2  H  N N 412 
TYR HH   H  N N 413 
TYR HXT  H  N N 414 
VAL N    N  N N 415 
VAL CA   C  N S 416 
VAL C    C  N N 417 
VAL O    O  N N 418 
VAL CB   C  N N 419 
VAL CG1  C  N N 420 
VAL CG2  C  N N 421 
VAL OXT  O  N N 422 
VAL H    H  N N 423 
VAL H2   H  N N 424 
VAL HA   H  N N 425 
VAL HB   H  N N 426 
VAL HG11 H  N N 427 
VAL HG12 H  N N 428 
VAL HG13 H  N N 429 
VAL HG21 H  N N 430 
VAL HG22 H  N N 431 
VAL HG23 H  N N 432 
VAL HXT  H  N N 433 
# 
loop_
_chem_comp_bond.comp_id 
_chem_comp_bond.atom_id_1 
_chem_comp_bond.atom_id_2 
_chem_comp_bond.value_order 
_chem_comp_bond.pdbx_aromatic_flag 
_chem_comp_bond.pdbx_stereo_config 
_chem_comp_bond.pdbx_ordinal 
ALA N   CA   sing N N 1   
ALA N   H    sing N N 2   
ALA N   H2   sing N N 3   
ALA CA  C    sing N N 4   
ALA CA  CB   sing N N 5   
ALA CA  HA   sing N N 6   
ALA C   O    doub N N 7   
ALA C   OXT  sing N N 8   
ALA CB  HB1  sing N N 9   
ALA CB  HB2  sing N N 10  
ALA CB  HB3  sing N N 11  
ALA OXT HXT  sing N N 12  
ARG N   CA   sing N N 13  
ARG N   H    sing N N 14  
ARG N   H2   sing N N 15  
ARG CA  C    sing N N 16  
ARG CA  CB   sing N N 17  
ARG CA  HA   sing N N 18  
ARG C   O    doub N N 19  
ARG C   OXT  sing N N 20  
ARG CB  CG   sing N N 21  
ARG CB  HB2  sing N N 22  
ARG CB  HB3  sing N N 23  
ARG CG  CD   sing N N 24  
ARG CG  HG2  sing N N 25  
ARG CG  HG3  sing N N 26  
ARG CD  NE   sing N N 27  
ARG CD  HD2  sing N N 28  
ARG CD  HD3  sing N N 29  
ARG NE  CZ   sing N N 30  
ARG NE  HE   sing N N 31  
ARG CZ  NH1  sing N N 32  
ARG CZ  NH2  doub N N 33  
ARG NH1 HH11 sing N N 34  
ARG NH1 HH12 sing N N 35  
ARG NH2 HH21 sing N N 36  
ARG NH2 HH22 sing N N 37  
ARG OXT HXT  sing N N 38  
ASN N   CA   sing N N 39  
ASN N   H    sing N N 40  
ASN N   H2   sing N N 41  
ASN CA  C    sing N N 42  
ASN CA  CB   sing N N 43  
ASN CA  HA   sing N N 44  
ASN C   O    doub N N 45  
ASN C   OXT  sing N N 46  
ASN CB  CG   sing N N 47  
ASN CB  HB2  sing N N 48  
ASN CB  HB3  sing N N 49  
ASN CG  OD1  doub N N 50  
ASN CG  ND2  sing N N 51  
ASN ND2 HD21 sing N N 52  
ASN ND2 HD22 sing N N 53  
ASN OXT HXT  sing N N 54  
ASP N   CA   sing N N 55  
ASP N   H    sing N N 56  
ASP N   H2   sing N N 57  
ASP CA  C    sing N N 58  
ASP CA  CB   sing N N 59  
ASP CA  HA   sing N N 60  
ASP C   O    doub N N 61  
ASP C   OXT  sing N N 62  
ASP CB  CG   sing N N 63  
ASP CB  HB2  sing N N 64  
ASP CB  HB3  sing N N 65  
ASP CG  OD1  doub N N 66  
ASP CG  OD2  sing N N 67  
ASP OD2 HD2  sing N N 68  
ASP OXT HXT  sing N N 69  
CYS N   CA   sing N N 70  
CYS N   H    sing N N 71  
CYS N   H2   sing N N 72  
CYS CA  C    sing N N 73  
CYS CA  CB   sing N N 74  
CYS CA  HA   sing N N 75  
CYS C   O    doub N N 76  
CYS C   OXT  sing N N 77  
CYS CB  SG   sing N N 78  
CYS CB  HB2  sing N N 79  
CYS CB  HB3  sing N N 80  
CYS SG  HG   sing N N 81  
CYS OXT HXT  sing N N 82  
GLN N   CA   sing N N 83  
GLN N   H    sing N N 84  
GLN N   H2   sing N N 85  
GLN CA  C    sing N N 86  
GLN CA  CB   sing N N 87  
GLN CA  HA   sing N N 88  
GLN C   O    doub N N 89  
GLN C   OXT  sing N N 90  
GLN CB  CG   sing N N 91  
GLN CB  HB2  sing N N 92  
GLN CB  HB3  sing N N 93  
GLN CG  CD   sing N N 94  
GLN CG  HG2  sing N N 95  
GLN CG  HG3  sing N N 96  
GLN CD  OE1  doub N N 97  
GLN CD  NE2  sing N N 98  
GLN NE2 HE21 sing N N 99  
GLN NE2 HE22 sing N N 100 
GLN OXT HXT  sing N N 101 
GLU N   CA   sing N N 102 
GLU N   H    sing N N 103 
GLU N   H2   sing N N 104 
GLU CA  C    sing N N 105 
GLU CA  CB   sing N N 106 
GLU CA  HA   sing N N 107 
GLU C   O    doub N N 108 
GLU C   OXT  sing N N 109 
GLU CB  CG   sing N N 110 
GLU CB  HB2  sing N N 111 
GLU CB  HB3  sing N N 112 
GLU CG  CD   sing N N 113 
GLU CG  HG2  sing N N 114 
GLU CG  HG3  sing N N 115 
GLU CD  OE1  doub N N 116 
GLU CD  OE2  sing N N 117 
GLU OE2 HE2  sing N N 118 
GLU OXT HXT  sing N N 119 
GLY N   CA   sing N N 120 
GLY N   H    sing N N 121 
GLY N   H2   sing N N 122 
GLY CA  C    sing N N 123 
GLY CA  HA2  sing N N 124 
GLY CA  HA3  sing N N 125 
GLY C   O    doub N N 126 
GLY C   OXT  sing N N 127 
GLY OXT HXT  sing N N 128 
GSH N1  CA1  sing N N 129 
GSH N1  HN11 sing N N 130 
GSH N1  HN12 sing N N 131 
GSH CA1 C1   sing N N 132 
GSH CA1 CB1  sing N N 133 
GSH CA1 HA1  sing N N 134 
GSH C1  O11  doub N N 135 
GSH C1  O12  sing N N 136 
GSH O12 H12  sing N N 137 
GSH CB1 CG1  sing N N 138 
GSH CB1 HB12 sing N N 139 
GSH CB1 HB13 sing N N 140 
GSH CG1 CD1  sing N N 141 
GSH CG1 HG12 sing N N 142 
GSH CG1 HG13 sing N N 143 
GSH CD1 OE1  doub N N 144 
GSH CD1 N2   sing N N 145 
GSH N2  CA2  sing N N 146 
GSH N2  HN2  sing N N 147 
GSH CA2 C2   sing N N 148 
GSH CA2 CB2  sing N N 149 
GSH CA2 HA2  sing N N 150 
GSH C2  O2   doub N N 151 
GSH C2  N3   sing N N 152 
GSH CB2 SG2  sing N N 153 
GSH CB2 HB22 sing N N 154 
GSH CB2 HB23 sing N N 155 
GSH SG2 HSG  sing N N 156 
GSH N3  CA3  sing N N 157 
GSH N3  HN3  sing N N 158 
GSH CA3 C3   sing N N 159 
GSH CA3 HA31 sing N N 160 
GSH CA3 HA32 sing N N 161 
GSH C3  O31  doub N N 162 
GSH C3  O32  sing N N 163 
GSH O32 H32  sing N N 164 
HIS N   CA   sing N N 165 
HIS N   H    sing N N 166 
HIS N   H2   sing N N 167 
HIS CA  C    sing N N 168 
HIS CA  CB   sing N N 169 
HIS CA  HA   sing N N 170 
HIS C   O    doub N N 171 
HIS C   OXT  sing N N 172 
HIS CB  CG   sing N N 173 
HIS CB  HB2  sing N N 174 
HIS CB  HB3  sing N N 175 
HIS CG  ND1  sing Y N 176 
HIS CG  CD2  doub Y N 177 
HIS ND1 CE1  doub Y N 178 
HIS ND1 HD1  sing N N 179 
HIS CD2 NE2  sing Y N 180 
HIS CD2 HD2  sing N N 181 
HIS CE1 NE2  sing Y N 182 
HIS CE1 HE1  sing N N 183 
HIS NE2 HE2  sing N N 184 
HIS OXT HXT  sing N N 185 
HOH O   H1   sing N N 186 
HOH O   H2   sing N N 187 
ILE N   CA   sing N N 188 
ILE N   H    sing N N 189 
ILE N   H2   sing N N 190 
ILE CA  C    sing N N 191 
ILE CA  CB   sing N N 192 
ILE CA  HA   sing N N 193 
ILE C   O    doub N N 194 
ILE C   OXT  sing N N 195 
ILE CB  CG1  sing N N 196 
ILE CB  CG2  sing N N 197 
ILE CB  HB   sing N N 198 
ILE CG1 CD1  sing N N 199 
ILE CG1 HG12 sing N N 200 
ILE CG1 HG13 sing N N 201 
ILE CG2 HG21 sing N N 202 
ILE CG2 HG22 sing N N 203 
ILE CG2 HG23 sing N N 204 
ILE CD1 HD11 sing N N 205 
ILE CD1 HD12 sing N N 206 
ILE CD1 HD13 sing N N 207 
ILE OXT HXT  sing N N 208 
LEU N   CA   sing N N 209 
LEU N   H    sing N N 210 
LEU N   H2   sing N N 211 
LEU CA  C    sing N N 212 
LEU CA  CB   sing N N 213 
LEU CA  HA   sing N N 214 
LEU C   O    doub N N 215 
LEU C   OXT  sing N N 216 
LEU CB  CG   sing N N 217 
LEU CB  HB2  sing N N 218 
LEU CB  HB3  sing N N 219 
LEU CG  CD1  sing N N 220 
LEU CG  CD2  sing N N 221 
LEU CG  HG   sing N N 222 
LEU CD1 HD11 sing N N 223 
LEU CD1 HD12 sing N N 224 
LEU CD1 HD13 sing N N 225 
LEU CD2 HD21 sing N N 226 
LEU CD2 HD22 sing N N 227 
LEU CD2 HD23 sing N N 228 
LEU OXT HXT  sing N N 229 
LYS N   CA   sing N N 230 
LYS N   H    sing N N 231 
LYS N   H2   sing N N 232 
LYS CA  C    sing N N 233 
LYS CA  CB   sing N N 234 
LYS CA  HA   sing N N 235 
LYS C   O    doub N N 236 
LYS C   OXT  sing N N 237 
LYS CB  CG   sing N N 238 
LYS CB  HB2  sing N N 239 
LYS CB  HB3  sing N N 240 
LYS CG  CD   sing N N 241 
LYS CG  HG2  sing N N 242 
LYS CG  HG3  sing N N 243 
LYS CD  CE   sing N N 244 
LYS CD  HD2  sing N N 245 
LYS CD  HD3  sing N N 246 
LYS CE  NZ   sing N N 247 
LYS CE  HE2  sing N N 248 
LYS CE  HE3  sing N N 249 
LYS NZ  HZ1  sing N N 250 
LYS NZ  HZ2  sing N N 251 
LYS NZ  HZ3  sing N N 252 
LYS OXT HXT  sing N N 253 
MET N   CA   sing N N 254 
MET N   H    sing N N 255 
MET N   H2   sing N N 256 
MET CA  C    sing N N 257 
MET CA  CB   sing N N 258 
MET CA  HA   sing N N 259 
MET C   O    doub N N 260 
MET C   OXT  sing N N 261 
MET CB  CG   sing N N 262 
MET CB  HB2  sing N N 263 
MET CB  HB3  sing N N 264 
MET CG  SD   sing N N 265 
MET CG  HG2  sing N N 266 
MET CG  HG3  sing N N 267 
MET SD  CE   sing N N 268 
MET CE  HE1  sing N N 269 
MET CE  HE2  sing N N 270 
MET CE  HE3  sing N N 271 
MET OXT HXT  sing N N 272 
PHE N   CA   sing N N 273 
PHE N   H    sing N N 274 
PHE N   H2   sing N N 275 
PHE CA  C    sing N N 276 
PHE CA  CB   sing N N 277 
PHE CA  HA   sing N N 278 
PHE C   O    doub N N 279 
PHE C   OXT  sing N N 280 
PHE CB  CG   sing N N 281 
PHE CB  HB2  sing N N 282 
PHE CB  HB3  sing N N 283 
PHE CG  CD1  doub Y N 284 
PHE CG  CD2  sing Y N 285 
PHE CD1 CE1  sing Y N 286 
PHE CD1 HD1  sing N N 287 
PHE CD2 CE2  doub Y N 288 
PHE CD2 HD2  sing N N 289 
PHE CE1 CZ   doub Y N 290 
PHE CE1 HE1  sing N N 291 
PHE CE2 CZ   sing Y N 292 
PHE CE2 HE2  sing N N 293 
PHE CZ  HZ   sing N N 294 
PHE OXT HXT  sing N N 295 
PRO N   CA   sing N N 296 
PRO N   CD   sing N N 297 
PRO N   H    sing N N 298 
PRO CA  C    sing N N 299 
PRO CA  CB   sing N N 300 
PRO CA  HA   sing N N 301 
PRO C   O    doub N N 302 
PRO C   OXT  sing N N 303 
PRO CB  CG   sing N N 304 
PRO CB  HB2  sing N N 305 
PRO CB  HB3  sing N N 306 
PRO CG  CD   sing N N 307 
PRO CG  HG2  sing N N 308 
PRO CG  HG3  sing N N 309 
PRO CD  HD2  sing N N 310 
PRO CD  HD3  sing N N 311 
PRO OXT HXT  sing N N 312 
SER N   CA   sing N N 313 
SER N   H    sing N N 314 
SER N   H2   sing N N 315 
SER CA  C    sing N N 316 
SER CA  CB   sing N N 317 
SER CA  HA   sing N N 318 
SER C   O    doub N N 319 
SER C   OXT  sing N N 320 
SER CB  OG   sing N N 321 
SER CB  HB2  sing N N 322 
SER CB  HB3  sing N N 323 
SER OG  HG   sing N N 324 
SER OXT HXT  sing N N 325 
SO4 S   O1   doub N N 326 
SO4 S   O2   doub N N 327 
SO4 S   O3   sing N N 328 
SO4 S   O4   sing N N 329 
THR N   CA   sing N N 330 
THR N   H    sing N N 331 
THR N   H2   sing N N 332 
THR CA  C    sing N N 333 
THR CA  CB   sing N N 334 
THR CA  HA   sing N N 335 
THR C   O    doub N N 336 
THR C   OXT  sing N N 337 
THR CB  OG1  sing N N 338 
THR CB  CG2  sing N N 339 
THR CB  HB   sing N N 340 
THR OG1 HG1  sing N N 341 
THR CG2 HG21 sing N N 342 
THR CG2 HG22 sing N N 343 
THR CG2 HG23 sing N N 344 
THR OXT HXT  sing N N 345 
TRP N   CA   sing N N 346 
TRP N   H    sing N N 347 
TRP N   H2   sing N N 348 
TRP CA  C    sing N N 349 
TRP CA  CB   sing N N 350 
TRP CA  HA   sing N N 351 
TRP C   O    doub N N 352 
TRP C   OXT  sing N N 353 
TRP CB  CG   sing N N 354 
TRP CB  HB2  sing N N 355 
TRP CB  HB3  sing N N 356 
TRP CG  CD1  doub Y N 357 
TRP CG  CD2  sing Y N 358 
TRP CD1 NE1  sing Y N 359 
TRP CD1 HD1  sing N N 360 
TRP CD2 CE2  doub Y N 361 
TRP CD2 CE3  sing Y N 362 
TRP NE1 CE2  sing Y N 363 
TRP NE1 HE1  sing N N 364 
TRP CE2 CZ2  sing Y N 365 
TRP CE3 CZ3  doub Y N 366 
TRP CE3 HE3  sing N N 367 
TRP CZ2 CH2  doub Y N 368 
TRP CZ2 HZ2  sing N N 369 
TRP CZ3 CH2  sing Y N 370 
TRP CZ3 HZ3  sing N N 371 
TRP CH2 HH2  sing N N 372 
TRP OXT HXT  sing N N 373 
TYR N   CA   sing N N 374 
TYR N   H    sing N N 375 
TYR N   H2   sing N N 376 
TYR CA  C    sing N N 377 
TYR CA  CB   sing N N 378 
TYR CA  HA   sing N N 379 
TYR C   O    doub N N 380 
TYR C   OXT  sing N N 381 
TYR CB  CG   sing N N 382 
TYR CB  HB2  sing N N 383 
TYR CB  HB3  sing N N 384 
TYR CG  CD1  doub Y N 385 
TYR CG  CD2  sing Y N 386 
TYR CD1 CE1  sing Y N 387 
TYR CD1 HD1  sing N N 388 
TYR CD2 CE2  doub Y N 389 
TYR CD2 HD2  sing N N 390 
TYR CE1 CZ   doub Y N 391 
TYR CE1 HE1  sing N N 392 
TYR CE2 CZ   sing Y N 393 
TYR CE2 HE2  sing N N 394 
TYR CZ  OH   sing N N 395 
TYR OH  HH   sing N N 396 
TYR OXT HXT  sing N N 397 
VAL N   CA   sing N N 398 
VAL N   H    sing N N 399 
VAL N   H2   sing N N 400 
VAL CA  C    sing N N 401 
VAL CA  CB   sing N N 402 
VAL CA  HA   sing N N 403 
VAL C   O    doub N N 404 
VAL C   OXT  sing N N 405 
VAL CB  CG1  sing N N 406 
VAL CB  CG2  sing N N 407 
VAL CB  HB   sing N N 408 
VAL CG1 HG11 sing N N 409 
VAL CG1 HG12 sing N N 410 
VAL CG1 HG13 sing N N 411 
VAL CG2 HG21 sing N N 412 
VAL CG2 HG22 sing N N 413 
VAL CG2 HG23 sing N N 414 
VAL OXT HXT  sing N N 415 
# 
loop_
_pdbx_entity_nonpoly.entity_id 
_pdbx_entity_nonpoly.name 
_pdbx_entity_nonpoly.comp_id 
2 'CHLORIDE ION' CL  
3 'SULFATE ION'  SO4 
4 GLUTATHIONE    GSH 
5 water          HOH 
# 
_pdbx_initial_refinement_model.id               1 
_pdbx_initial_refinement_model.entity_id_list   ? 
_pdbx_initial_refinement_model.type             'experimental model' 
_pdbx_initial_refinement_model.source_name      PDB 
_pdbx_initial_refinement_model.accession_code   2LRN 
_pdbx_initial_refinement_model.details          'PDB ENTRY 2LRN' 
# 
